data_2KEB
#
_entry.id   2KEB
#
_entity_poly.entity_id   1
_entity_poly.type   'polypeptide(L)'
_entity_poly.pdbx_seq_one_letter_code
;MGSSHHHHHHGSSLEVLFQGPGSMSASAQQLAEELQIFGLDCEEALIEKLVELCVQYGQNEEGMVGELIAFCTSTHKVGL
TSEILNSFEHEFLSKRLSKAR
;
_entity_poly.pdbx_strand_id   A
#
# COMPACT_ATOMS: atom_id res chain seq x y z
N MET A 24 -16.58 -3.97 5.86
CA MET A 24 -16.53 -4.08 4.38
C MET A 24 -15.08 -4.06 3.93
N SER A 25 -14.65 -5.06 3.14
CA SER A 25 -13.24 -5.24 2.75
C SER A 25 -12.96 -4.81 1.29
N ALA A 26 -11.70 -4.44 0.99
CA ALA A 26 -11.19 -4.28 -0.38
C ALA A 26 -10.58 -5.57 -0.98
N SER A 27 -10.52 -6.66 -0.20
CA SER A 27 -10.15 -8.04 -0.60
C SER A 27 -8.63 -8.24 -0.77
N ALA A 28 -7.97 -8.74 0.29
CA ALA A 28 -6.51 -8.96 0.32
C ALA A 28 -5.99 -9.87 -0.80
N GLN A 29 -6.79 -10.86 -1.22
CA GLN A 29 -6.43 -11.80 -2.29
C GLN A 29 -6.35 -11.13 -3.67
N GLN A 30 -7.09 -10.05 -3.92
CA GLN A 30 -7.01 -9.28 -5.18
C GLN A 30 -5.82 -8.31 -5.15
N LEU A 31 -5.50 -7.74 -3.98
CA LEU A 31 -4.35 -6.86 -3.77
C LEU A 31 -3.03 -7.63 -3.93
N ALA A 32 -2.94 -8.84 -3.36
CA ALA A 32 -1.77 -9.71 -3.40
C ALA A 32 -1.33 -10.14 -4.82
N GLU A 33 -2.26 -10.18 -5.78
CA GLU A 33 -1.93 -10.48 -7.18
C GLU A 33 -1.04 -9.41 -7.84
N GLU A 34 -1.14 -8.15 -7.41
CA GLU A 34 -0.32 -7.06 -7.93
C GLU A 34 1.08 -7.03 -7.30
N LEU A 35 1.18 -7.31 -5.99
CA LEU A 35 2.46 -7.36 -5.25
C LEU A 35 3.46 -8.34 -5.87
N GLN A 36 2.96 -9.45 -6.42
CA GLN A 36 3.74 -10.50 -7.08
C GLN A 36 4.32 -10.06 -8.45
N ILE A 37 3.79 -9.01 -9.09
CA ILE A 37 4.31 -8.48 -10.37
C ILE A 37 5.57 -7.65 -10.11
N PHE A 38 5.52 -6.78 -9.10
CA PHE A 38 6.55 -5.79 -8.80
C PHE A 38 7.61 -6.27 -7.78
N GLY A 39 7.43 -7.46 -7.19
CA GLY A 39 8.36 -8.06 -6.22
C GLY A 39 8.23 -7.48 -4.80
N LEU A 40 7.05 -7.00 -4.43
CA LEU A 40 6.75 -6.37 -3.14
C LEU A 40 6.53 -7.45 -2.07
N ASP A 41 7.59 -7.87 -1.41
CA ASP A 41 7.57 -8.95 -0.41
C ASP A 41 6.91 -8.48 0.92
N CYS A 42 5.71 -9.03 1.19
CA CYS A 42 4.87 -8.76 2.36
C CYS A 42 4.32 -10.08 2.95
N GLU A 43 4.19 -10.15 4.28
CA GLU A 43 3.34 -11.14 4.95
C GLU A 43 1.86 -10.70 4.91
N GLU A 44 0.94 -11.63 5.18
CA GLU A 44 -0.51 -11.38 5.20
C GLU A 44 -0.89 -10.17 6.07
N ALA A 45 -0.22 -9.97 7.22
CA ALA A 45 -0.47 -8.82 8.09
C ALA A 45 -0.09 -7.47 7.46
N LEU A 46 0.89 -7.46 6.54
CA LEU A 46 1.28 -6.26 5.77
C LEU A 46 0.46 -6.11 4.48
N ILE A 47 -0.05 -7.19 3.89
CA ILE A 47 -1.02 -7.13 2.78
C ILE A 47 -2.34 -6.52 3.28
N GLU A 48 -2.85 -6.99 4.42
CA GLU A 48 -4.05 -6.44 5.06
C GLU A 48 -3.88 -4.97 5.47
N LYS A 49 -2.66 -4.50 5.76
CA LYS A 49 -2.42 -3.09 6.05
C LYS A 49 -2.81 -2.16 4.89
N LEU A 50 -2.59 -2.56 3.63
CA LEU A 50 -3.05 -1.79 2.47
C LEU A 50 -4.56 -1.92 2.25
N VAL A 51 -5.17 -3.07 2.56
CA VAL A 51 -6.64 -3.24 2.56
C VAL A 51 -7.30 -2.26 3.55
N GLU A 52 -6.73 -2.11 4.76
CA GLU A 52 -7.20 -1.10 5.72
C GLU A 52 -7.13 0.33 5.15
N LEU A 53 -6.06 0.70 4.43
CA LEU A 53 -5.99 1.99 3.75
C LEU A 53 -7.06 2.12 2.65
N CYS A 54 -7.25 1.12 1.79
CA CYS A 54 -8.27 1.13 0.74
C CYS A 54 -9.68 1.36 1.32
N VAL A 55 -9.97 0.74 2.46
CA VAL A 55 -11.27 0.82 3.17
C VAL A 55 -11.42 2.18 3.89
N GLN A 56 -10.37 2.68 4.56
CA GLN A 56 -10.40 3.95 5.29
C GLN A 56 -10.49 5.17 4.34
N TYR A 57 -9.73 5.16 3.25
CA TYR A 57 -9.65 6.27 2.29
C TYR A 57 -10.72 6.18 1.18
N GLY A 58 -11.34 5.00 0.98
CA GLY A 58 -12.35 4.77 -0.06
C GLY A 58 -11.72 4.74 -1.45
N GLN A 59 -10.57 4.07 -1.58
CA GLN A 59 -9.63 4.18 -2.71
C GLN A 59 -9.30 2.79 -3.28
N ASN A 60 -9.20 2.69 -4.61
CA ASN A 60 -8.79 1.48 -5.30
C ASN A 60 -7.32 1.08 -5.02
N GLU A 61 -7.07 -0.22 -4.87
CA GLU A 61 -5.78 -0.80 -4.48
C GLU A 61 -4.63 -0.57 -5.47
N GLU A 62 -4.89 -0.26 -6.74
CA GLU A 62 -3.85 0.10 -7.71
C GLU A 62 -3.12 1.41 -7.32
N GLY A 63 -3.72 2.27 -6.50
CA GLY A 63 -3.07 3.43 -5.89
C GLY A 63 -2.18 3.02 -4.72
N MET A 64 -2.74 2.22 -3.79
CA MET A 64 -2.03 1.73 -2.60
C MET A 64 -0.83 0.83 -2.96
N VAL A 65 -0.94 0.01 -4.00
CA VAL A 65 0.18 -0.80 -4.51
C VAL A 65 1.12 0.04 -5.40
N GLY A 66 0.57 0.87 -6.31
CA GLY A 66 1.37 1.57 -7.34
C GLY A 66 2.24 2.69 -6.80
N GLU A 67 1.69 3.54 -5.92
CA GLU A 67 2.41 4.70 -5.36
C GLU A 67 3.43 4.30 -4.28
N LEU A 68 3.25 3.12 -3.67
CA LEU A 68 4.17 2.52 -2.70
C LEU A 68 5.51 2.08 -3.35
N ILE A 69 5.50 1.73 -4.64
CA ILE A 69 6.72 1.32 -5.38
C ILE A 69 7.77 2.43 -5.37
N ALA A 70 7.36 3.68 -5.60
CA ALA A 70 8.26 4.83 -5.58
C ALA A 70 8.97 4.99 -4.22
N PHE A 71 8.26 4.77 -3.11
CA PHE A 71 8.84 4.79 -1.77
C PHE A 71 9.85 3.65 -1.57
N CYS A 72 9.49 2.41 -1.94
CA CYS A 72 10.40 1.25 -1.88
C CYS A 72 11.64 1.40 -2.79
N THR A 73 11.51 2.03 -3.96
CA THR A 73 12.63 2.39 -4.84
C THR A 73 13.55 3.42 -4.19
N SER A 74 13.00 4.49 -3.60
CA SER A 74 13.78 5.53 -2.91
C SER A 74 14.55 5.02 -1.67
N THR A 75 13.99 4.06 -0.91
CA THR A 75 14.68 3.41 0.22
C THR A 75 15.59 2.25 -0.21
N HIS A 76 15.42 1.77 -1.44
CA HIS A 76 16.15 0.65 -2.09
C HIS A 76 15.77 -0.73 -1.52
N LYS A 77 14.76 -0.82 -0.64
CA LYS A 77 14.41 -2.04 0.09
C LYS A 77 13.66 -3.07 -0.80
N VAL A 78 14.15 -4.31 -0.84
CA VAL A 78 13.52 -5.44 -1.59
C VAL A 78 12.38 -6.14 -0.84
N GLY A 79 12.23 -5.85 0.46
CA GLY A 79 11.16 -6.34 1.34
C GLY A 79 10.63 -5.23 2.26
N LEU A 80 9.35 -5.35 2.63
CA LEU A 80 8.62 -4.33 3.39
C LEU A 80 8.44 -4.73 4.87
N THR A 81 8.12 -3.74 5.72
CA THR A 81 7.98 -3.85 7.17
C THR A 81 6.73 -3.15 7.65
N SER A 82 6.32 -3.42 8.88
CA SER A 82 5.25 -2.69 9.57
C SER A 82 5.53 -1.18 9.71
N GLU A 83 6.80 -0.77 9.70
CA GLU A 83 7.21 0.63 9.70
C GLU A 83 7.03 1.26 8.30
N ILE A 84 7.40 0.57 7.21
CA ILE A 84 7.21 1.08 5.83
C ILE A 84 5.72 1.30 5.52
N LEU A 85 4.86 0.32 5.79
CA LEU A 85 3.42 0.47 5.52
C LEU A 85 2.71 1.43 6.50
N ASN A 86 3.27 1.69 7.67
CA ASN A 86 2.84 2.78 8.56
C ASN A 86 3.25 4.15 7.99
N SER A 87 4.51 4.34 7.62
CA SER A 87 5.02 5.60 7.07
C SER A 87 4.39 5.97 5.72
N PHE A 88 3.97 5.00 4.91
CA PHE A 88 3.28 5.23 3.63
C PHE A 88 2.03 6.12 3.75
N GLU A 89 1.33 6.08 4.89
CA GLU A 89 0.19 6.97 5.17
C GLU A 89 0.60 8.44 5.19
N HIS A 90 1.76 8.75 5.74
CA HIS A 90 2.31 10.10 5.86
C HIS A 90 3.18 10.51 4.66
N GLU A 91 3.78 9.53 3.97
CA GLU A 91 4.66 9.73 2.81
C GLU A 91 3.90 10.13 1.54
N PHE A 92 2.60 9.80 1.43
CA PHE A 92 1.82 10.04 0.22
C PHE A 92 0.33 10.33 0.46
N LEU A 93 -0.35 9.54 1.30
CA LEU A 93 -1.82 9.58 1.41
C LEU A 93 -2.35 10.84 2.13
N SER A 94 -1.82 11.19 3.29
CA SER A 94 -2.29 12.38 4.04
C SER A 94 -1.95 13.71 3.35
N LYS A 95 -0.91 13.73 2.50
CA LYS A 95 -0.48 14.93 1.74
C LYS A 95 -1.52 15.42 0.72
N ARG A 96 -2.34 14.50 0.16
CA ARG A 96 -3.24 14.75 -0.96
C ARG A 96 -4.74 14.55 -0.65
N LEU A 97 -5.08 14.13 0.57
CA LEU A 97 -6.44 13.74 0.99
C LEU A 97 -7.48 14.85 0.76
N SER A 98 -8.54 14.55 0.03
CA SER A 98 -9.66 15.47 -0.25
C SER A 98 -10.69 15.57 0.87
N LYS A 99 -10.78 14.55 1.72
CA LYS A 99 -11.73 14.47 2.85
C LYS A 99 -11.40 15.43 4.00
N ALA A 100 -10.14 15.90 4.07
CA ALA A 100 -9.64 16.83 5.09
C ALA A 100 -9.81 18.32 4.72
N ARG A 101 -10.19 18.62 3.47
CA ARG A 101 -10.35 19.99 2.93
C ARG A 101 -11.58 20.71 3.49
N MET A 24 -17.96 -5.24 -3.73
CA MET A 24 -17.99 -5.87 -2.39
C MET A 24 -16.99 -5.18 -1.46
N SER A 25 -15.69 -5.50 -1.55
CA SER A 25 -14.62 -4.88 -0.76
C SER A 25 -13.23 -5.16 -1.36
N ALA A 26 -12.19 -4.46 -0.85
CA ALA A 26 -10.80 -4.63 -1.27
C ALA A 26 -10.21 -5.93 -0.67
N SER A 27 -10.38 -7.04 -1.38
CA SER A 27 -9.94 -8.37 -0.91
C SER A 27 -8.40 -8.53 -0.90
N ALA A 28 -7.86 -9.14 0.15
CA ALA A 28 -6.43 -9.36 0.34
C ALA A 28 -5.75 -10.13 -0.81
N GLN A 29 -6.42 -11.13 -1.37
CA GLN A 29 -5.90 -11.91 -2.51
C GLN A 29 -5.86 -11.10 -3.81
N GLN A 30 -6.76 -10.12 -3.98
CA GLN A 30 -6.78 -9.24 -5.15
C GLN A 30 -5.71 -8.14 -5.02
N LEU A 31 -5.37 -7.72 -3.79
CA LEU A 31 -4.23 -6.86 -3.52
C LEU A 31 -2.91 -7.60 -3.80
N ALA A 32 -2.78 -8.85 -3.33
CA ALA A 32 -1.62 -9.71 -3.57
C ALA A 32 -1.38 -10.01 -5.07
N GLU A 33 -2.44 -10.05 -5.88
CA GLU A 33 -2.37 -10.19 -7.34
C GLU A 33 -1.65 -9.01 -8.01
N GLU A 34 -1.63 -7.81 -7.39
CA GLU A 34 -0.84 -6.66 -7.86
C GLU A 34 0.62 -6.71 -7.33
N LEU A 35 0.83 -7.09 -6.06
CA LEU A 35 2.18 -7.17 -5.44
C LEU A 35 3.14 -8.01 -6.28
N GLN A 36 2.68 -9.15 -6.79
CA GLN A 36 3.48 -10.10 -7.57
C GLN A 36 3.85 -9.60 -8.99
N ILE A 37 3.27 -8.49 -9.46
CA ILE A 37 3.61 -7.87 -10.76
C ILE A 37 4.81 -6.92 -10.57
N PHE A 38 4.83 -6.15 -9.49
CA PHE A 38 5.92 -5.23 -9.15
C PHE A 38 7.11 -5.94 -8.46
N GLY A 39 6.89 -7.11 -7.86
CA GLY A 39 7.89 -7.85 -7.08
C GLY A 39 7.89 -7.50 -5.58
N LEU A 40 6.79 -6.93 -5.07
CA LEU A 40 6.59 -6.65 -3.64
C LEU A 40 6.37 -7.95 -2.84
N ASP A 41 6.67 -7.89 -1.54
CA ASP A 41 6.81 -9.07 -0.67
C ASP A 41 6.09 -8.94 0.69
N CYS A 42 4.99 -8.16 0.74
CA CYS A 42 4.13 -8.04 1.92
C CYS A 42 3.55 -9.41 2.32
N GLU A 43 3.70 -9.80 3.60
CA GLU A 43 2.96 -10.91 4.20
C GLU A 43 1.49 -10.53 4.41
N GLU A 44 0.64 -11.51 4.76
CA GLU A 44 -0.79 -11.29 5.03
C GLU A 44 -1.04 -10.19 6.08
N ALA A 45 -0.18 -10.12 7.12
CA ALA A 45 -0.29 -9.11 8.17
C ALA A 45 0.04 -7.68 7.68
N LEU A 46 0.82 -7.55 6.60
CA LEU A 46 1.11 -6.27 5.94
C LEU A 46 0.14 -5.97 4.80
N ILE A 47 -0.37 -6.98 4.09
CA ILE A 47 -1.49 -6.84 3.14
C ILE A 47 -2.72 -6.23 3.84
N GLU A 48 -3.03 -6.68 5.06
CA GLU A 48 -4.08 -6.08 5.88
C GLU A 48 -3.86 -4.57 6.11
N LYS A 49 -2.61 -4.08 6.17
CA LYS A 49 -2.35 -2.63 6.25
C LYS A 49 -2.68 -1.89 4.96
N LEU A 50 -2.38 -2.45 3.77
CA LEU A 50 -2.77 -1.84 2.49
C LEU A 50 -4.29 -1.96 2.27
N VAL A 51 -4.91 -3.07 2.68
CA VAL A 51 -6.38 -3.20 2.71
C VAL A 51 -7.03 -2.14 3.61
N GLU A 52 -6.46 -1.87 4.80
CA GLU A 52 -6.94 -0.78 5.67
C GLU A 52 -6.94 0.58 4.96
N LEU A 53 -5.90 0.90 4.18
CA LEU A 53 -5.87 2.13 3.36
C LEU A 53 -7.00 2.12 2.33
N CYS A 54 -7.21 1.03 1.59
CA CYS A 54 -8.31 0.86 0.63
C CYS A 54 -9.71 1.02 1.27
N VAL A 55 -9.86 0.62 2.53
CA VAL A 55 -11.09 0.73 3.31
C VAL A 55 -11.31 2.15 3.86
N GLN A 56 -10.26 2.83 4.34
CA GLN A 56 -10.35 4.20 4.88
C GLN A 56 -10.47 5.28 3.79
N TYR A 57 -9.81 5.10 2.64
CA TYR A 57 -9.80 6.07 1.55
C TYR A 57 -10.74 5.72 0.38
N GLY A 58 -11.32 4.51 0.36
CA GLY A 58 -12.27 4.04 -0.66
C GLY A 58 -11.64 3.74 -2.03
N GLN A 59 -10.31 3.86 -2.14
CA GLN A 59 -9.54 3.72 -3.38
C GLN A 59 -9.22 2.25 -3.66
N ASN A 60 -9.13 1.88 -4.94
CA ASN A 60 -8.76 0.53 -5.39
C ASN A 60 -7.30 0.19 -5.06
N GLU A 61 -7.02 -1.11 -4.98
CA GLU A 61 -5.75 -1.73 -4.59
C GLU A 61 -4.55 -1.24 -5.43
N GLU A 62 -4.76 -0.97 -6.73
CA GLU A 62 -3.75 -0.45 -7.65
C GLU A 62 -3.15 0.89 -7.21
N GLY A 63 -3.96 1.77 -6.57
CA GLY A 63 -3.50 3.08 -6.07
C GLY A 63 -2.65 2.96 -4.80
N MET A 64 -2.93 1.96 -3.96
CA MET A 64 -2.18 1.67 -2.73
C MET A 64 -0.90 0.89 -3.03
N VAL A 65 -0.97 -0.11 -3.92
CA VAL A 65 0.18 -0.94 -4.29
C VAL A 65 1.16 -0.21 -5.21
N GLY A 66 0.68 0.52 -6.22
CA GLY A 66 1.52 1.12 -7.26
C GLY A 66 2.33 2.33 -6.79
N GLU A 67 1.81 3.10 -5.83
CA GLU A 67 2.52 4.26 -5.25
C GLU A 67 3.54 3.87 -4.17
N LEU A 68 3.45 2.67 -3.57
CA LEU A 68 4.45 2.17 -2.61
C LEU A 68 5.83 1.95 -3.26
N ILE A 69 5.89 1.77 -4.58
CA ILE A 69 7.14 1.64 -5.35
C ILE A 69 8.01 2.90 -5.22
N ALA A 70 7.39 4.09 -5.18
CA ALA A 70 8.07 5.37 -4.98
C ALA A 70 8.70 5.50 -3.57
N PHE A 71 8.22 4.73 -2.59
CA PHE A 71 8.87 4.55 -1.28
C PHE A 71 10.04 3.58 -1.44
N CYS A 72 9.77 2.30 -1.73
CA CYS A 72 10.73 1.19 -1.62
C CYS A 72 11.95 1.31 -2.57
N THR A 73 11.75 1.80 -3.80
CA THR A 73 12.84 2.02 -4.78
C THR A 73 13.70 3.22 -4.40
N SER A 74 13.12 4.24 -3.77
CA SER A 74 13.85 5.43 -3.31
C SER A 74 14.67 5.16 -2.03
N THR A 75 14.14 4.39 -1.08
CA THR A 75 14.85 3.99 0.15
C THR A 75 15.83 2.85 -0.07
N HIS A 76 15.60 2.00 -1.08
CA HIS A 76 16.38 0.83 -1.49
C HIS A 76 16.15 -0.41 -0.59
N LYS A 77 15.21 -0.34 0.38
CA LYS A 77 14.87 -1.47 1.25
C LYS A 77 14.15 -2.59 0.48
N VAL A 78 14.75 -3.80 0.45
CA VAL A 78 14.14 -5.02 -0.12
C VAL A 78 13.20 -5.74 0.85
N GLY A 79 13.25 -5.38 2.14
CA GLY A 79 12.35 -5.83 3.20
C GLY A 79 11.17 -4.88 3.39
N LEU A 80 10.07 -5.41 3.94
CA LEU A 80 8.82 -4.71 4.25
C LEU A 80 8.42 -4.98 5.71
N THR A 81 7.92 -3.95 6.40
CA THR A 81 7.60 -3.96 7.85
C THR A 81 6.38 -3.10 8.13
N SER A 82 5.76 -3.29 9.29
CA SER A 82 4.65 -2.44 9.75
C SER A 82 5.05 -0.95 9.82
N GLU A 83 6.31 -0.65 10.15
CA GLU A 83 6.84 0.71 10.20
C GLU A 83 6.97 1.31 8.79
N ILE A 84 7.39 0.53 7.79
CA ILE A 84 7.46 0.97 6.39
C ILE A 84 6.06 1.31 5.84
N LEU A 85 5.04 0.48 6.11
CA LEU A 85 3.68 0.72 5.63
C LEU A 85 2.96 1.85 6.40
N ASN A 86 3.24 2.04 7.69
CA ASN A 86 2.76 3.23 8.42
C ASN A 86 3.53 4.50 8.04
N SER A 87 4.78 4.43 7.59
CA SER A 87 5.48 5.56 6.96
C SER A 87 4.90 5.89 5.58
N PHE A 88 4.54 4.89 4.77
CA PHE A 88 3.85 5.07 3.50
C PHE A 88 2.48 5.77 3.64
N GLU A 89 1.75 5.51 4.74
CA GLU A 89 0.53 6.26 5.08
C GLU A 89 0.80 7.77 5.15
N HIS A 90 1.90 8.18 5.78
CA HIS A 90 2.30 9.59 5.88
C HIS A 90 2.91 10.16 4.58
N GLU A 91 3.49 9.29 3.74
CA GLU A 91 4.15 9.62 2.48
C GLU A 91 3.17 10.09 1.38
N PHE A 92 1.90 9.66 1.44
CA PHE A 92 0.94 9.87 0.35
C PHE A 92 -0.54 9.92 0.79
N LEU A 93 -0.97 9.09 1.74
CA LEU A 93 -2.40 8.93 2.07
C LEU A 93 -2.90 10.00 3.05
N SER A 94 -2.18 10.26 4.14
CA SER A 94 -2.49 11.33 5.10
C SER A 94 -2.41 12.74 4.50
N LYS A 95 -1.75 12.90 3.34
CA LYS A 95 -1.69 14.16 2.58
C LYS A 95 -3.01 14.49 1.84
N ARG A 96 -4.01 13.60 1.92
CA ARG A 96 -5.38 13.61 1.35
C ARG A 96 -5.39 12.99 -0.05
N LEU A 97 -6.40 12.18 -0.34
CA LEU A 97 -6.56 11.45 -1.61
C LEU A 97 -7.96 11.66 -2.23
N SER A 98 -8.10 12.73 -3.00
CA SER A 98 -9.35 13.14 -3.66
C SER A 98 -9.83 12.21 -4.79
N LYS A 99 -9.02 11.21 -5.15
CA LYS A 99 -9.33 10.21 -6.19
C LYS A 99 -10.50 9.27 -5.82
N ALA A 100 -10.91 9.22 -4.55
CA ALA A 100 -12.01 8.38 -4.04
C ALA A 100 -12.70 8.94 -2.78
N ARG A 101 -11.95 9.49 -1.81
CA ARG A 101 -12.49 10.09 -0.57
C ARG A 101 -12.91 11.55 -0.77
N MET A 24 -15.41 -7.20 -4.97
CA MET A 24 -15.05 -6.87 -3.57
C MET A 24 -14.11 -5.67 -3.56
N SER A 25 -14.29 -4.74 -2.62
CA SER A 25 -13.61 -3.43 -2.63
C SER A 25 -12.14 -3.46 -2.19
N ALA A 26 -11.74 -4.51 -1.44
CA ALA A 26 -10.43 -4.64 -0.81
C ALA A 26 -10.14 -6.10 -0.39
N SER A 27 -10.25 -7.04 -1.33
CA SER A 27 -9.82 -8.42 -1.09
C SER A 27 -8.28 -8.51 -0.98
N ALA A 28 -7.78 -9.26 0.00
CA ALA A 28 -6.34 -9.48 0.19
C ALA A 28 -5.70 -10.21 -1.00
N GLN A 29 -6.44 -11.13 -1.63
CA GLN A 29 -5.98 -11.85 -2.82
C GLN A 29 -6.00 -10.95 -4.07
N GLN A 30 -6.96 -10.04 -4.16
CA GLN A 30 -7.07 -9.06 -5.24
C GLN A 30 -5.97 -7.98 -5.15
N LEU A 31 -5.59 -7.58 -3.93
CA LEU A 31 -4.44 -6.70 -3.69
C LEU A 31 -3.11 -7.41 -3.97
N ALA A 32 -2.97 -8.67 -3.52
CA ALA A 32 -1.79 -9.50 -3.77
C ALA A 32 -1.53 -9.77 -5.26
N GLU A 33 -2.55 -9.70 -6.12
CA GLU A 33 -2.38 -9.80 -7.57
C GLU A 33 -1.50 -8.68 -8.14
N GLU A 34 -1.53 -7.48 -7.56
CA GLU A 34 -0.64 -6.37 -7.94
C GLU A 34 0.78 -6.63 -7.40
N LEU A 35 0.91 -6.99 -6.12
CA LEU A 35 2.19 -7.31 -5.48
C LEU A 35 2.95 -8.43 -6.20
N GLN A 36 2.24 -9.43 -6.74
CA GLN A 36 2.78 -10.55 -7.51
C GLN A 36 3.41 -10.12 -8.85
N ILE A 37 2.89 -9.06 -9.48
CA ILE A 37 3.43 -8.52 -10.76
C ILE A 37 4.76 -7.78 -10.51
N PHE A 38 4.82 -6.97 -9.46
CA PHE A 38 5.97 -6.10 -9.15
C PHE A 38 7.00 -6.71 -8.18
N GLY A 39 6.75 -7.92 -7.66
CA GLY A 39 7.71 -8.68 -6.85
C GLY A 39 7.74 -8.31 -5.36
N LEU A 40 6.65 -7.76 -4.83
CA LEU A 40 6.52 -7.40 -3.40
C LEU A 40 6.09 -8.64 -2.60
N ASP A 41 7.06 -9.35 -2.04
CA ASP A 41 6.87 -10.53 -1.19
C ASP A 41 6.48 -10.15 0.26
N CYS A 42 5.45 -9.30 0.40
CA CYS A 42 4.89 -8.87 1.68
C CYS A 42 4.20 -10.03 2.43
N GLU A 43 4.28 -10.01 3.76
CA GLU A 43 3.51 -10.91 4.63
C GLU A 43 2.02 -10.50 4.70
N GLU A 44 1.16 -11.43 5.14
CA GLU A 44 -0.28 -11.21 5.27
C GLU A 44 -0.60 -10.00 6.17
N ALA A 45 0.18 -9.77 7.23
CA ALA A 45 0.00 -8.63 8.13
C ALA A 45 0.25 -7.27 7.45
N LEU A 46 1.10 -7.23 6.41
CA LEU A 46 1.31 -6.05 5.58
C LEU A 46 0.27 -5.95 4.46
N ILE A 47 -0.19 -7.05 3.87
CA ILE A 47 -1.31 -7.06 2.90
C ILE A 47 -2.58 -6.50 3.56
N GLU A 48 -2.90 -6.96 4.76
CA GLU A 48 -3.98 -6.40 5.60
C GLU A 48 -3.80 -4.89 5.86
N LYS A 49 -2.56 -4.40 5.99
CA LYS A 49 -2.30 -2.97 6.19
C LYS A 49 -2.70 -2.11 4.98
N LEU A 50 -2.45 -2.56 3.73
CA LEU A 50 -2.95 -1.86 2.53
C LEU A 50 -4.45 -2.09 2.30
N VAL A 51 -4.98 -3.28 2.61
CA VAL A 51 -6.43 -3.54 2.58
C VAL A 51 -7.19 -2.56 3.48
N GLU A 52 -6.68 -2.29 4.69
CA GLU A 52 -7.29 -1.31 5.61
C GLU A 52 -7.29 0.12 5.01
N LEU A 53 -6.24 0.53 4.29
CA LEU A 53 -6.24 1.81 3.57
C LEU A 53 -7.32 1.82 2.48
N CYS A 54 -7.41 0.77 1.67
CA CYS A 54 -8.38 0.66 0.56
C CYS A 54 -9.85 0.81 1.05
N VAL A 55 -10.16 0.33 2.26
CA VAL A 55 -11.47 0.43 2.89
C VAL A 55 -11.74 1.84 3.47
N GLN A 56 -10.75 2.45 4.12
CA GLN A 56 -10.91 3.76 4.77
C GLN A 56 -10.86 4.94 3.78
N TYR A 57 -9.93 4.92 2.83
CA TYR A 57 -9.72 6.01 1.86
C TYR A 57 -10.58 5.86 0.59
N GLY A 58 -11.06 4.64 0.27
CA GLY A 58 -11.94 4.37 -0.87
C GLY A 58 -11.23 4.37 -2.24
N GLN A 59 -9.91 4.55 -2.27
CA GLN A 59 -9.08 4.45 -3.48
C GLN A 59 -8.74 2.98 -3.77
N ASN A 60 -8.52 2.64 -5.05
CA ASN A 60 -8.19 1.28 -5.47
C ASN A 60 -6.80 0.79 -5.04
N GLU A 61 -6.59 -0.53 -5.13
CA GLU A 61 -5.35 -1.21 -4.76
C GLU A 61 -4.16 -0.73 -5.59
N GLU A 62 -4.37 -0.42 -6.87
CA GLU A 62 -3.35 0.11 -7.80
C GLU A 62 -2.74 1.42 -7.29
N GLY A 63 -3.54 2.30 -6.67
CA GLY A 63 -3.06 3.56 -6.07
C GLY A 63 -2.20 3.32 -4.84
N MET A 64 -2.63 2.41 -3.94
CA MET A 64 -1.87 2.02 -2.74
C MET A 64 -0.57 1.31 -3.12
N VAL A 65 -0.65 0.25 -3.94
CA VAL A 65 0.52 -0.56 -4.32
C VAL A 65 1.51 0.21 -5.20
N GLY A 66 1.03 1.04 -6.14
CA GLY A 66 1.89 1.78 -7.07
C GLY A 66 2.76 2.84 -6.38
N GLU A 67 2.19 3.58 -5.43
CA GLU A 67 2.93 4.55 -4.63
C GLU A 67 3.84 3.87 -3.56
N LEU A 68 3.47 2.67 -3.09
CA LEU A 68 4.32 1.90 -2.17
C LEU A 68 5.59 1.36 -2.87
N ILE A 69 5.46 0.94 -4.12
CA ILE A 69 6.60 0.56 -4.98
C ILE A 69 7.56 1.73 -5.17
N ALA A 70 7.04 2.93 -5.47
CA ALA A 70 7.85 4.14 -5.58
C ALA A 70 8.60 4.45 -4.28
N PHE A 71 7.94 4.27 -3.12
CA PHE A 71 8.52 4.51 -1.80
C PHE A 71 9.65 3.52 -1.48
N CYS A 72 9.44 2.20 -1.61
CA CYS A 72 10.48 1.19 -1.35
C CYS A 72 11.63 1.21 -2.38
N THR A 73 11.37 1.66 -3.62
CA THR A 73 12.41 1.92 -4.63
C THR A 73 13.26 3.12 -4.21
N SER A 74 12.62 4.21 -3.75
CA SER A 74 13.31 5.41 -3.29
C SER A 74 14.21 5.18 -2.05
N THR A 75 13.75 4.39 -1.07
CA THR A 75 14.54 4.05 0.13
C THR A 75 15.55 2.92 -0.13
N HIS A 76 15.25 2.03 -1.08
CA HIS A 76 16.14 0.99 -1.63
C HIS A 76 16.45 -0.17 -0.64
N LYS A 77 15.78 -0.23 0.51
CA LYS A 77 15.91 -1.34 1.47
C LYS A 77 15.26 -2.64 0.95
N VAL A 78 15.77 -3.79 1.41
CA VAL A 78 15.23 -5.12 1.08
C VAL A 78 13.93 -5.39 1.87
N GLY A 79 12.88 -5.80 1.16
CA GLY A 79 11.54 -6.03 1.72
C GLY A 79 10.85 -4.74 2.21
N LEU A 80 9.75 -4.92 2.94
CA LEU A 80 9.00 -3.86 3.63
C LEU A 80 8.67 -4.31 5.07
N THR A 81 8.38 -3.34 5.94
CA THR A 81 8.18 -3.50 7.39
C THR A 81 6.94 -2.77 7.87
N SER A 82 6.51 -3.06 9.09
CA SER A 82 5.43 -2.33 9.77
C SER A 82 5.78 -0.85 10.03
N GLU A 83 7.07 -0.49 10.05
CA GLU A 83 7.54 0.90 10.18
C GLU A 83 7.42 1.64 8.83
N ILE A 84 7.81 0.98 7.72
CA ILE A 84 7.64 1.53 6.36
C ILE A 84 6.16 1.71 6.04
N LEU A 85 5.32 0.71 6.31
CA LEU A 85 3.86 0.80 6.10
C LEU A 85 3.12 1.71 7.10
N ASN A 86 3.74 2.11 8.20
CA ASN A 86 3.26 3.22 9.04
C ASN A 86 3.64 4.58 8.41
N SER A 87 4.89 4.74 7.97
CA SER A 87 5.38 5.95 7.30
C SER A 87 4.66 6.23 5.96
N PHE A 88 4.23 5.18 5.24
CA PHE A 88 3.53 5.26 3.96
C PHE A 88 2.24 6.08 3.99
N GLU A 89 1.55 6.14 5.14
CA GLU A 89 0.39 7.01 5.34
C GLU A 89 0.76 8.49 5.20
N HIS A 90 1.92 8.91 5.70
CA HIS A 90 2.42 10.28 5.57
C HIS A 90 3.04 10.56 4.18
N GLU A 91 3.55 9.51 3.51
CA GLU A 91 4.22 9.59 2.21
C GLU A 91 3.27 9.97 1.07
N PHE A 92 1.98 9.64 1.15
CA PHE A 92 1.00 9.90 0.07
C PHE A 92 -0.45 10.10 0.55
N LEU A 93 -0.97 9.27 1.47
CA LEU A 93 -2.40 9.24 1.80
C LEU A 93 -2.84 10.47 2.62
N SER A 94 -2.04 10.89 3.59
CA SER A 94 -2.32 12.04 4.46
C SER A 94 -2.13 13.40 3.75
N LYS A 95 -1.43 13.43 2.60
CA LYS A 95 -1.20 14.66 1.82
C LYS A 95 -2.48 15.32 1.29
N ARG A 96 -3.52 14.51 1.02
CA ARG A 96 -4.90 14.85 0.59
C ARG A 96 -5.66 13.61 0.09
N LEU A 97 -6.95 13.53 0.43
CA LEU A 97 -7.93 12.61 -0.15
C LEU A 97 -9.02 13.43 -0.86
N SER A 98 -9.11 13.33 -2.20
CA SER A 98 -10.02 14.14 -3.03
C SER A 98 -11.51 13.85 -2.78
N LYS A 99 -11.82 12.71 -2.16
CA LYS A 99 -13.17 12.33 -1.70
C LYS A 99 -13.60 13.06 -0.40
N ALA A 100 -12.64 13.62 0.36
CA ALA A 100 -12.85 14.26 1.65
C ALA A 100 -12.50 15.76 1.69
N ARG A 101 -11.68 16.26 0.75
CA ARG A 101 -11.24 17.68 0.68
C ARG A 101 -10.79 18.11 -0.72
N MET A 24 -17.11 -6.37 1.32
CA MET A 24 -15.87 -5.73 1.84
C MET A 24 -15.00 -5.25 0.67
N SER A 25 -14.52 -4.00 0.73
CA SER A 25 -13.78 -3.40 -0.38
C SER A 25 -12.36 -3.98 -0.55
N ALA A 26 -11.85 -3.93 -1.79
CA ALA A 26 -10.55 -4.46 -2.25
C ALA A 26 -10.42 -5.99 -2.10
N SER A 27 -10.25 -6.48 -0.87
CA SER A 27 -9.98 -7.87 -0.47
C SER A 27 -8.50 -8.27 -0.63
N ALA A 28 -8.02 -9.16 0.25
CA ALA A 28 -6.61 -9.52 0.38
C ALA A 28 -6.04 -10.18 -0.89
N GLN A 29 -6.78 -11.12 -1.50
CA GLN A 29 -6.33 -11.85 -2.68
C GLN A 29 -6.19 -10.95 -3.93
N GLN A 30 -6.95 -9.85 -4.00
CA GLN A 30 -6.87 -8.90 -5.12
C GLN A 30 -5.67 -7.97 -4.97
N LEU A 31 -5.40 -7.46 -3.76
CA LEU A 31 -4.24 -6.61 -3.49
C LEU A 31 -2.92 -7.40 -3.59
N ALA A 32 -2.88 -8.63 -3.08
CA ALA A 32 -1.73 -9.53 -3.21
C ALA A 32 -1.39 -9.89 -4.67
N GLU A 33 -2.38 -9.91 -5.58
CA GLU A 33 -2.14 -10.11 -7.01
C GLU A 33 -1.35 -8.92 -7.61
N GLU A 34 -1.56 -7.69 -7.14
CA GLU A 34 -0.78 -6.51 -7.55
C GLU A 34 0.66 -6.59 -6.99
N LEU A 35 0.84 -6.96 -5.71
CA LEU A 35 2.16 -7.19 -5.12
C LEU A 35 2.98 -8.22 -5.91
N GLN A 36 2.34 -9.28 -6.41
CA GLN A 36 2.98 -10.35 -7.18
C GLN A 36 3.52 -9.87 -8.55
N ILE A 37 2.91 -8.87 -9.18
CA ILE A 37 3.39 -8.29 -10.46
C ILE A 37 4.68 -7.49 -10.26
N PHE A 38 4.74 -6.68 -9.20
CA PHE A 38 5.90 -5.86 -8.85
C PHE A 38 7.00 -6.64 -8.08
N GLY A 39 6.70 -7.85 -7.59
CA GLY A 39 7.64 -8.72 -6.86
C GLY A 39 7.73 -8.42 -5.36
N LEU A 40 6.73 -7.77 -4.78
CA LEU A 40 6.67 -7.41 -3.35
C LEU A 40 6.36 -8.65 -2.49
N ASP A 41 7.27 -8.98 -1.57
CA ASP A 41 7.07 -10.00 -0.54
C ASP A 41 6.17 -9.50 0.60
N CYS A 42 5.36 -10.39 1.17
CA CYS A 42 4.30 -10.04 2.13
C CYS A 42 3.76 -11.25 2.93
N GLU A 43 2.79 -10.97 3.80
CA GLU A 43 1.96 -11.92 4.54
C GLU A 43 0.58 -11.29 4.77
N GLU A 44 -0.41 -12.06 5.20
CA GLU A 44 -1.78 -11.60 5.45
C GLU A 44 -1.81 -10.33 6.32
N ALA A 45 -0.94 -10.23 7.34
CA ALA A 45 -0.89 -9.07 8.23
C ALA A 45 -0.39 -7.78 7.54
N LEU A 46 0.47 -7.91 6.52
CA LEU A 46 0.96 -6.79 5.70
C LEU A 46 -0.01 -6.49 4.53
N ILE A 47 -0.67 -7.50 3.97
CA ILE A 47 -1.74 -7.31 2.97
C ILE A 47 -2.91 -6.53 3.59
N GLU A 48 -3.36 -6.95 4.78
CA GLU A 48 -4.40 -6.24 5.54
C GLU A 48 -3.99 -4.79 5.87
N LYS A 49 -2.71 -4.50 6.11
CA LYS A 49 -2.23 -3.13 6.32
C LYS A 49 -2.47 -2.21 5.10
N LEU A 50 -2.41 -2.73 3.86
CA LEU A 50 -2.77 -1.97 2.65
C LEU A 50 -4.26 -2.05 2.33
N VAL A 51 -4.91 -3.21 2.51
CA VAL A 51 -6.38 -3.33 2.30
C VAL A 51 -7.17 -2.43 3.25
N GLU A 52 -6.69 -2.23 4.49
CA GLU A 52 -7.26 -1.27 5.42
C GLU A 52 -7.26 0.17 4.85
N LEU A 53 -6.22 0.57 4.10
CA LEU A 53 -6.20 1.87 3.41
C LEU A 53 -7.31 1.94 2.35
N CYS A 54 -7.45 0.90 1.52
CA CYS A 54 -8.49 0.81 0.50
C CYS A 54 -9.90 0.93 1.09
N VAL A 55 -10.12 0.30 2.24
CA VAL A 55 -11.40 0.31 2.97
C VAL A 55 -11.66 1.67 3.66
N GLN A 56 -10.63 2.30 4.24
CA GLN A 56 -10.76 3.57 4.98
C GLN A 56 -10.88 4.79 4.04
N TYR A 57 -10.06 4.86 3.00
CA TYR A 57 -9.99 5.98 2.05
C TYR A 57 -10.95 5.84 0.84
N GLY A 58 -11.47 4.64 0.58
CA GLY A 58 -12.34 4.35 -0.57
C GLY A 58 -11.58 4.37 -1.91
N GLN A 59 -10.31 3.95 -1.89
CA GLN A 59 -9.38 4.07 -3.00
C GLN A 59 -8.86 2.70 -3.47
N ASN A 60 -8.57 2.56 -4.77
CA ASN A 60 -8.13 1.32 -5.40
C ASN A 60 -6.77 0.80 -4.90
N GLU A 61 -6.58 -0.52 -4.94
CA GLU A 61 -5.36 -1.25 -4.59
C GLU A 61 -4.10 -0.71 -5.31
N GLU A 62 -4.22 -0.34 -6.59
CA GLU A 62 -3.13 0.22 -7.40
C GLU A 62 -2.65 1.59 -6.85
N GLY A 63 -3.56 2.37 -6.26
CA GLY A 63 -3.26 3.64 -5.58
C GLY A 63 -2.45 3.45 -4.28
N MET A 64 -2.50 2.25 -3.69
CA MET A 64 -1.59 1.84 -2.61
C MET A 64 -0.31 1.21 -3.20
N VAL A 65 -0.44 0.12 -3.94
CA VAL A 65 0.67 -0.76 -4.32
C VAL A 65 1.63 -0.09 -5.31
N GLY A 66 1.11 0.66 -6.30
CA GLY A 66 1.93 1.31 -7.33
C GLY A 66 2.72 2.51 -6.81
N GLU A 67 2.17 3.24 -5.83
CA GLU A 67 2.83 4.36 -5.17
C GLU A 67 3.85 3.88 -4.11
N LEU A 68 3.62 2.71 -3.50
CA LEU A 68 4.56 2.08 -2.56
C LEU A 68 5.88 1.68 -3.24
N ILE A 69 5.86 1.35 -4.54
CA ILE A 69 7.09 1.05 -5.31
C ILE A 69 8.04 2.24 -5.30
N ALA A 70 7.54 3.44 -5.66
CA ALA A 70 8.35 4.65 -5.72
C ALA A 70 8.97 5.00 -4.36
N PHE A 71 8.23 4.79 -3.26
CA PHE A 71 8.74 4.99 -1.92
C PHE A 71 9.85 3.99 -1.57
N CYS A 72 9.66 2.69 -1.84
CA CYS A 72 10.69 1.65 -1.64
C CYS A 72 11.97 1.92 -2.48
N THR A 73 11.81 2.34 -3.75
CA THR A 73 12.91 2.75 -4.63
C THR A 73 13.64 3.97 -4.08
N SER A 74 12.91 4.95 -3.54
CA SER A 74 13.50 6.16 -2.95
C SER A 74 14.29 5.91 -1.64
N THR A 75 13.81 5.00 -0.77
CA THR A 75 14.51 4.63 0.49
C THR A 75 15.60 3.60 0.27
N HIS A 76 15.49 2.80 -0.79
CA HIS A 76 16.40 1.75 -1.29
C HIS A 76 16.14 0.38 -0.63
N LYS A 77 15.17 0.27 0.29
CA LYS A 77 14.73 -1.00 0.89
C LYS A 77 13.81 -1.80 -0.06
N VAL A 78 13.62 -3.09 0.24
CA VAL A 78 12.78 -4.04 -0.51
C VAL A 78 12.37 -5.22 0.37
N GLY A 79 11.20 -5.80 0.09
CA GLY A 79 10.65 -6.96 0.81
C GLY A 79 9.73 -6.60 1.99
N LEU A 80 9.71 -5.32 2.38
CA LEU A 80 8.76 -4.66 3.30
C LEU A 80 8.88 -5.11 4.77
N THR A 81 8.26 -4.30 5.65
CA THR A 81 8.23 -4.39 7.11
C THR A 81 7.29 -3.30 7.64
N SER A 82 6.71 -3.49 8.83
CA SER A 82 5.64 -2.65 9.38
C SER A 82 5.98 -1.15 9.39
N GLU A 83 7.24 -0.79 9.65
CA GLU A 83 7.73 0.59 9.66
C GLU A 83 7.56 1.29 8.29
N ILE A 84 7.75 0.56 7.18
CA ILE A 84 7.63 1.11 5.82
C ILE A 84 6.16 1.38 5.50
N LEU A 85 5.24 0.48 5.84
CA LEU A 85 3.81 0.68 5.63
C LEU A 85 3.21 1.75 6.56
N ASN A 86 3.70 1.85 7.81
CA ASN A 86 3.33 2.92 8.74
C ASN A 86 3.83 4.29 8.23
N SER A 87 5.00 4.36 7.61
CA SER A 87 5.51 5.58 6.98
C SER A 87 4.72 5.96 5.71
N PHE A 88 4.37 4.97 4.87
CA PHE A 88 3.72 5.16 3.56
C PHE A 88 2.40 5.98 3.64
N GLU A 89 1.64 5.87 4.74
CA GLU A 89 0.45 6.70 5.00
C GLU A 89 0.76 8.20 4.94
N HIS A 90 1.96 8.61 5.38
CA HIS A 90 2.42 10.00 5.37
C HIS A 90 3.19 10.38 4.09
N GLU A 91 3.46 9.44 3.19
CA GLU A 91 4.15 9.68 1.92
C GLU A 91 3.18 10.06 0.79
N PHE A 92 1.94 9.55 0.82
CA PHE A 92 0.94 9.77 -0.24
C PHE A 92 -0.49 9.98 0.29
N LEU A 93 -0.96 9.19 1.27
CA LEU A 93 -2.38 9.19 1.66
C LEU A 93 -2.78 10.46 2.41
N SER A 94 -1.94 10.98 3.30
CA SER A 94 -2.21 12.24 4.02
C SER A 94 -1.99 13.52 3.17
N LYS A 95 -1.32 13.42 2.02
CA LYS A 95 -0.98 14.56 1.16
C LYS A 95 -2.23 15.22 0.51
N ARG A 96 -3.13 14.39 -0.03
CA ARG A 96 -4.37 14.71 -0.74
C ARG A 96 -4.99 13.41 -1.30
N LEU A 97 -6.30 13.29 -1.18
CA LEU A 97 -7.17 12.43 -1.99
C LEU A 97 -8.43 13.21 -2.36
N SER A 98 -8.76 13.29 -3.65
CA SER A 98 -9.95 14.02 -4.15
C SER A 98 -11.26 13.21 -4.00
N LYS A 99 -11.15 11.90 -3.71
CA LYS A 99 -12.25 10.96 -3.46
C LYS A 99 -12.61 10.90 -1.96
N ALA A 100 -13.91 10.75 -1.64
CA ALA A 100 -14.51 10.55 -0.31
C ALA A 100 -14.45 11.76 0.64
N ARG A 101 -13.32 12.48 0.68
CA ARG A 101 -13.09 13.71 1.47
C ARG A 101 -13.97 14.89 1.03
N MET A 24 -9.24 -5.23 8.45
CA MET A 24 -10.57 -5.36 7.81
C MET A 24 -10.41 -5.67 6.33
N SER A 25 -11.09 -6.70 5.85
CA SER A 25 -10.93 -7.22 4.49
C SER A 25 -11.88 -6.54 3.46
N ALA A 26 -11.48 -6.59 2.17
CA ALA A 26 -12.20 -6.02 1.03
C ALA A 26 -11.59 -6.48 -0.31
N SER A 27 -10.32 -6.16 -0.55
CA SER A 27 -9.62 -6.35 -1.83
C SER A 27 -8.42 -7.33 -1.78
N ALA A 28 -8.15 -7.95 -0.62
CA ALA A 28 -6.95 -8.75 -0.34
C ALA A 28 -6.59 -9.79 -1.43
N GLN A 29 -7.60 -10.49 -1.94
CA GLN A 29 -7.45 -11.55 -2.94
C GLN A 29 -6.98 -11.02 -4.31
N GLN A 30 -7.24 -9.75 -4.62
CA GLN A 30 -6.75 -9.07 -5.83
C GLN A 30 -5.45 -8.33 -5.56
N LEU A 31 -5.34 -7.62 -4.42
CA LEU A 31 -4.17 -6.82 -4.03
C LEU A 31 -2.88 -7.66 -4.02
N ALA A 32 -2.94 -8.87 -3.46
CA ALA A 32 -1.84 -9.82 -3.43
C ALA A 32 -1.30 -10.22 -4.82
N GLU A 33 -2.12 -10.15 -5.87
CA GLU A 33 -1.70 -10.46 -7.24
C GLU A 33 -0.86 -9.35 -7.88
N GLU A 34 -0.94 -8.11 -7.39
CA GLU A 34 -0.05 -7.03 -7.82
C GLU A 34 1.32 -7.13 -7.11
N LEU A 35 1.35 -7.48 -5.81
CA LEU A 35 2.59 -7.62 -5.04
C LEU A 35 3.60 -8.55 -5.73
N GLN A 36 3.15 -9.71 -6.20
CA GLN A 36 3.99 -10.72 -6.87
C GLN A 36 4.45 -10.31 -8.28
N ILE A 37 3.85 -9.30 -8.92
CA ILE A 37 4.32 -8.76 -10.21
C ILE A 37 5.52 -7.85 -10.00
N PHE A 38 5.46 -6.97 -8.99
CA PHE A 38 6.55 -6.04 -8.65
C PHE A 38 7.69 -6.69 -7.84
N GLY A 39 7.46 -7.87 -7.26
CA GLY A 39 8.43 -8.59 -6.42
C GLY A 39 8.35 -8.25 -4.93
N LEU A 40 7.24 -7.65 -4.47
CA LEU A 40 6.94 -7.43 -3.05
C LEU A 40 6.57 -8.75 -2.35
N ASP A 41 6.70 -8.76 -1.02
CA ASP A 41 6.35 -9.90 -0.16
C ASP A 41 5.82 -9.39 1.20
N CYS A 42 4.65 -9.88 1.60
CA CYS A 42 3.92 -9.51 2.82
C CYS A 42 3.27 -10.75 3.47
N GLU A 43 3.23 -10.78 4.80
CA GLU A 43 2.30 -11.63 5.56
C GLU A 43 0.86 -11.10 5.43
N GLU A 44 -0.12 -11.94 5.76
CA GLU A 44 -1.54 -11.61 5.69
C GLU A 44 -1.87 -10.34 6.49
N ALA A 45 -1.22 -10.12 7.64
CA ALA A 45 -1.40 -8.93 8.47
C ALA A 45 -0.87 -7.64 7.81
N LEU A 46 0.12 -7.74 6.90
CA LEU A 46 0.62 -6.61 6.11
C LEU A 46 -0.15 -6.44 4.79
N ILE A 47 -0.71 -7.50 4.19
CA ILE A 47 -1.69 -7.37 3.10
C ILE A 47 -2.92 -6.60 3.62
N GLU A 48 -3.47 -7.03 4.76
CA GLU A 48 -4.51 -6.31 5.50
C GLU A 48 -4.12 -4.85 5.78
N LYS A 49 -2.85 -4.53 6.02
CA LYS A 49 -2.42 -3.15 6.24
C LYS A 49 -2.55 -2.24 5.00
N LEU A 50 -2.50 -2.79 3.78
CA LEU A 50 -2.83 -2.04 2.56
C LEU A 50 -4.34 -2.05 2.28
N VAL A 51 -5.02 -3.17 2.51
CA VAL A 51 -6.49 -3.25 2.35
C VAL A 51 -7.22 -2.30 3.33
N GLU A 52 -6.68 -2.10 4.54
CA GLU A 52 -7.14 -1.10 5.51
C GLU A 52 -7.22 0.30 4.90
N LEU A 53 -6.27 0.69 4.04
CA LEU A 53 -6.27 2.00 3.38
C LEU A 53 -7.44 2.11 2.40
N CYS A 54 -7.70 1.06 1.62
CA CYS A 54 -8.86 0.99 0.71
C CYS A 54 -10.21 1.09 1.46
N VAL A 55 -10.29 0.49 2.65
CA VAL A 55 -11.48 0.56 3.53
C VAL A 55 -11.63 1.97 4.16
N GLN A 56 -10.52 2.58 4.63
CA GLN A 56 -10.52 3.87 5.33
C GLN A 56 -10.71 5.06 4.38
N TYR A 57 -9.96 5.12 3.28
CA TYR A 57 -9.89 6.25 2.35
C TYR A 57 -10.83 6.12 1.14
N GLY A 58 -11.30 4.91 0.81
CA GLY A 58 -12.13 4.60 -0.36
C GLY A 58 -11.35 4.57 -1.69
N GLN A 59 -10.02 4.69 -1.63
CA GLN A 59 -9.12 4.74 -2.78
C GLN A 59 -8.70 3.33 -3.23
N ASN A 60 -8.48 3.12 -4.52
CA ASN A 60 -8.16 1.80 -5.11
C ASN A 60 -6.81 1.24 -4.63
N GLU A 61 -6.64 -0.08 -4.67
CA GLU A 61 -5.41 -0.78 -4.28
C GLU A 61 -4.22 -0.46 -5.18
N GLU A 62 -4.46 -0.11 -6.46
CA GLU A 62 -3.43 0.35 -7.40
C GLU A 62 -2.77 1.66 -6.93
N GLY A 63 -3.51 2.53 -6.21
CA GLY A 63 -3.03 3.76 -5.60
C GLY A 63 -2.29 3.53 -4.27
N MET A 64 -2.44 2.33 -3.67
CA MET A 64 -1.64 1.88 -2.53
C MET A 64 -0.37 1.21 -3.02
N VAL A 65 -0.48 0.13 -3.80
CA VAL A 65 0.64 -0.73 -4.19
C VAL A 65 1.60 0.00 -5.14
N GLY A 66 1.10 0.73 -6.15
CA GLY A 66 1.93 1.40 -7.15
C GLY A 66 2.76 2.57 -6.59
N GLU A 67 2.24 3.27 -5.58
CA GLU A 67 2.96 4.34 -4.88
C GLU A 67 3.95 3.80 -3.83
N LEU A 68 3.68 2.61 -3.26
CA LEU A 68 4.61 1.93 -2.36
C LEU A 68 5.89 1.47 -3.07
N ILE A 69 5.79 1.09 -4.36
CA ILE A 69 6.97 0.82 -5.22
C ILE A 69 7.84 2.07 -5.35
N ALA A 70 7.26 3.24 -5.66
CA ALA A 70 8.01 4.49 -5.79
C ALA A 70 8.69 4.89 -4.46
N PHE A 71 8.01 4.70 -3.32
CA PHE A 71 8.54 4.96 -1.98
C PHE A 71 9.76 4.08 -1.63
N CYS A 72 9.80 2.83 -2.14
CA CYS A 72 10.95 1.94 -1.95
C CYS A 72 12.06 2.15 -3.01
N THR A 73 11.70 2.45 -4.26
CA THR A 73 12.63 2.62 -5.40
C THR A 73 13.48 3.86 -5.25
N SER A 74 12.89 4.99 -4.87
CA SER A 74 13.60 6.27 -4.74
C SER A 74 14.56 6.34 -3.53
N THR A 75 14.27 5.56 -2.48
CA THR A 75 15.06 5.44 -1.24
C THR A 75 16.08 4.31 -1.29
N HIS A 76 15.82 3.27 -2.09
CA HIS A 76 16.61 2.05 -2.32
C HIS A 76 16.35 0.97 -1.24
N LYS A 77 15.21 1.05 -0.52
CA LYS A 77 14.74 0.01 0.40
C LYS A 77 14.42 -1.33 -0.29
N VAL A 78 14.60 -2.44 0.42
CA VAL A 78 14.32 -3.81 -0.03
C VAL A 78 13.41 -4.51 0.98
N GLY A 79 12.34 -5.16 0.51
CA GLY A 79 11.34 -5.84 1.34
C GLY A 79 10.34 -4.88 2.01
N LEU A 80 9.44 -5.44 2.82
CA LEU A 80 8.41 -4.71 3.57
C LEU A 80 8.30 -5.23 5.03
N THR A 81 7.77 -4.38 5.90
CA THR A 81 7.70 -4.51 7.36
C THR A 81 6.85 -3.37 7.91
N SER A 82 6.27 -3.55 9.09
CA SER A 82 5.25 -2.66 9.68
C SER A 82 5.65 -1.18 9.74
N GLU A 83 6.95 -0.88 9.89
CA GLU A 83 7.48 0.49 9.91
C GLU A 83 7.35 1.18 8.54
N ILE A 84 7.51 0.45 7.43
CA ILE A 84 7.42 1.00 6.07
C ILE A 84 5.97 1.31 5.71
N LEU A 85 5.03 0.44 6.11
CA LEU A 85 3.59 0.68 5.90
C LEU A 85 3.04 1.78 6.82
N ASN A 86 3.56 1.91 8.04
CA ASN A 86 3.26 3.04 8.93
C ASN A 86 3.73 4.38 8.32
N SER A 87 4.95 4.43 7.77
CA SER A 87 5.45 5.61 7.05
C SER A 87 4.69 5.87 5.74
N PHE A 88 4.23 4.84 5.02
CA PHE A 88 3.52 4.99 3.75
C PHE A 88 2.19 5.76 3.87
N GLU A 89 1.48 5.65 5.01
CA GLU A 89 0.30 6.48 5.29
C GLU A 89 0.66 7.98 5.34
N HIS A 90 1.77 8.31 5.99
CA HIS A 90 2.27 9.69 6.11
C HIS A 90 2.91 10.19 4.80
N GLU A 91 3.48 9.29 3.99
CA GLU A 91 4.15 9.56 2.72
C GLU A 91 3.18 10.02 1.62
N PHE A 92 1.93 9.50 1.59
CA PHE A 92 0.98 9.77 0.50
C PHE A 92 -0.49 9.89 0.93
N LEU A 93 -1.00 9.02 1.82
CA LEU A 93 -2.45 9.02 2.14
C LEU A 93 -2.86 10.26 2.94
N SER A 94 -2.03 10.69 3.89
CA SER A 94 -2.19 11.99 4.59
C SER A 94 -1.96 13.21 3.68
N LYS A 95 -1.31 13.05 2.51
CA LYS A 95 -1.04 14.12 1.55
C LYS A 95 -2.13 14.30 0.49
N ARG A 96 -2.81 13.22 0.07
CA ARG A 96 -3.70 13.16 -1.08
C ARG A 96 -4.60 11.91 -1.04
N LEU A 97 -5.91 12.15 -1.15
CA LEU A 97 -6.91 11.21 -1.66
C LEU A 97 -7.17 11.55 -3.12
N SER A 98 -6.79 10.68 -4.05
CA SER A 98 -6.81 10.97 -5.50
C SER A 98 -8.22 11.06 -6.11
N LYS A 99 -9.24 10.60 -5.37
CA LYS A 99 -10.67 10.76 -5.71
C LYS A 99 -11.25 12.13 -5.25
N ALA A 100 -10.53 12.86 -4.39
CA ALA A 100 -10.89 14.20 -3.90
C ALA A 100 -10.05 15.33 -4.53
N ARG A 101 -8.76 15.07 -4.83
CA ARG A 101 -7.81 15.99 -5.50
C ARG A 101 -7.14 15.33 -6.70
N MET A 24 -16.91 -1.00 0.35
CA MET A 24 -15.60 -0.94 -0.34
C MET A 24 -15.06 -2.35 -0.59
N SER A 25 -14.98 -2.78 -1.85
CA SER A 25 -14.65 -4.15 -2.26
C SER A 25 -13.14 -4.45 -2.33
N ALA A 26 -12.37 -3.97 -1.34
CA ALA A 26 -10.92 -4.10 -1.24
C ALA A 26 -10.47 -5.49 -0.77
N SER A 27 -10.80 -6.53 -1.54
CA SER A 27 -10.46 -7.93 -1.23
C SER A 27 -8.94 -8.18 -1.15
N ALA A 28 -8.47 -8.80 -0.07
CA ALA A 28 -7.05 -9.04 0.20
C ALA A 28 -6.36 -9.88 -0.89
N GLN A 29 -7.07 -10.86 -1.45
CA GLN A 29 -6.56 -11.70 -2.53
C GLN A 29 -6.34 -10.91 -3.84
N GLN A 30 -7.16 -9.90 -4.14
CA GLN A 30 -7.00 -9.06 -5.32
C GLN A 30 -5.83 -8.09 -5.15
N LEU A 31 -5.56 -7.61 -3.93
CA LEU A 31 -4.35 -6.85 -3.61
C LEU A 31 -3.10 -7.74 -3.74
N ALA A 32 -3.14 -8.94 -3.16
CA ALA A 32 -2.05 -9.92 -3.19
C ALA A 32 -1.67 -10.34 -4.62
N GLU A 33 -2.66 -10.46 -5.52
CA GLU A 33 -2.43 -10.83 -6.92
C GLU A 33 -1.61 -9.78 -7.70
N GLU A 34 -1.73 -8.49 -7.33
CA GLU A 34 -0.99 -7.39 -7.97
C GLU A 34 0.47 -7.31 -7.53
N LEU A 35 0.81 -7.73 -6.29
CA LEU A 35 2.16 -7.68 -5.73
C LEU A 35 3.21 -8.29 -6.66
N GLN A 36 2.92 -9.47 -7.22
CA GLN A 36 3.83 -10.23 -8.08
C GLN A 36 4.14 -9.51 -9.42
N ILE A 37 3.27 -8.60 -9.88
CA ILE A 37 3.46 -7.83 -11.12
C ILE A 37 4.58 -6.78 -10.95
N PHE A 38 4.66 -6.17 -9.75
CA PHE A 38 5.73 -5.24 -9.36
C PHE A 38 6.96 -5.94 -8.76
N GLY A 39 6.89 -7.25 -8.50
CA GLY A 39 7.94 -8.04 -7.88
C GLY A 39 7.93 -8.01 -6.34
N LEU A 40 6.85 -7.50 -5.73
CA LEU A 40 6.60 -7.56 -4.29
C LEU A 40 6.12 -8.96 -3.85
N ASP A 41 6.22 -9.22 -2.55
CA ASP A 41 5.69 -10.41 -1.88
C ASP A 41 5.50 -10.10 -0.38
N CYS A 42 4.27 -10.27 0.11
CA CYS A 42 3.83 -9.90 1.47
C CYS A 42 2.96 -10.98 2.11
N GLU A 43 3.02 -11.08 3.45
CA GLU A 43 2.08 -11.88 4.23
C GLU A 43 0.74 -11.16 4.44
N GLU A 44 -0.29 -11.93 4.82
CA GLU A 44 -1.64 -11.42 5.08
C GLU A 44 -1.65 -10.27 6.11
N ALA A 45 -0.79 -10.33 7.14
CA ALA A 45 -0.69 -9.28 8.16
C ALA A 45 -0.16 -7.93 7.61
N LEU A 46 0.64 -7.96 6.54
CA LEU A 46 1.09 -6.75 5.84
C LEU A 46 0.04 -6.31 4.80
N ILE A 47 -0.59 -7.25 4.09
CA ILE A 47 -1.68 -6.97 3.13
C ILE A 47 -2.87 -6.28 3.83
N GLU A 48 -3.26 -6.74 5.02
CA GLU A 48 -4.28 -6.09 5.85
C GLU A 48 -3.96 -4.61 6.14
N LYS A 49 -2.69 -4.23 6.30
CA LYS A 49 -2.31 -2.83 6.48
C LYS A 49 -2.54 -1.98 5.23
N LEU A 50 -2.46 -2.53 4.01
CA LEU A 50 -2.85 -1.83 2.78
C LEU A 50 -4.37 -1.86 2.57
N VAL A 51 -5.03 -2.99 2.84
CA VAL A 51 -6.51 -3.10 2.81
C VAL A 51 -7.16 -2.08 3.77
N GLU A 52 -6.59 -1.87 4.96
CA GLU A 52 -7.00 -0.80 5.88
C GLU A 52 -7.05 0.56 5.18
N LEU A 53 -6.00 0.94 4.44
CA LEU A 53 -5.98 2.21 3.69
C LEU A 53 -7.01 2.20 2.56
N CYS A 54 -7.15 1.12 1.80
CA CYS A 54 -8.15 1.01 0.73
C CYS A 54 -9.58 1.22 1.26
N VAL A 55 -9.90 0.69 2.44
CA VAL A 55 -11.21 0.81 3.10
C VAL A 55 -11.41 2.21 3.72
N GLN A 56 -10.38 2.77 4.36
CA GLN A 56 -10.46 4.08 5.03
C GLN A 56 -10.50 5.26 4.04
N TYR A 57 -9.68 5.22 2.99
CA TYR A 57 -9.53 6.30 2.00
C TYR A 57 -10.41 6.11 0.74
N GLY A 58 -10.93 4.90 0.51
CA GLY A 58 -11.79 4.56 -0.64
C GLY A 58 -11.03 4.36 -1.96
N GLN A 59 -9.69 4.36 -1.93
CA GLN A 59 -8.83 4.22 -3.10
C GLN A 59 -8.58 2.74 -3.41
N ASN A 60 -8.52 2.36 -4.70
CA ASN A 60 -8.28 0.97 -5.10
C ASN A 60 -6.85 0.48 -4.85
N GLU A 61 -6.74 -0.85 -4.77
CA GLU A 61 -5.57 -1.65 -4.40
C GLU A 61 -4.33 -1.35 -5.26
N GLU A 62 -4.53 -1.10 -6.56
CA GLU A 62 -3.46 -0.78 -7.52
C GLU A 62 -2.70 0.50 -7.15
N GLY A 63 -3.35 1.46 -6.46
CA GLY A 63 -2.70 2.67 -5.94
C GLY A 63 -1.85 2.38 -4.70
N MET A 64 -2.41 1.61 -3.75
CA MET A 64 -1.72 1.17 -2.53
C MET A 64 -0.52 0.25 -2.83
N VAL A 65 -0.64 -0.63 -3.83
CA VAL A 65 0.47 -1.49 -4.29
C VAL A 65 1.49 -0.71 -5.13
N GLY A 66 1.03 0.18 -6.04
CA GLY A 66 1.89 0.82 -7.05
C GLY A 66 2.68 2.02 -6.53
N GLU A 67 2.07 2.90 -5.73
CA GLU A 67 2.74 4.12 -5.23
C GLU A 67 3.74 3.81 -4.10
N LEU A 68 3.60 2.66 -3.42
CA LEU A 68 4.55 2.16 -2.42
C LEU A 68 5.94 1.88 -3.02
N ILE A 69 6.02 1.55 -4.31
CA ILE A 69 7.28 1.29 -5.02
C ILE A 69 8.16 2.55 -5.04
N ALA A 70 7.59 3.73 -5.28
CA ALA A 70 8.32 4.99 -5.34
C ALA A 70 8.99 5.36 -4.00
N PHE A 71 8.36 4.99 -2.88
CA PHE A 71 8.95 5.14 -1.54
C PHE A 71 10.12 4.17 -1.35
N CYS A 72 9.97 2.90 -1.76
CA CYS A 72 11.03 1.89 -1.68
C CYS A 72 12.26 2.24 -2.53
N THR A 73 12.08 2.74 -3.77
CA THR A 73 13.18 3.13 -4.66
C THR A 73 13.90 4.38 -4.17
N SER A 74 13.16 5.41 -3.76
CA SER A 74 13.71 6.67 -3.24
C SER A 74 14.56 6.49 -1.98
N THR A 75 14.15 5.62 -1.05
CA THR A 75 14.93 5.26 0.16
C THR A 75 16.01 4.21 -0.11
N HIS A 76 15.91 3.48 -1.23
CA HIS A 76 16.80 2.40 -1.70
C HIS A 76 16.67 1.10 -0.87
N LYS A 77 15.66 1.01 0.00
CA LYS A 77 15.35 -0.19 0.81
C LYS A 77 14.76 -1.35 -0.03
N VAL A 78 14.88 -2.57 0.49
CA VAL A 78 14.32 -3.81 -0.07
C VAL A 78 13.54 -4.57 1.01
N GLY A 79 12.48 -5.29 0.61
CA GLY A 79 11.53 -5.94 1.51
C GLY A 79 10.51 -4.97 2.10
N LEU A 80 9.51 -5.52 2.80
CA LEU A 80 8.43 -4.78 3.46
C LEU A 80 8.16 -5.34 4.87
N THR A 81 7.63 -4.47 5.73
CA THR A 81 7.43 -4.66 7.18
C THR A 81 6.63 -3.49 7.73
N SER A 82 5.94 -3.69 8.85
CA SER A 82 4.85 -2.82 9.35
C SER A 82 5.24 -1.34 9.51
N GLU A 83 6.51 -1.03 9.82
CA GLU A 83 7.01 0.34 9.92
C GLU A 83 7.01 1.09 8.58
N ILE A 84 7.25 0.38 7.47
CA ILE A 84 7.26 0.95 6.11
C ILE A 84 5.82 1.26 5.66
N LEU A 85 4.87 0.36 5.93
CA LEU A 85 3.46 0.58 5.62
C LEU A 85 2.80 1.64 6.51
N ASN A 86 3.23 1.77 7.77
CA ASN A 86 2.85 2.86 8.67
C ASN A 86 3.42 4.21 8.18
N SER A 87 4.66 4.24 7.70
CA SER A 87 5.28 5.45 7.12
C SER A 87 4.59 5.89 5.81
N PHE A 88 4.21 4.94 4.94
CA PHE A 88 3.58 5.19 3.63
C PHE A 88 2.33 6.10 3.69
N GLU A 89 1.57 6.06 4.79
CA GLU A 89 0.44 6.97 5.04
C GLU A 89 0.85 8.46 4.95
N HIS A 90 2.07 8.78 5.38
CA HIS A 90 2.62 10.13 5.40
C HIS A 90 3.45 10.47 4.14
N GLU A 91 3.82 9.45 3.35
CA GLU A 91 4.57 9.61 2.09
C GLU A 91 3.66 9.92 0.89
N PHE A 92 2.35 9.66 0.99
CA PHE A 92 1.39 9.85 -0.11
C PHE A 92 -0.05 10.15 0.35
N LEU A 93 -0.63 9.38 1.28
CA LEU A 93 -2.06 9.49 1.57
C LEU A 93 -2.45 10.81 2.26
N SER A 94 -1.68 11.26 3.25
CA SER A 94 -1.91 12.57 3.89
C SER A 94 -1.65 13.76 2.94
N LYS A 95 -0.83 13.58 1.90
CA LYS A 95 -0.61 14.58 0.85
C LYS A 95 -1.80 14.65 -0.13
N ARG A 96 -2.33 13.49 -0.51
CA ARG A 96 -3.40 13.32 -1.50
C ARG A 96 -4.79 13.72 -0.95
N LEU A 97 -5.15 13.27 0.26
CA LEU A 97 -6.45 13.55 0.87
C LEU A 97 -6.42 14.89 1.63
N SER A 98 -7.08 15.91 1.09
CA SER A 98 -7.11 17.27 1.66
C SER A 98 -7.82 17.38 3.02
N LYS A 99 -8.62 16.37 3.38
CA LYS A 99 -9.24 16.22 4.71
C LYS A 99 -8.20 15.83 5.79
N ALA A 100 -7.21 15.00 5.42
CA ALA A 100 -6.14 14.52 6.29
C ALA A 100 -4.90 15.42 6.31
N ARG A 101 -4.70 16.23 5.26
CA ARG A 101 -3.56 17.14 5.03
C ARG A 101 -3.44 18.25 6.09
N MET A 24 -17.94 -2.67 1.66
CA MET A 24 -17.67 -3.99 2.29
C MET A 24 -16.18 -4.14 2.59
N SER A 25 -15.37 -4.55 1.61
CA SER A 25 -13.90 -4.61 1.70
C SER A 25 -13.25 -4.58 0.31
N ALA A 26 -12.00 -4.10 0.22
CA ALA A 26 -11.19 -4.15 -1.01
C ALA A 26 -10.67 -5.57 -1.31
N SER A 27 -10.57 -6.44 -0.29
CA SER A 27 -10.16 -7.85 -0.34
C SER A 27 -8.64 -8.05 -0.48
N ALA A 28 -8.07 -8.92 0.36
CA ALA A 28 -6.65 -9.29 0.35
C ALA A 28 -6.22 -9.95 -0.97
N GLN A 29 -7.09 -10.79 -1.55
CA GLN A 29 -6.79 -11.53 -2.79
C GLN A 29 -6.73 -10.61 -4.02
N GLN A 30 -7.45 -9.48 -4.02
CA GLN A 30 -7.44 -8.49 -5.11
C GLN A 30 -6.23 -7.56 -5.00
N LEU A 31 -5.69 -7.31 -3.79
CA LEU A 31 -4.52 -6.47 -3.56
C LEU A 31 -3.21 -7.23 -3.79
N ALA A 32 -3.09 -8.45 -3.27
CA ALA A 32 -1.84 -9.21 -3.24
C ALA A 32 -1.33 -9.65 -4.62
N GLU A 33 -2.20 -9.77 -5.63
CA GLU A 33 -1.84 -10.27 -6.96
C GLU A 33 -0.89 -9.34 -7.74
N GLU A 34 -1.01 -8.02 -7.56
CA GLU A 34 -0.17 -7.03 -8.24
C GLU A 34 1.25 -6.92 -7.64
N LEU A 35 1.48 -7.32 -6.39
CA LEU A 35 2.78 -7.25 -5.69
C LEU A 35 3.91 -7.91 -6.51
N GLN A 36 3.66 -9.13 -7.00
CA GLN A 36 4.63 -9.96 -7.72
C GLN A 36 4.96 -9.44 -9.14
N ILE A 37 4.19 -8.48 -9.68
CA ILE A 37 4.49 -7.83 -10.97
C ILE A 37 5.66 -6.86 -10.79
N PHE A 38 5.70 -6.13 -9.67
CA PHE A 38 6.80 -5.24 -9.28
C PHE A 38 7.94 -5.96 -8.55
N GLY A 39 7.70 -7.20 -8.10
CA GLY A 39 8.65 -8.01 -7.32
C GLY A 39 8.51 -7.86 -5.80
N LEU A 40 7.42 -7.24 -5.32
CA LEU A 40 7.07 -7.20 -3.89
C LEU A 40 6.52 -8.57 -3.43
N ASP A 41 6.55 -8.78 -2.11
CA ASP A 41 5.93 -9.91 -1.42
C ASP A 41 5.60 -9.51 0.03
N CYS A 42 4.38 -9.83 0.47
CA CYS A 42 3.85 -9.45 1.79
C CYS A 42 3.23 -10.66 2.52
N GLU A 43 3.32 -10.67 3.84
CA GLU A 43 2.48 -11.52 4.71
C GLU A 43 1.06 -10.96 4.82
N GLU A 44 0.11 -11.81 5.22
CA GLU A 44 -1.30 -11.46 5.38
C GLU A 44 -1.52 -10.25 6.30
N ALA A 45 -0.70 -10.09 7.35
CA ALA A 45 -0.77 -8.94 8.27
C ALA A 45 -0.39 -7.61 7.60
N LEU A 46 0.50 -7.61 6.59
CA LEU A 46 0.84 -6.43 5.80
C LEU A 46 -0.15 -6.22 4.64
N ILE A 47 -0.66 -7.29 4.03
CA ILE A 47 -1.76 -7.18 3.03
C ILE A 47 -3.00 -6.53 3.67
N GLU A 48 -3.40 -7.01 4.86
CA GLU A 48 -4.45 -6.39 5.68
C GLU A 48 -4.16 -4.91 5.98
N LYS A 49 -2.90 -4.54 6.25
CA LYS A 49 -2.54 -3.13 6.45
C LYS A 49 -2.89 -2.26 5.22
N LEU A 50 -2.57 -2.69 4.00
CA LEU A 50 -2.95 -1.95 2.78
C LEU A 50 -4.46 -2.04 2.50
N VAL A 51 -5.11 -3.18 2.72
CA VAL A 51 -6.57 -3.33 2.58
C VAL A 51 -7.32 -2.36 3.52
N GLU A 52 -6.86 -2.20 4.77
CA GLU A 52 -7.40 -1.20 5.70
C GLU A 52 -7.25 0.23 5.17
N LEU A 53 -6.15 0.57 4.49
CA LEU A 53 -6.04 1.88 3.82
C LEU A 53 -7.08 2.01 2.71
N CYS A 54 -7.23 1.00 1.84
CA CYS A 54 -8.23 1.02 0.77
C CYS A 54 -9.67 1.20 1.28
N VAL A 55 -9.98 0.61 2.44
CA VAL A 55 -11.29 0.70 3.09
C VAL A 55 -11.51 2.06 3.76
N GLN A 56 -10.49 2.64 4.41
CA GLN A 56 -10.59 3.91 5.14
C GLN A 56 -10.52 5.14 4.21
N TYR A 57 -9.52 5.20 3.33
CA TYR A 57 -9.27 6.32 2.42
C TYR A 57 -10.13 6.27 1.14
N GLY A 58 -10.67 5.10 0.78
CA GLY A 58 -11.52 4.87 -0.39
C GLY A 58 -10.76 4.74 -1.72
N GLN A 59 -9.42 4.75 -1.69
CA GLN A 59 -8.55 4.65 -2.86
C GLN A 59 -8.29 3.19 -3.25
N ASN A 60 -8.11 2.92 -4.54
CA ASN A 60 -7.93 1.56 -5.08
C ASN A 60 -6.62 0.87 -4.65
N GLU A 61 -6.69 -0.46 -4.58
CA GLU A 61 -5.60 -1.39 -4.30
C GLU A 61 -4.38 -1.23 -5.24
N GLU A 62 -4.59 -1.03 -6.54
CA GLU A 62 -3.51 -0.78 -7.51
C GLU A 62 -2.80 0.57 -7.28
N GLY A 63 -3.44 1.52 -6.59
CA GLY A 63 -2.83 2.77 -6.12
C GLY A 63 -1.99 2.54 -4.87
N MET A 64 -2.52 1.77 -3.90
CA MET A 64 -1.80 1.36 -2.68
C MET A 64 -0.55 0.53 -3.02
N VAL A 65 -0.64 -0.43 -3.95
CA VAL A 65 0.52 -1.21 -4.41
C VAL A 65 1.47 -0.37 -5.28
N GLY A 66 0.94 0.46 -6.19
CA GLY A 66 1.75 1.20 -7.17
C GLY A 66 2.55 2.35 -6.57
N GLU A 67 1.95 3.17 -5.71
CA GLU A 67 2.64 4.32 -5.10
C GLU A 67 3.65 3.89 -4.02
N LEU A 68 3.54 2.67 -3.48
CA LEU A 68 4.52 2.10 -2.54
C LEU A 68 5.88 1.85 -3.19
N ILE A 69 5.92 1.62 -4.51
CA ILE A 69 7.16 1.51 -5.30
C ILE A 69 7.96 2.83 -5.28
N ALA A 70 7.26 3.96 -5.44
CA ALA A 70 7.82 5.30 -5.38
C ALA A 70 8.35 5.70 -3.98
N PHE A 71 8.03 4.91 -2.94
CA PHE A 71 8.66 4.99 -1.63
C PHE A 71 9.81 3.98 -1.53
N CYS A 72 9.51 2.68 -1.56
CA CYS A 72 10.43 1.62 -1.14
C CYS A 72 11.56 1.33 -2.15
N THR A 73 11.27 1.37 -3.45
CA THR A 73 12.27 1.16 -4.51
C THR A 73 13.11 2.41 -4.70
N SER A 74 12.51 3.59 -4.67
CA SER A 74 13.20 4.87 -4.82
C SER A 74 14.21 5.16 -3.68
N THR A 75 13.86 4.87 -2.43
CA THR A 75 14.76 5.03 -1.27
C THR A 75 15.64 3.80 -1.01
N HIS A 76 15.39 2.69 -1.72
CA HIS A 76 16.20 1.47 -1.76
C HIS A 76 16.17 0.70 -0.43
N LYS A 77 14.97 0.45 0.11
CA LYS A 77 14.75 -0.23 1.39
C LYS A 77 15.10 -1.74 1.35
N VAL A 78 15.30 -2.34 2.53
CA VAL A 78 15.62 -3.78 2.70
C VAL A 78 14.44 -4.72 2.46
N GLY A 79 13.22 -4.18 2.47
CA GLY A 79 11.97 -4.93 2.43
C GLY A 79 10.74 -4.09 2.79
N LEU A 80 9.73 -4.73 3.38
CA LEU A 80 8.51 -4.11 3.91
C LEU A 80 8.26 -4.55 5.35
N THR A 81 7.77 -3.63 6.19
CA THR A 81 7.56 -3.81 7.64
C THR A 81 6.37 -2.98 8.10
N SER A 82 5.88 -3.24 9.32
CA SER A 82 4.85 -2.42 9.97
C SER A 82 5.24 -0.94 10.12
N GLU A 83 6.54 -0.64 10.23
CA GLU A 83 7.06 0.74 10.24
C GLU A 83 7.02 1.38 8.84
N ILE A 84 7.38 0.62 7.79
CA ILE A 84 7.38 1.13 6.40
C ILE A 84 5.94 1.37 5.91
N LEU A 85 4.98 0.50 6.22
CA LEU A 85 3.58 0.70 5.85
C LEU A 85 2.86 1.74 6.74
N ASN A 86 3.32 1.97 7.98
CA ASN A 86 2.94 3.14 8.76
C ASN A 86 3.48 4.44 8.12
N SER A 87 4.74 4.44 7.68
CA SER A 87 5.37 5.58 7.01
C SER A 87 4.73 5.89 5.64
N PHE A 88 4.24 4.87 4.92
CA PHE A 88 3.53 5.03 3.64
C PHE A 88 2.27 5.91 3.74
N GLU A 89 1.56 5.89 4.87
CA GLU A 89 0.44 6.80 5.13
C GLU A 89 0.93 8.26 5.14
N HIS A 90 2.02 8.56 5.83
CA HIS A 90 2.62 9.91 5.85
C HIS A 90 3.23 10.31 4.47
N GLU A 91 3.74 9.34 3.72
CA GLU A 91 4.43 9.56 2.45
C GLU A 91 3.50 10.00 1.30
N PHE A 92 2.20 9.66 1.33
CA PHE A 92 1.28 9.98 0.24
C PHE A 92 -0.18 10.20 0.68
N LEU A 93 -0.77 9.29 1.48
CA LEU A 93 -2.19 9.36 1.83
C LEU A 93 -2.53 10.56 2.72
N SER A 94 -1.72 10.85 3.72
CA SER A 94 -1.87 12.01 4.60
C SER A 94 -1.61 13.35 3.88
N LYS A 95 -0.86 13.34 2.76
CA LYS A 95 -0.70 14.51 1.88
C LYS A 95 -1.91 14.74 0.96
N ARG A 96 -2.72 13.69 0.72
CA ARG A 96 -3.74 13.60 -0.35
C ARG A 96 -5.18 13.66 0.17
N LEU A 97 -5.46 13.22 1.41
CA LEU A 97 -6.81 13.13 1.98
C LEU A 97 -7.40 14.52 2.28
N SER A 98 -8.37 14.94 1.50
CA SER A 98 -9.03 16.26 1.63
C SER A 98 -10.07 16.34 2.77
N LYS A 99 -10.38 15.22 3.42
CA LYS A 99 -11.29 15.17 4.58
C LYS A 99 -10.69 15.86 5.83
N ALA A 100 -9.36 15.97 5.91
CA ALA A 100 -8.60 16.49 7.07
C ALA A 100 -7.43 17.43 6.69
N ARG A 101 -7.29 17.81 5.41
CA ARG A 101 -6.26 18.73 4.90
C ARG A 101 -6.83 19.71 3.86
N MET A 24 -16.50 -3.28 -6.16
CA MET A 24 -15.50 -4.37 -6.03
C MET A 24 -14.90 -4.35 -4.62
N SER A 25 -14.76 -5.52 -4.00
CA SER A 25 -14.39 -5.64 -2.58
C SER A 25 -12.92 -5.31 -2.30
N ALA A 26 -12.67 -4.54 -1.22
CA ALA A 26 -11.34 -4.31 -0.67
C ALA A 26 -10.94 -5.49 0.23
N SER A 27 -10.24 -6.47 -0.34
CA SER A 27 -9.81 -7.71 0.34
C SER A 27 -8.36 -8.11 -0.01
N ALA A 28 -7.75 -8.99 0.79
CA ALA A 28 -6.42 -9.55 0.50
C ALA A 28 -6.42 -10.41 -0.78
N GLN A 29 -7.54 -11.08 -1.09
CA GLN A 29 -7.72 -11.88 -2.30
C GLN A 29 -7.76 -11.01 -3.56
N GLN A 30 -8.22 -9.76 -3.46
CA GLN A 30 -8.11 -8.75 -4.51
C GLN A 30 -6.68 -8.18 -4.56
N LEU A 31 -6.17 -7.62 -3.45
CA LEU A 31 -4.94 -6.84 -3.42
C LEU A 31 -3.68 -7.65 -3.79
N ALA A 32 -3.64 -8.94 -3.44
CA ALA A 32 -2.52 -9.83 -3.75
C ALA A 32 -2.27 -10.04 -5.25
N GLU A 33 -3.27 -9.81 -6.11
CA GLU A 33 -3.13 -9.91 -7.56
C GLU A 33 -2.24 -8.80 -8.15
N GLU A 34 -2.15 -7.64 -7.50
CA GLU A 34 -1.24 -6.56 -7.90
C GLU A 34 0.18 -6.77 -7.32
N LEU A 35 0.32 -7.32 -6.11
CA LEU A 35 1.63 -7.66 -5.51
C LEU A 35 2.45 -8.60 -6.40
N GLN A 36 1.79 -9.52 -7.09
CA GLN A 36 2.39 -10.47 -8.03
C GLN A 36 2.94 -9.81 -9.32
N ILE A 37 2.52 -8.58 -9.65
CA ILE A 37 3.03 -7.83 -10.82
C ILE A 37 4.38 -7.16 -10.51
N PHE A 38 4.51 -6.59 -9.31
CA PHE A 38 5.72 -5.92 -8.84
C PHE A 38 6.72 -6.87 -8.16
N GLY A 39 6.32 -8.10 -7.82
CA GLY A 39 7.14 -9.09 -7.13
C GLY A 39 7.23 -8.88 -5.61
N LEU A 40 6.19 -8.28 -5.03
CA LEU A 40 6.10 -7.94 -3.60
C LEU A 40 5.76 -9.17 -2.76
N ASP A 41 6.78 -9.74 -2.12
CA ASP A 41 6.71 -10.95 -1.29
C ASP A 41 6.24 -10.64 0.15
N CYS A 42 5.17 -9.86 0.28
CA CYS A 42 4.59 -9.44 1.56
C CYS A 42 3.92 -10.62 2.31
N GLU A 43 4.03 -10.62 3.64
CA GLU A 43 3.25 -11.49 4.52
C GLU A 43 1.82 -10.96 4.69
N GLU A 44 0.86 -11.85 5.00
CA GLU A 44 -0.55 -11.52 5.15
C GLU A 44 -0.79 -10.37 6.15
N ALA A 45 0.03 -10.27 7.21
CA ALA A 45 -0.06 -9.19 8.20
C ALA A 45 0.27 -7.80 7.61
N LEU A 46 1.14 -7.74 6.59
CA LEU A 46 1.42 -6.51 5.83
C LEU A 46 0.41 -6.31 4.69
N ILE A 47 -0.10 -7.37 4.05
CA ILE A 47 -1.18 -7.26 3.05
C ILE A 47 -2.42 -6.62 3.67
N GLU A 48 -2.82 -7.08 4.87
CA GLU A 48 -3.90 -6.47 5.65
C GLU A 48 -3.67 -4.98 5.93
N LYS A 49 -2.42 -4.53 6.13
CA LYS A 49 -2.10 -3.11 6.31
C LYS A 49 -2.37 -2.28 5.03
N LEU A 50 -2.17 -2.82 3.82
CA LEU A 50 -2.55 -2.14 2.57
C LEU A 50 -4.05 -2.25 2.30
N VAL A 51 -4.65 -3.41 2.58
CA VAL A 51 -6.11 -3.62 2.44
C VAL A 51 -6.90 -2.66 3.36
N GLU A 52 -6.41 -2.39 4.58
CA GLU A 52 -6.99 -1.41 5.49
C GLU A 52 -7.07 -0.01 4.85
N LEU A 53 -6.08 0.41 4.06
CA LEU A 53 -6.12 1.68 3.33
C LEU A 53 -7.26 1.67 2.30
N CYS A 54 -7.42 0.59 1.53
CA CYS A 54 -8.51 0.44 0.55
C CYS A 54 -9.90 0.47 1.20
N VAL A 55 -10.03 -0.07 2.43
CA VAL A 55 -11.27 -0.03 3.24
C VAL A 55 -11.51 1.39 3.81
N GLN A 56 -10.47 2.07 4.31
CA GLN A 56 -10.57 3.37 4.98
C GLN A 56 -10.80 4.52 4.00
N TYR A 57 -9.99 4.61 2.93
CA TYR A 57 -10.01 5.68 1.93
C TYR A 57 -11.02 5.43 0.80
N GLY A 58 -11.40 4.17 0.54
CA GLY A 58 -12.31 3.78 -0.56
C GLY A 58 -11.63 3.78 -1.95
N GLN A 59 -10.32 3.99 -2.00
CA GLN A 59 -9.53 4.12 -3.23
C GLN A 59 -8.93 2.75 -3.63
N ASN A 60 -8.79 2.51 -4.94
CA ASN A 60 -8.34 1.23 -5.50
C ASN A 60 -6.87 0.92 -5.19
N GLU A 61 -6.56 -0.37 -5.03
CA GLU A 61 -5.25 -0.91 -4.62
C GLU A 61 -4.07 -0.49 -5.50
N GLU A 62 -4.28 -0.20 -6.79
CA GLU A 62 -3.24 0.28 -7.70
C GLU A 62 -2.53 1.57 -7.21
N GLY A 63 -3.24 2.44 -6.46
CA GLY A 63 -2.66 3.64 -5.85
C GLY A 63 -1.86 3.36 -4.58
N MET A 64 -2.18 2.27 -3.89
CA MET A 64 -1.47 1.79 -2.70
C MET A 64 -0.22 0.98 -3.08
N VAL A 65 -0.40 -0.02 -3.94
CA VAL A 65 0.64 -1.01 -4.28
C VAL A 65 1.73 -0.43 -5.20
N GLY A 66 1.34 0.37 -6.21
CA GLY A 66 2.27 0.89 -7.22
C GLY A 66 3.14 2.05 -6.71
N GLU A 67 2.57 2.93 -5.89
CA GLU A 67 3.29 4.11 -5.38
C GLU A 67 4.22 3.78 -4.20
N LEU A 68 4.03 2.64 -3.53
CA LEU A 68 4.91 2.14 -2.46
C LEU A 68 6.32 1.84 -3.00
N ILE A 69 6.43 1.39 -4.26
CA ILE A 69 7.70 1.09 -4.92
C ILE A 69 8.63 2.31 -4.93
N ALA A 70 8.12 3.49 -5.28
CA ALA A 70 8.88 4.74 -5.37
C ALA A 70 9.46 5.19 -4.02
N PHE A 71 8.76 4.92 -2.91
CA PHE A 71 9.25 5.16 -1.56
C PHE A 71 10.42 4.21 -1.22
N CYS A 72 10.25 2.91 -1.46
CA CYS A 72 11.27 1.89 -1.19
C CYS A 72 12.55 2.07 -2.03
N THR A 73 12.46 2.45 -3.32
CA THR A 73 13.63 2.69 -4.19
C THR A 73 14.38 3.96 -3.80
N SER A 74 13.68 5.06 -3.57
CA SER A 74 14.29 6.35 -3.21
C SER A 74 15.02 6.33 -1.86
N THR A 75 14.54 5.53 -0.89
CA THR A 75 15.18 5.33 0.43
C THR A 75 16.18 4.17 0.45
N HIS A 76 15.98 3.18 -0.42
CA HIS A 76 16.88 2.03 -0.66
C HIS A 76 16.86 1.01 0.50
N LYS A 77 15.72 0.87 1.18
CA LYS A 77 15.52 -0.06 2.31
C LYS A 77 15.60 -1.55 1.90
N VAL A 78 15.95 -2.42 2.86
CA VAL A 78 16.23 -3.86 2.61
C VAL A 78 14.97 -4.72 2.41
N GLY A 79 13.77 -4.14 2.61
CA GLY A 79 12.48 -4.82 2.51
C GLY A 79 11.32 -3.97 3.04
N LEU A 80 10.18 -4.61 3.30
CA LEU A 80 8.97 -4.00 3.88
C LEU A 80 8.71 -4.52 5.30
N THR A 81 8.31 -3.61 6.19
CA THR A 81 7.98 -3.82 7.61
C THR A 81 6.86 -2.87 8.01
N SER A 82 6.19 -3.13 9.13
CA SER A 82 5.00 -2.38 9.57
C SER A 82 5.24 -0.87 9.73
N GLU A 83 6.46 -0.45 10.06
CA GLU A 83 6.87 0.96 10.16
C GLU A 83 6.88 1.66 8.80
N ILE A 84 7.22 0.94 7.72
CA ILE A 84 7.29 1.48 6.35
C ILE A 84 5.89 1.66 5.79
N LEU A 85 4.97 0.70 6.03
CA LEU A 85 3.56 0.83 5.63
C LEU A 85 2.80 1.85 6.49
N ASN A 86 3.18 2.04 7.76
CA ASN A 86 2.72 3.16 8.59
C ASN A 86 3.19 4.51 8.01
N SER A 87 4.47 4.62 7.64
CA SER A 87 5.04 5.83 7.02
C SER A 87 4.42 6.15 5.64
N PHE A 88 4.07 5.12 4.85
CA PHE A 88 3.46 5.26 3.52
C PHE A 88 2.14 6.05 3.51
N GLU A 89 1.37 6.02 4.61
CA GLU A 89 0.18 6.85 4.79
C GLU A 89 0.47 8.36 4.62
N HIS A 90 1.63 8.81 5.13
CA HIS A 90 2.10 10.20 5.04
C HIS A 90 2.93 10.48 3.77
N GLU A 91 3.36 9.42 3.06
CA GLU A 91 4.18 9.51 1.86
C GLU A 91 3.35 9.63 0.56
N PHE A 92 2.07 9.23 0.58
CA PHE A 92 1.18 9.36 -0.59
C PHE A 92 -0.31 9.53 -0.26
N LEU A 93 -0.87 8.76 0.69
CA LEU A 93 -2.32 8.77 0.93
C LEU A 93 -2.84 10.11 1.50
N SER A 94 -2.08 10.76 2.38
CA SER A 94 -2.40 12.13 2.84
C SER A 94 -2.17 13.21 1.76
N LYS A 95 -1.37 12.92 0.72
CA LYS A 95 -1.03 13.87 -0.37
C LYS A 95 -2.05 13.85 -1.53
N ARG A 96 -2.71 12.71 -1.77
CA ARG A 96 -3.65 12.52 -2.89
C ARG A 96 -4.66 11.40 -2.59
N LEU A 97 -5.93 11.76 -2.69
CA LEU A 97 -7.11 10.89 -2.69
C LEU A 97 -7.94 11.19 -3.94
N SER A 98 -8.31 10.17 -4.73
CA SER A 98 -9.05 10.34 -6.00
C SER A 98 -10.42 11.01 -5.88
N LYS A 99 -11.00 11.02 -4.67
CA LYS A 99 -12.24 11.75 -4.34
C LYS A 99 -12.04 13.28 -4.23
N ALA A 100 -10.80 13.73 -3.98
CA ALA A 100 -10.42 15.13 -3.76
C ALA A 100 -9.50 15.71 -4.86
N ARG A 101 -8.79 14.87 -5.64
CA ARG A 101 -7.85 15.29 -6.68
C ARG A 101 -7.59 14.21 -7.75
N MET A 24 -19.90 -6.10 -2.75
CA MET A 24 -18.76 -7.01 -2.53
C MET A 24 -17.71 -6.31 -1.66
N SER A 25 -17.12 -7.05 -0.72
CA SER A 25 -16.17 -6.50 0.25
C SER A 25 -14.77 -6.21 -0.36
N ALA A 26 -13.90 -5.53 0.39
CA ALA A 26 -12.50 -5.29 0.02
C ALA A 26 -11.63 -6.56 0.26
N SER A 27 -11.88 -7.61 -0.52
CA SER A 27 -11.23 -8.92 -0.35
C SER A 27 -9.72 -8.89 -0.67
N ALA A 28 -8.88 -9.36 0.26
CA ALA A 28 -7.41 -9.23 0.20
C ALA A 28 -6.77 -9.92 -1.03
N GLN A 29 -7.42 -10.95 -1.58
CA GLN A 29 -7.00 -11.66 -2.78
C GLN A 29 -6.92 -10.73 -4.02
N GLN A 30 -7.75 -9.68 -4.07
CA GLN A 30 -7.76 -8.72 -5.18
C GLN A 30 -6.49 -7.84 -5.18
N LEU A 31 -5.94 -7.53 -3.98
CA LEU A 31 -4.69 -6.80 -3.83
C LEU A 31 -3.48 -7.73 -4.01
N ALA A 32 -3.54 -8.96 -3.48
CA ALA A 32 -2.47 -9.95 -3.56
C ALA A 32 -2.07 -10.31 -5.01
N GLU A 33 -3.02 -10.27 -5.95
CA GLU A 33 -2.76 -10.46 -7.39
C GLU A 33 -1.80 -9.43 -7.98
N GLU A 34 -1.76 -8.19 -7.46
CA GLU A 34 -0.89 -7.13 -7.98
C GLU A 34 0.57 -7.34 -7.55
N LEU A 35 0.80 -7.85 -6.33
CA LEU A 35 2.13 -8.08 -5.75
C LEU A 35 2.99 -8.99 -6.63
N GLN A 36 2.39 -9.99 -7.28
CA GLN A 36 3.08 -10.94 -8.15
C GLN A 36 3.44 -10.36 -9.52
N ILE A 37 2.86 -9.22 -9.93
CA ILE A 37 3.26 -8.49 -11.15
C ILE A 37 4.57 -7.72 -10.90
N PHE A 38 4.68 -7.07 -9.74
CA PHE A 38 5.82 -6.25 -9.34
C PHE A 38 6.95 -7.02 -8.65
N GLY A 39 6.69 -8.23 -8.15
CA GLY A 39 7.66 -9.06 -7.42
C GLY A 39 7.77 -8.72 -5.93
N LEU A 40 6.72 -8.16 -5.33
CA LEU A 40 6.65 -7.78 -3.90
C LEU A 40 6.54 -9.02 -2.99
N ASP A 41 7.13 -8.92 -1.80
CA ASP A 41 7.30 -10.01 -0.83
C ASP A 41 6.35 -9.92 0.39
N CYS A 42 5.37 -8.99 0.34
CA CYS A 42 4.49 -8.66 1.47
C CYS A 42 3.70 -9.87 2.00
N GLU A 43 3.82 -10.13 3.31
CA GLU A 43 3.05 -11.16 4.04
C GLU A 43 1.63 -10.70 4.34
N GLU A 44 0.77 -11.63 4.81
CA GLU A 44 -0.62 -11.35 5.18
C GLU A 44 -0.75 -10.18 6.17
N ALA A 45 0.18 -10.07 7.12
CA ALA A 45 0.21 -9.00 8.12
C ALA A 45 0.57 -7.61 7.54
N LEU A 46 1.20 -7.55 6.35
CA LEU A 46 1.39 -6.32 5.57
C LEU A 46 0.23 -6.12 4.58
N ILE A 47 -0.26 -7.17 3.93
CA ILE A 47 -1.41 -7.11 3.00
C ILE A 47 -2.63 -6.47 3.67
N GLU A 48 -2.97 -6.89 4.88
CA GLU A 48 -4.08 -6.29 5.64
C GLU A 48 -3.89 -4.79 5.89
N LYS A 49 -2.64 -4.31 6.01
CA LYS A 49 -2.34 -2.89 6.18
C LYS A 49 -2.54 -2.07 4.88
N LEU A 50 -2.35 -2.66 3.69
CA LEU A 50 -2.72 -2.01 2.42
C LEU A 50 -4.22 -2.14 2.13
N VAL A 51 -4.83 -3.29 2.44
CA VAL A 51 -6.29 -3.50 2.32
C VAL A 51 -7.06 -2.52 3.22
N GLU A 52 -6.54 -2.21 4.42
CA GLU A 52 -7.07 -1.16 5.30
C GLU A 52 -7.18 0.19 4.57
N LEU A 53 -6.15 0.61 3.82
CA LEU A 53 -6.15 1.90 3.13
C LEU A 53 -7.31 2.00 2.13
N CYS A 54 -7.59 0.93 1.40
CA CYS A 54 -8.72 0.81 0.47
C CYS A 54 -10.10 0.95 1.14
N VAL A 55 -10.21 0.70 2.46
CA VAL A 55 -11.44 0.92 3.26
C VAL A 55 -11.44 2.32 3.88
N GLN A 56 -10.31 2.77 4.42
CA GLN A 56 -10.17 4.05 5.13
C GLN A 56 -10.22 5.27 4.20
N TYR A 57 -9.52 5.20 3.05
CA TYR A 57 -9.38 6.29 2.08
C TYR A 57 -10.30 6.13 0.86
N GLY A 58 -10.79 4.92 0.58
CA GLY A 58 -11.69 4.60 -0.56
C GLY A 58 -10.99 4.50 -1.91
N GLN A 59 -9.67 4.70 -1.96
CA GLN A 59 -8.84 4.61 -3.17
C GLN A 59 -8.47 3.14 -3.46
N ASN A 60 -8.40 2.75 -4.73
CA ASN A 60 -8.20 1.37 -5.15
C ASN A 60 -6.75 0.83 -4.91
N GLU A 61 -6.62 -0.50 -4.92
CA GLU A 61 -5.40 -1.26 -4.61
C GLU A 61 -4.14 -0.85 -5.39
N GLU A 62 -4.27 -0.56 -6.69
CA GLU A 62 -3.15 -0.12 -7.53
C GLU A 62 -2.52 1.18 -7.01
N GLY A 63 -3.34 2.11 -6.50
CA GLY A 63 -2.91 3.36 -5.87
C GLY A 63 -2.23 3.18 -4.52
N MET A 64 -2.34 1.98 -3.91
CA MET A 64 -1.58 1.58 -2.73
C MET A 64 -0.31 0.84 -3.14
N VAL A 65 -0.43 -0.22 -3.95
CA VAL A 65 0.67 -1.14 -4.28
C VAL A 65 1.74 -0.48 -5.14
N GLY A 66 1.36 0.36 -6.12
CA GLY A 66 2.30 1.01 -7.05
C GLY A 66 3.15 2.11 -6.39
N GLU A 67 2.53 2.93 -5.55
CA GLU A 67 3.20 4.04 -4.86
C GLU A 67 4.10 3.55 -3.70
N LEU A 68 3.84 2.38 -3.11
CA LEU A 68 4.69 1.77 -2.09
C LEU A 68 6.06 1.37 -2.65
N ILE A 69 6.11 0.92 -3.90
CA ILE A 69 7.35 0.57 -4.61
C ILE A 69 8.22 1.82 -4.79
N ALA A 70 7.63 2.94 -5.20
CA ALA A 70 8.32 4.22 -5.34
C ALA A 70 8.87 4.74 -3.99
N PHE A 71 8.12 4.59 -2.90
CA PHE A 71 8.58 4.94 -1.55
C PHE A 71 9.80 4.11 -1.13
N CYS A 72 9.76 2.79 -1.31
CA CYS A 72 10.87 1.88 -1.05
C CYS A 72 12.11 2.20 -1.90
N THR A 73 11.91 2.52 -3.19
CA THR A 73 12.97 2.79 -4.17
C THR A 73 13.63 4.15 -3.95
N SER A 74 12.87 5.23 -3.94
CA SER A 74 13.42 6.60 -3.98
C SER A 74 14.13 7.04 -2.69
N THR A 75 13.72 6.50 -1.52
CA THR A 75 14.43 6.69 -0.24
C THR A 75 15.43 5.57 0.07
N HIS A 76 15.41 4.49 -0.72
CA HIS A 76 16.42 3.42 -0.77
C HIS A 76 16.38 2.49 0.47
N LYS A 77 15.17 2.04 0.84
CA LYS A 77 14.92 1.27 2.07
C LYS A 77 15.44 -0.18 1.99
N VAL A 78 15.27 -0.80 0.82
CA VAL A 78 15.58 -2.20 0.49
C VAL A 78 14.71 -3.15 1.34
N GLY A 79 13.48 -3.40 0.86
CA GLY A 79 12.45 -4.17 1.55
C GLY A 79 11.44 -3.33 2.33
N LEU A 80 10.45 -4.00 2.92
CA LEU A 80 9.29 -3.41 3.58
C LEU A 80 9.04 -4.05 4.96
N THR A 81 8.48 -3.26 5.89
CA THR A 81 8.19 -3.63 7.29
C THR A 81 6.92 -2.92 7.76
N SER A 82 6.39 -3.31 8.91
CA SER A 82 5.24 -2.64 9.54
C SER A 82 5.54 -1.17 9.91
N GLU A 83 6.81 -0.83 10.20
CA GLU A 83 7.25 0.54 10.47
C GLU A 83 7.29 1.39 9.17
N ILE A 84 7.69 0.79 8.04
CA ILE A 84 7.67 1.44 6.72
C ILE A 84 6.23 1.63 6.25
N LEU A 85 5.33 0.66 6.45
CA LEU A 85 3.91 0.80 6.11
C LEU A 85 3.16 1.79 7.01
N ASN A 86 3.58 1.98 8.27
CA ASN A 86 3.11 3.08 9.13
C ASN A 86 3.58 4.45 8.61
N SER A 87 4.72 4.52 7.93
CA SER A 87 5.23 5.74 7.29
C SER A 87 4.57 6.04 5.93
N PHE A 88 4.13 5.02 5.19
CA PHE A 88 3.56 5.15 3.84
C PHE A 88 2.29 6.02 3.78
N GLU A 89 1.46 6.03 4.82
CA GLU A 89 0.29 6.91 4.90
C GLU A 89 0.68 8.40 4.89
N HIS A 90 1.82 8.74 5.52
CA HIS A 90 2.36 10.10 5.57
C HIS A 90 3.09 10.51 4.28
N GLU A 91 3.54 9.52 3.49
CA GLU A 91 4.29 9.71 2.25
C GLU A 91 3.38 10.12 1.08
N PHE A 92 2.23 9.45 0.90
CA PHE A 92 1.37 9.66 -0.28
C PHE A 92 -0.10 9.92 0.08
N LEU A 93 -0.72 9.11 0.96
CA LEU A 93 -2.16 9.19 1.22
C LEU A 93 -2.55 10.50 1.90
N SER A 94 -1.76 10.97 2.87
CA SER A 94 -1.97 12.27 3.52
C SER A 94 -1.71 13.47 2.58
N LYS A 95 -0.78 13.34 1.62
CA LYS A 95 -0.36 14.45 0.75
C LYS A 95 -1.20 14.59 -0.53
N ARG A 96 -1.20 13.55 -1.38
CA ARG A 96 -1.53 13.64 -2.81
C ARG A 96 -3.00 13.31 -3.13
N LEU A 97 -3.68 12.52 -2.30
CA LEU A 97 -5.08 12.12 -2.52
C LEU A 97 -6.03 13.30 -2.21
N SER A 98 -6.84 13.68 -3.18
CA SER A 98 -7.80 14.81 -3.07
C SER A 98 -8.98 14.54 -2.11
N LYS A 99 -9.23 13.28 -1.79
CA LYS A 99 -10.25 12.84 -0.83
C LYS A 99 -9.77 12.89 0.64
N ALA A 100 -8.45 12.91 0.88
CA ALA A 100 -7.84 12.89 2.21
C ALA A 100 -7.66 14.30 2.82
N ARG A 101 -7.36 15.30 1.98
CA ARG A 101 -7.17 16.71 2.38
C ARG A 101 -8.48 17.43 2.77
N MET A 24 -18.83 -5.32 1.47
CA MET A 24 -18.40 -4.23 0.56
C MET A 24 -17.81 -4.78 -0.75
N SER A 25 -16.62 -5.37 -0.88
CA SER A 25 -15.53 -5.67 0.08
C SER A 25 -14.15 -5.49 -0.61
N ALA A 26 -13.18 -4.92 0.11
CA ALA A 26 -11.78 -4.77 -0.33
C ALA A 26 -10.99 -6.09 -0.12
N SER A 27 -11.45 -7.17 -0.74
CA SER A 27 -10.95 -8.54 -0.50
C SER A 27 -9.44 -8.70 -0.76
N ALA A 28 -8.69 -9.23 0.21
CA ALA A 28 -7.22 -9.26 0.24
C ALA A 28 -6.58 -9.98 -0.96
N GLN A 29 -7.27 -10.97 -1.54
CA GLN A 29 -6.84 -11.71 -2.72
C GLN A 29 -6.65 -10.81 -3.96
N GLN A 30 -7.38 -9.68 -4.05
CA GLN A 30 -7.25 -8.73 -5.15
C GLN A 30 -5.94 -7.95 -5.07
N LEU A 31 -5.52 -7.56 -3.85
CA LEU A 31 -4.31 -6.79 -3.60
C LEU A 31 -3.07 -7.70 -3.68
N ALA A 32 -3.11 -8.86 -3.02
CA ALA A 32 -2.01 -9.83 -2.92
C ALA A 32 -1.46 -10.27 -4.29
N GLU A 33 -2.34 -10.45 -5.28
CA GLU A 33 -1.97 -10.90 -6.62
C GLU A 33 -1.19 -9.82 -7.42
N GLU A 34 -1.46 -8.53 -7.17
CA GLU A 34 -0.79 -7.43 -7.90
C GLU A 34 0.68 -7.25 -7.47
N LEU A 35 1.01 -7.51 -6.19
CA LEU A 35 2.35 -7.34 -5.62
C LEU A 35 3.44 -8.02 -6.47
N GLN A 36 3.23 -9.29 -6.82
CA GLN A 36 4.22 -10.11 -7.51
C GLN A 36 4.50 -9.65 -8.96
N ILE A 37 3.57 -8.91 -9.59
CA ILE A 37 3.75 -8.34 -10.95
C ILE A 37 4.84 -7.26 -10.92
N PHE A 38 4.89 -6.47 -9.84
CA PHE A 38 5.87 -5.42 -9.60
C PHE A 38 7.12 -5.91 -8.86
N GLY A 39 7.17 -7.18 -8.44
CA GLY A 39 8.27 -7.77 -7.66
C GLY A 39 8.21 -7.50 -6.15
N LEU A 40 7.07 -6.99 -5.65
CA LEU A 40 6.79 -6.84 -4.22
C LEU A 40 6.34 -8.19 -3.62
N ASP A 41 6.39 -8.28 -2.29
CA ASP A 41 5.86 -9.40 -1.50
C ASP A 41 5.57 -8.97 -0.06
N CYS A 42 4.46 -9.48 0.48
CA CYS A 42 3.94 -9.21 1.83
C CYS A 42 3.31 -10.48 2.42
N GLU A 43 3.34 -10.61 3.75
CA GLU A 43 2.48 -11.55 4.48
C GLU A 43 1.04 -11.01 4.60
N GLU A 44 0.09 -11.88 4.97
CA GLU A 44 -1.32 -11.51 5.13
C GLU A 44 -1.51 -10.33 6.11
N ALA A 45 -0.72 -10.27 7.18
CA ALA A 45 -0.79 -9.18 8.16
C ALA A 45 -0.33 -7.82 7.60
N LEU A 46 0.54 -7.80 6.58
CA LEU A 46 0.93 -6.59 5.86
C LEU A 46 -0.01 -6.28 4.68
N ILE A 47 -0.59 -7.30 4.03
CA ILE A 47 -1.67 -7.09 3.04
C ILE A 47 -2.88 -6.42 3.70
N GLU A 48 -3.26 -6.87 4.90
CA GLU A 48 -4.29 -6.24 5.73
C GLU A 48 -4.00 -4.76 6.00
N LYS A 49 -2.74 -4.37 6.18
CA LYS A 49 -2.35 -2.97 6.40
C LYS A 49 -2.67 -2.08 5.16
N LEU A 50 -2.48 -2.58 3.92
CA LEU A 50 -2.86 -1.84 2.71
C LEU A 50 -4.38 -1.95 2.45
N VAL A 51 -5.01 -3.10 2.73
CA VAL A 51 -6.47 -3.26 2.66
C VAL A 51 -7.19 -2.27 3.58
N GLU A 52 -6.66 -2.02 4.78
CA GLU A 52 -7.20 -1.01 5.69
C GLU A 52 -7.24 0.39 5.04
N LEU A 53 -6.18 0.79 4.32
CA LEU A 53 -6.17 2.05 3.57
C LEU A 53 -7.24 2.06 2.47
N CYS A 54 -7.41 0.96 1.74
CA CYS A 54 -8.43 0.82 0.69
C CYS A 54 -9.86 1.01 1.24
N VAL A 55 -10.11 0.59 2.49
CA VAL A 55 -11.39 0.78 3.18
C VAL A 55 -11.53 2.21 3.73
N GLN A 56 -10.50 2.78 4.35
CA GLN A 56 -10.54 4.10 4.99
C GLN A 56 -10.56 5.27 3.99
N TYR A 57 -9.87 5.13 2.86
CA TYR A 57 -9.77 6.15 1.80
C TYR A 57 -10.75 5.90 0.64
N GLY A 58 -11.27 4.67 0.48
CA GLY A 58 -12.27 4.29 -0.53
C GLY A 58 -11.72 4.20 -1.97
N GLN A 59 -10.39 4.31 -2.14
CA GLN A 59 -9.70 4.30 -3.42
C GLN A 59 -9.21 2.89 -3.79
N ASN A 60 -9.06 2.63 -5.09
CA ASN A 60 -8.58 1.36 -5.65
C ASN A 60 -7.16 0.99 -5.17
N GLU A 61 -6.95 -0.29 -4.89
CA GLU A 61 -5.70 -0.86 -4.36
C GLU A 61 -4.47 -0.68 -5.28
N GLU A 62 -4.67 -0.44 -6.58
CA GLU A 62 -3.59 -0.12 -7.53
C GLU A 62 -2.78 1.11 -7.11
N GLY A 63 -3.39 2.08 -6.40
CA GLY A 63 -2.69 3.24 -5.82
C GLY A 63 -1.84 2.86 -4.61
N MET A 64 -2.39 2.04 -3.72
CA MET A 64 -1.71 1.52 -2.51
C MET A 64 -0.55 0.57 -2.88
N VAL A 65 -0.71 -0.28 -3.88
CA VAL A 65 0.34 -1.16 -4.42
C VAL A 65 1.38 -0.36 -5.22
N GLY A 66 0.94 0.62 -6.03
CA GLY A 66 1.79 1.33 -7.00
C GLY A 66 2.70 2.40 -6.38
N GLU A 67 2.15 3.29 -5.55
CA GLU A 67 2.94 4.39 -4.95
C GLU A 67 3.95 3.89 -3.90
N LEU A 68 3.74 2.70 -3.34
CA LEU A 68 4.69 2.03 -2.44
C LEU A 68 6.01 1.66 -3.13
N ILE A 69 5.98 1.40 -4.44
CA ILE A 69 7.17 1.11 -5.26
C ILE A 69 8.10 2.32 -5.29
N ALA A 70 7.54 3.51 -5.57
CA ALA A 70 8.28 4.75 -5.60
C ALA A 70 8.89 5.09 -4.23
N PHE A 71 8.18 4.81 -3.14
CA PHE A 71 8.70 4.97 -1.78
C PHE A 71 9.89 4.03 -1.51
N CYS A 72 9.76 2.73 -1.79
CA CYS A 72 10.84 1.75 -1.62
C CYS A 72 12.06 2.02 -2.53
N THR A 73 11.83 2.55 -3.74
CA THR A 73 12.89 3.01 -4.66
C THR A 73 13.59 4.23 -4.10
N SER A 74 12.85 5.21 -3.60
CA SER A 74 13.38 6.45 -3.01
C SER A 74 14.23 6.21 -1.75
N THR A 75 13.79 5.34 -0.83
CA THR A 75 14.56 4.94 0.37
C THR A 75 15.65 3.91 0.09
N HIS A 76 15.57 3.24 -1.07
CA HIS A 76 16.43 2.16 -1.57
C HIS A 76 16.45 0.88 -0.70
N LYS A 77 15.55 0.75 0.29
CA LYS A 77 15.34 -0.50 1.05
C LYS A 77 14.70 -1.58 0.14
N VAL A 78 15.32 -2.76 0.06
CA VAL A 78 14.88 -3.90 -0.80
C VAL A 78 13.82 -4.80 -0.13
N GLY A 79 13.55 -4.60 1.17
CA GLY A 79 12.54 -5.31 1.96
C GLY A 79 11.44 -4.39 2.50
N LEU A 80 10.29 -4.98 2.82
CA LEU A 80 9.14 -4.32 3.46
C LEU A 80 8.97 -4.77 4.92
N THR A 81 8.61 -3.84 5.79
CA THR A 81 8.40 -4.02 7.23
C THR A 81 7.24 -3.15 7.71
N SER A 82 6.68 -3.46 8.87
CA SER A 82 5.53 -2.74 9.44
C SER A 82 5.76 -1.23 9.60
N GLU A 83 7.01 -0.80 9.84
CA GLU A 83 7.40 0.61 9.91
C GLU A 83 7.30 1.31 8.55
N ILE A 84 7.61 0.62 7.44
CA ILE A 84 7.50 1.15 6.07
C ILE A 84 6.04 1.26 5.65
N LEU A 85 5.19 0.26 5.96
CA LEU A 85 3.76 0.33 5.66
C LEU A 85 3.01 1.35 6.54
N ASN A 86 3.50 1.65 7.75
CA ASN A 86 3.03 2.80 8.54
C ASN A 86 3.50 4.13 7.92
N SER A 87 4.77 4.25 7.54
CA SER A 87 5.33 5.48 6.94
C SER A 87 4.72 5.82 5.57
N PHE A 88 4.25 4.81 4.82
CA PHE A 88 3.58 4.98 3.53
C PHE A 88 2.32 5.86 3.58
N GLU A 89 1.62 5.90 4.73
CA GLU A 89 0.51 6.82 4.96
C GLU A 89 0.98 8.29 4.85
N HIS A 90 2.09 8.62 5.50
CA HIS A 90 2.67 9.97 5.48
C HIS A 90 3.34 10.32 4.13
N GLU A 91 3.66 9.32 3.31
CA GLU A 91 4.31 9.48 2.01
C GLU A 91 3.34 9.81 0.87
N PHE A 92 2.03 9.57 1.04
CA PHE A 92 1.03 9.76 -0.01
C PHE A 92 -0.38 10.02 0.53
N LEU A 93 -0.96 9.07 1.30
CA LEU A 93 -2.38 9.10 1.66
C LEU A 93 -2.72 10.29 2.56
N SER A 94 -1.88 10.64 3.52
CA SER A 94 -2.05 11.81 4.40
C SER A 94 -1.69 13.15 3.73
N LYS A 95 -0.90 13.15 2.64
CA LYS A 95 -0.60 14.36 1.86
C LYS A 95 -1.83 14.86 1.08
N ARG A 96 -2.47 13.95 0.33
CA ARG A 96 -3.65 14.12 -0.52
C ARG A 96 -3.93 12.85 -1.32
N LEU A 97 -5.19 12.41 -1.33
CA LEU A 97 -5.66 11.26 -2.11
C LEU A 97 -5.72 11.60 -3.60
N SER A 98 -5.57 10.59 -4.46
CA SER A 98 -5.69 10.69 -5.94
C SER A 98 -7.16 10.78 -6.43
N LYS A 99 -8.12 10.92 -5.51
CA LYS A 99 -9.57 10.99 -5.72
C LYS A 99 -10.22 11.90 -4.66
N ALA A 100 -11.38 12.49 -4.96
CA ALA A 100 -12.13 13.38 -4.07
C ALA A 100 -12.82 12.58 -2.94
N ARG A 101 -12.07 12.30 -1.86
CA ARG A 101 -12.50 11.58 -0.64
C ARG A 101 -13.80 12.13 -0.03
N MET A 24 -15.87 0.67 -1.25
CA MET A 24 -14.69 0.19 -2.02
C MET A 24 -14.51 -1.30 -1.79
N SER A 25 -14.67 -2.11 -2.84
CA SER A 25 -14.56 -3.57 -2.77
C SER A 25 -13.10 -4.03 -2.76
N ALA A 26 -12.47 -4.00 -1.57
CA ALA A 26 -11.10 -4.45 -1.33
C ALA A 26 -11.07 -5.73 -0.47
N SER A 27 -10.74 -6.85 -1.09
CA SER A 27 -10.32 -8.10 -0.43
C SER A 27 -8.85 -8.41 -0.75
N ALA A 28 -8.12 -9.04 0.20
CA ALA A 28 -6.69 -9.36 0.07
C ALA A 28 -6.37 -10.27 -1.12
N GLN A 29 -7.33 -11.11 -1.53
CA GLN A 29 -7.21 -11.99 -2.70
C GLN A 29 -7.07 -11.24 -4.03
N GLN A 30 -7.48 -9.96 -4.08
CA GLN A 30 -7.27 -9.07 -5.22
C GLN A 30 -5.86 -8.46 -5.16
N LEU A 31 -5.56 -7.79 -4.04
CA LEU A 31 -4.39 -6.93 -3.87
C LEU A 31 -3.08 -7.73 -3.95
N ALA A 32 -3.04 -8.92 -3.35
CA ALA A 32 -1.88 -9.81 -3.36
C ALA A 32 -1.45 -10.29 -4.77
N GLU A 33 -2.35 -10.24 -5.76
CA GLU A 33 -2.02 -10.60 -7.14
C GLU A 33 -1.09 -9.55 -7.80
N GLU A 34 -1.23 -8.27 -7.45
CA GLU A 34 -0.40 -7.19 -8.00
C GLU A 34 1.00 -7.17 -7.34
N LEU A 35 1.08 -7.40 -6.02
CA LEU A 35 2.35 -7.44 -5.27
C LEU A 35 3.35 -8.45 -5.85
N GLN A 36 2.86 -9.57 -6.39
CA GLN A 36 3.66 -10.62 -7.02
C GLN A 36 4.21 -10.23 -8.41
N ILE A 37 3.66 -9.19 -9.06
CA ILE A 37 4.21 -8.63 -10.31
C ILE A 37 5.41 -7.72 -10.00
N PHE A 38 5.26 -6.85 -8.98
CA PHE A 38 6.23 -5.82 -8.62
C PHE A 38 7.32 -6.30 -7.65
N GLY A 39 7.19 -7.50 -7.07
CA GLY A 39 8.15 -8.08 -6.11
C GLY A 39 8.03 -7.50 -4.70
N LEU A 40 6.84 -7.00 -4.33
CA LEU A 40 6.57 -6.39 -3.02
C LEU A 40 6.40 -7.50 -1.96
N ASP A 41 7.40 -7.65 -1.09
CA ASP A 41 7.59 -8.78 -0.15
C ASP A 41 6.74 -8.67 1.12
N CYS A 42 5.47 -8.28 0.98
CA CYS A 42 4.50 -8.23 2.09
C CYS A 42 4.04 -9.63 2.52
N GLU A 43 4.07 -9.92 3.82
CA GLU A 43 3.28 -11.00 4.43
C GLU A 43 1.80 -10.62 4.55
N GLU A 44 0.95 -11.60 4.89
CA GLU A 44 -0.49 -11.41 5.11
C GLU A 44 -0.82 -10.23 6.05
N ALA A 45 -0.05 -10.03 7.13
CA ALA A 45 -0.25 -8.94 8.08
C ALA A 45 0.09 -7.55 7.49
N LEU A 46 0.96 -7.49 6.48
CA LEU A 46 1.25 -6.27 5.72
C LEU A 46 0.29 -6.09 4.54
N ILE A 47 -0.16 -7.16 3.88
CA ILE A 47 -1.21 -7.12 2.83
C ILE A 47 -2.52 -6.53 3.39
N GLU A 48 -2.94 -6.99 4.57
CA GLU A 48 -4.09 -6.45 5.29
C GLU A 48 -3.97 -4.94 5.57
N LYS A 49 -2.76 -4.36 5.66
CA LYS A 49 -2.62 -2.91 5.82
C LYS A 49 -3.07 -2.13 4.59
N LEU A 50 -2.71 -2.58 3.37
CA LEU A 50 -3.16 -1.91 2.14
C LEU A 50 -4.67 -2.11 1.92
N VAL A 51 -5.21 -3.28 2.28
CA VAL A 51 -6.67 -3.53 2.31
C VAL A 51 -7.37 -2.58 3.28
N GLU A 52 -6.82 -2.34 4.48
CA GLU A 52 -7.32 -1.35 5.44
C GLU A 52 -7.33 0.06 4.85
N LEU A 53 -6.24 0.51 4.19
CA LEU A 53 -6.20 1.82 3.53
C LEU A 53 -7.36 1.99 2.54
N CYS A 54 -7.68 0.97 1.74
CA CYS A 54 -8.79 0.99 0.78
C CYS A 54 -10.17 1.16 1.43
N VAL A 55 -10.33 0.75 2.69
CA VAL A 55 -11.57 0.92 3.47
C VAL A 55 -11.58 2.28 4.20
N GLN A 56 -10.44 2.71 4.76
CA GLN A 56 -10.31 3.94 5.54
C GLN A 56 -10.31 5.21 4.64
N TYR A 57 -9.53 5.20 3.56
CA TYR A 57 -9.34 6.34 2.64
C TYR A 57 -10.29 6.30 1.42
N GLY A 58 -10.80 5.11 1.07
CA GLY A 58 -11.73 4.90 -0.05
C GLY A 58 -11.08 4.84 -1.44
N GLN A 59 -9.77 5.05 -1.53
CA GLN A 59 -8.99 4.98 -2.77
C GLN A 59 -8.80 3.51 -3.20
N ASN A 60 -8.75 3.27 -4.51
CA ASN A 60 -8.57 1.92 -5.09
C ASN A 60 -7.16 1.35 -4.84
N GLU A 61 -7.06 0.02 -4.73
CA GLU A 61 -5.84 -0.77 -4.53
C GLU A 61 -4.67 -0.41 -5.47
N GLU A 62 -4.95 -0.02 -6.73
CA GLU A 62 -3.94 0.35 -7.72
C GLU A 62 -3.10 1.57 -7.27
N GLY A 63 -3.71 2.53 -6.56
CA GLY A 63 -3.01 3.69 -6.00
C GLY A 63 -2.14 3.30 -4.80
N MET A 64 -2.65 2.43 -3.93
CA MET A 64 -1.90 1.89 -2.78
C MET A 64 -0.68 1.09 -3.23
N VAL A 65 -0.88 0.14 -4.15
CA VAL A 65 0.19 -0.73 -4.66
C VAL A 65 1.20 0.08 -5.50
N GLY A 66 0.73 1.01 -6.34
CA GLY A 66 1.58 1.75 -7.29
C GLY A 66 2.50 2.77 -6.62
N GLU A 67 1.97 3.58 -5.70
CA GLU A 67 2.76 4.65 -5.05
C GLU A 67 3.72 4.10 -3.97
N LEU A 68 3.44 2.93 -3.40
CA LEU A 68 4.33 2.26 -2.44
C LEU A 68 5.66 1.84 -3.08
N ILE A 69 5.66 1.45 -4.36
CA ILE A 69 6.88 1.05 -5.11
C ILE A 69 7.89 2.20 -5.14
N ALA A 70 7.44 3.42 -5.41
CA ALA A 70 8.29 4.61 -5.47
C ALA A 70 8.97 4.88 -4.12
N PHE A 71 8.22 4.73 -3.01
CA PHE A 71 8.77 4.88 -1.66
C PHE A 71 9.77 3.77 -1.30
N CYS A 72 9.48 2.49 -1.61
CA CYS A 72 10.42 1.38 -1.42
C CYS A 72 11.70 1.55 -2.24
N THR A 73 11.58 2.07 -3.48
CA THR A 73 12.72 2.38 -4.38
C THR A 73 13.57 3.51 -3.81
N SER A 74 12.96 4.61 -3.37
CA SER A 74 13.70 5.78 -2.86
C SER A 74 14.35 5.56 -1.49
N THR A 75 13.70 4.80 -0.58
CA THR A 75 14.26 4.44 0.73
C THR A 75 15.27 3.29 0.63
N HIS A 76 15.12 2.44 -0.38
CA HIS A 76 16.13 1.49 -0.90
C HIS A 76 16.36 0.24 -0.01
N LYS A 77 15.48 -0.02 0.96
CA LYS A 77 15.51 -1.26 1.77
C LYS A 77 15.11 -2.51 0.96
N VAL A 78 15.64 -3.68 1.35
CA VAL A 78 15.23 -4.99 0.80
C VAL A 78 13.95 -5.45 1.50
N GLY A 79 12.90 -5.72 0.71
CA GLY A 79 11.57 -6.09 1.21
C GLY A 79 10.83 -4.94 1.88
N LEU A 80 9.79 -5.27 2.67
CA LEU A 80 8.96 -4.31 3.40
C LEU A 80 8.84 -4.67 4.89
N THR A 81 8.51 -3.67 5.72
CA THR A 81 8.40 -3.75 7.18
C THR A 81 7.16 -2.99 7.67
N SER A 82 6.78 -3.24 8.91
CA SER A 82 5.72 -2.48 9.59
C SER A 82 6.01 -0.97 9.66
N GLU A 83 7.28 -0.57 9.67
CA GLU A 83 7.72 0.83 9.63
C GLU A 83 7.54 1.45 8.23
N ILE A 84 7.83 0.71 7.15
CA ILE A 84 7.61 1.16 5.77
C ILE A 84 6.11 1.33 5.50
N LEU A 85 5.28 0.36 5.89
CA LEU A 85 3.82 0.46 5.72
C LEU A 85 3.18 1.54 6.62
N ASN A 86 3.74 1.82 7.80
CA ASN A 86 3.33 2.96 8.63
C ASN A 86 3.70 4.30 7.95
N SER A 87 4.93 4.41 7.46
CA SER A 87 5.44 5.65 6.82
C SER A 87 4.73 5.99 5.50
N PHE A 88 4.27 4.98 4.75
CA PHE A 88 3.53 5.15 3.49
C PHE A 88 2.25 6.01 3.65
N GLU A 89 1.58 5.95 4.80
CA GLU A 89 0.42 6.80 5.11
C GLU A 89 0.76 8.30 4.98
N HIS A 90 1.93 8.71 5.45
CA HIS A 90 2.39 10.11 5.42
C HIS A 90 3.08 10.48 4.08
N GLU A 91 3.38 9.49 3.23
CA GLU A 91 4.14 9.66 1.99
C GLU A 91 3.25 9.83 0.74
N PHE A 92 1.97 9.44 0.80
CA PHE A 92 1.00 9.75 -0.26
C PHE A 92 -0.43 9.96 0.26
N LEU A 93 -0.96 9.05 1.08
CA LEU A 93 -2.38 9.05 1.47
C LEU A 93 -2.77 10.30 2.26
N SER A 94 -2.24 10.47 3.46
CA SER A 94 -2.44 11.68 4.28
C SER A 94 -1.64 12.89 3.75
N LYS A 95 -0.65 12.68 2.87
CA LYS A 95 0.04 13.78 2.20
C LYS A 95 -0.93 14.56 1.29
N ARG A 96 -1.59 13.86 0.36
CA ARG A 96 -2.53 14.42 -0.62
C ARG A 96 -3.91 14.73 -0.01
N LEU A 97 -4.44 13.86 0.86
CA LEU A 97 -5.76 14.03 1.47
C LEU A 97 -5.69 14.92 2.72
N SER A 98 -6.19 16.15 2.62
CA SER A 98 -6.24 17.11 3.73
C SER A 98 -7.27 16.76 4.82
N LYS A 99 -8.24 15.90 4.49
CA LYS A 99 -9.27 15.39 5.42
C LYS A 99 -8.69 14.44 6.49
N ALA A 100 -7.59 13.76 6.19
CA ALA A 100 -6.91 12.80 7.08
C ALA A 100 -5.99 13.48 8.13
N ARG A 101 -5.60 14.75 7.91
CA ARG A 101 -4.76 15.56 8.81
C ARG A 101 -5.58 16.39 9.80
N MET A 24 -15.64 0.10 0.10
CA MET A 24 -14.59 -0.34 -0.87
C MET A 24 -14.34 -1.84 -0.70
N SER A 25 -14.71 -2.64 -1.69
CA SER A 25 -14.63 -4.12 -1.64
C SER A 25 -13.23 -4.65 -2.04
N ALA A 26 -12.17 -4.11 -1.41
CA ALA A 26 -10.77 -4.47 -1.66
C ALA A 26 -10.40 -5.82 -1.01
N SER A 27 -10.83 -6.93 -1.61
CA SER A 27 -10.52 -8.28 -1.13
C SER A 27 -9.00 -8.57 -1.15
N ALA A 28 -8.48 -9.20 -0.08
CA ALA A 28 -7.04 -9.40 0.14
C ALA A 28 -6.35 -10.18 -0.99
N GLN A 29 -7.05 -11.12 -1.63
CA GLN A 29 -6.54 -11.90 -2.75
C GLN A 29 -6.31 -11.06 -4.01
N GLN A 30 -7.10 -9.99 -4.23
CA GLN A 30 -6.94 -9.09 -5.38
C GLN A 30 -5.75 -8.15 -5.17
N LEU A 31 -5.51 -7.70 -3.93
CA LEU A 31 -4.32 -6.91 -3.59
C LEU A 31 -3.06 -7.78 -3.66
N ALA A 32 -3.11 -9.01 -3.15
CA ALA A 32 -2.01 -9.99 -3.25
C ALA A 32 -1.69 -10.38 -4.71
N GLU A 33 -2.69 -10.43 -5.60
CA GLU A 33 -2.49 -10.62 -7.04
C GLU A 33 -1.73 -9.43 -7.66
N GLU A 34 -1.96 -8.19 -7.20
CA GLU A 34 -1.22 -7.00 -7.66
C GLU A 34 0.25 -7.00 -7.15
N LEU A 35 0.51 -7.45 -5.92
CA LEU A 35 1.88 -7.64 -5.40
C LEU A 35 2.71 -8.52 -6.34
N GLN A 36 2.13 -9.61 -6.87
CA GLN A 36 2.80 -10.54 -7.79
C GLN A 36 3.17 -9.88 -9.15
N ILE A 37 2.42 -8.86 -9.60
CA ILE A 37 2.74 -8.11 -10.85
C ILE A 37 3.99 -7.24 -10.67
N PHE A 38 4.15 -6.60 -9.51
CA PHE A 38 5.31 -5.77 -9.16
C PHE A 38 6.50 -6.56 -8.59
N GLY A 39 6.34 -7.87 -8.31
CA GLY A 39 7.36 -8.73 -7.71
C GLY A 39 7.49 -8.60 -6.19
N LEU A 40 6.50 -7.97 -5.52
CA LEU A 40 6.40 -7.84 -4.07
C LEU A 40 5.93 -9.15 -3.42
N ASP A 41 6.11 -9.23 -2.09
CA ASP A 41 5.65 -10.33 -1.24
C ASP A 41 5.42 -9.81 0.19
N CYS A 42 4.26 -10.15 0.76
CA CYS A 42 3.78 -9.70 2.08
C CYS A 42 3.12 -10.86 2.84
N GLU A 43 3.21 -10.82 4.18
CA GLU A 43 2.39 -11.65 5.06
C GLU A 43 0.94 -11.12 5.13
N GLU A 44 0.00 -11.94 5.62
CA GLU A 44 -1.41 -11.59 5.81
C GLU A 44 -1.57 -10.27 6.59
N ALA A 45 -0.77 -10.06 7.64
CA ALA A 45 -0.82 -8.85 8.47
C ALA A 45 -0.40 -7.56 7.72
N LEU A 46 0.43 -7.68 6.68
CA LEU A 46 0.81 -6.56 5.80
C LEU A 46 -0.14 -6.41 4.61
N ILE A 47 -0.70 -7.50 4.07
CA ILE A 47 -1.79 -7.41 3.06
C ILE A 47 -3.00 -6.69 3.68
N GLU A 48 -3.40 -7.08 4.89
CA GLU A 48 -4.42 -6.38 5.69
C GLU A 48 -4.07 -4.92 5.94
N LYS A 49 -2.79 -4.55 6.11
CA LYS A 49 -2.37 -3.15 6.25
C LYS A 49 -2.68 -2.31 4.99
N LEU A 50 -2.41 -2.83 3.79
CA LEU A 50 -2.74 -2.12 2.54
C LEU A 50 -4.24 -2.20 2.20
N VAL A 51 -4.91 -3.31 2.51
CA VAL A 51 -6.39 -3.42 2.40
C VAL A 51 -7.08 -2.39 3.31
N GLU A 52 -6.58 -2.20 4.54
CA GLU A 52 -7.10 -1.19 5.47
C GLU A 52 -7.01 0.23 4.89
N LEU A 53 -5.95 0.57 4.15
CA LEU A 53 -5.86 1.87 3.45
C LEU A 53 -6.98 2.00 2.40
N CYS A 54 -7.19 0.97 1.59
CA CYS A 54 -8.23 0.95 0.55
C CYS A 54 -9.63 1.14 1.16
N VAL A 55 -9.90 0.54 2.32
CA VAL A 55 -11.17 0.64 3.06
C VAL A 55 -11.33 2.00 3.75
N GLN A 56 -10.27 2.54 4.38
CA GLN A 56 -10.29 3.80 5.13
C GLN A 56 -10.34 5.04 4.21
N TYR A 57 -9.43 5.12 3.25
CA TYR A 57 -9.26 6.26 2.35
C TYR A 57 -10.18 6.22 1.12
N GLY A 58 -10.70 5.05 0.75
CA GLY A 58 -11.54 4.86 -0.44
C GLY A 58 -10.77 5.06 -1.75
N GLN A 59 -9.47 4.81 -1.73
CA GLN A 59 -8.56 4.86 -2.88
C GLN A 59 -8.21 3.43 -3.30
N ASN A 60 -8.01 3.18 -4.61
CA ASN A 60 -7.79 1.83 -5.14
C ASN A 60 -6.45 1.20 -4.71
N GLU A 61 -6.41 -0.13 -4.78
CA GLU A 61 -5.26 -0.97 -4.43
C GLU A 61 -4.03 -0.72 -5.32
N GLU A 62 -4.21 -0.36 -6.60
CA GLU A 62 -3.10 0.07 -7.48
C GLU A 62 -2.46 1.39 -7.02
N GLY A 63 -3.25 2.26 -6.37
CA GLY A 63 -2.77 3.50 -5.72
C GLY A 63 -2.04 3.24 -4.41
N MET A 64 -2.17 2.04 -3.82
CA MET A 64 -1.31 1.55 -2.75
C MET A 64 -0.07 0.85 -3.33
N VAL A 65 -0.28 -0.26 -4.05
CA VAL A 65 0.76 -1.22 -4.45
C VAL A 65 1.76 -0.63 -5.45
N GLY A 66 1.31 0.23 -6.39
CA GLY A 66 2.18 0.83 -7.40
C GLY A 66 2.99 2.02 -6.86
N GLU A 67 2.37 2.85 -6.01
CA GLU A 67 3.02 4.04 -5.44
C GLU A 67 4.02 3.68 -4.32
N LEU A 68 3.83 2.54 -3.63
CA LEU A 68 4.73 2.03 -2.61
C LEU A 68 6.13 1.71 -3.15
N ILE A 69 6.25 1.31 -4.43
CA ILE A 69 7.53 1.07 -5.12
C ILE A 69 8.41 2.33 -5.11
N ALA A 70 7.82 3.48 -5.44
CA ALA A 70 8.53 4.75 -5.52
C ALA A 70 9.10 5.17 -4.15
N PHE A 71 8.35 4.94 -3.07
CA PHE A 71 8.80 5.20 -1.70
C PHE A 71 9.99 4.29 -1.29
N CYS A 72 9.89 2.99 -1.53
CA CYS A 72 10.99 2.05 -1.27
C CYS A 72 12.25 2.36 -2.12
N THR A 73 12.06 2.80 -3.38
CA THR A 73 13.14 3.17 -4.30
C THR A 73 13.82 4.46 -3.85
N SER A 74 13.07 5.51 -3.51
CA SER A 74 13.64 6.82 -3.15
C SER A 74 14.37 6.82 -1.78
N THR A 75 13.89 6.01 -0.82
CA THR A 75 14.56 5.79 0.48
C THR A 75 15.68 4.75 0.39
N HIS A 76 15.61 3.84 -0.58
CA HIS A 76 16.62 2.85 -0.98
C HIS A 76 16.61 1.60 -0.05
N LYS A 77 15.47 1.33 0.58
CA LYS A 77 15.28 0.21 1.51
C LYS A 77 15.23 -1.15 0.79
N VAL A 78 15.70 -2.21 1.47
CA VAL A 78 15.60 -3.62 1.03
C VAL A 78 14.63 -4.34 1.96
N GLY A 79 13.58 -4.95 1.37
CA GLY A 79 12.48 -5.58 2.11
C GLY A 79 11.45 -4.58 2.65
N LEU A 80 10.37 -5.12 3.22
CA LEU A 80 9.26 -4.38 3.83
C LEU A 80 8.88 -5.01 5.19
N THR A 81 8.23 -4.20 6.03
CA THR A 81 7.75 -4.49 7.39
C THR A 81 6.94 -3.29 7.86
N SER A 82 6.26 -3.39 9.01
CA SER A 82 5.24 -2.43 9.46
C SER A 82 5.70 -0.96 9.50
N GLU A 83 6.98 -0.71 9.77
CA GLU A 83 7.59 0.64 9.78
C GLU A 83 7.56 1.31 8.39
N ILE A 84 7.64 0.54 7.30
CA ILE A 84 7.55 1.05 5.92
C ILE A 84 6.10 1.42 5.62
N LEU A 85 5.15 0.52 5.91
CA LEU A 85 3.73 0.73 5.61
C LEU A 85 3.07 1.80 6.48
N ASN A 86 3.53 1.98 7.72
CA ASN A 86 3.12 3.10 8.58
C ASN A 86 3.67 4.46 8.08
N SER A 87 4.85 4.46 7.45
CA SER A 87 5.38 5.66 6.78
C SER A 87 4.66 5.94 5.46
N PHE A 88 4.23 4.92 4.72
CA PHE A 88 3.54 5.05 3.43
C PHE A 88 2.19 5.79 3.53
N GLU A 89 1.48 5.68 4.66
CA GLU A 89 0.30 6.50 4.97
C GLU A 89 0.63 7.99 4.94
N HIS A 90 1.71 8.38 5.63
CA HIS A 90 2.18 9.77 5.72
C HIS A 90 2.84 10.26 4.42
N GLU A 91 3.35 9.36 3.58
CA GLU A 91 4.02 9.64 2.31
C GLU A 91 3.04 10.05 1.19
N PHE A 92 1.76 9.66 1.25
CA PHE A 92 0.83 9.82 0.12
C PHE A 92 -0.64 9.94 0.54
N LEU A 93 -1.17 9.03 1.38
CA LEU A 93 -2.60 8.95 1.67
C LEU A 93 -3.07 10.08 2.60
N SER A 94 -2.32 10.37 3.66
CA SER A 94 -2.66 11.43 4.62
C SER A 94 -2.47 12.85 4.06
N LYS A 95 -1.40 13.10 3.27
CA LYS A 95 -1.00 14.46 2.88
C LYS A 95 -1.44 14.92 1.47
N ARG A 96 -2.04 14.03 0.65
CA ARG A 96 -2.60 14.41 -0.66
C ARG A 96 -3.79 13.58 -1.16
N LEU A 97 -3.80 12.25 -0.98
CA LEU A 97 -4.88 11.29 -1.35
C LEU A 97 -5.07 11.10 -2.86
N SER A 98 -5.11 12.20 -3.63
CA SER A 98 -5.13 12.29 -5.12
C SER A 98 -6.54 12.13 -5.74
N LYS A 99 -7.58 12.05 -4.91
CA LYS A 99 -8.99 12.13 -5.32
C LYS A 99 -9.48 13.60 -5.39
N ALA A 100 -10.81 13.80 -5.35
CA ALA A 100 -11.46 15.11 -5.38
C ALA A 100 -11.32 15.94 -4.09
N ARG A 101 -10.88 15.33 -2.98
CA ARG A 101 -10.57 15.99 -1.70
C ARG A 101 -9.05 16.13 -1.53
N MET A 24 -18.41 -4.58 2.04
CA MET A 24 -17.59 -5.50 1.21
C MET A 24 -16.18 -4.95 1.13
N SER A 25 -15.19 -5.64 1.70
CA SER A 25 -13.83 -5.13 1.81
C SER A 25 -13.03 -5.23 0.50
N ALA A 26 -11.89 -4.53 0.40
CA ALA A 26 -11.05 -4.46 -0.81
C ALA A 26 -10.32 -5.78 -1.15
N SER A 27 -10.18 -6.69 -0.17
CA SER A 27 -9.68 -8.08 -0.27
C SER A 27 -8.15 -8.20 -0.35
N ALA A 28 -7.56 -8.98 0.56
CA ALA A 28 -6.13 -9.29 0.58
C ALA A 28 -5.71 -10.11 -0.65
N GLN A 29 -6.57 -11.02 -1.11
CA GLN A 29 -6.33 -11.88 -2.27
C GLN A 29 -6.37 -11.06 -3.57
N GLN A 30 -7.20 -10.01 -3.65
CA GLN A 30 -7.22 -9.09 -4.78
C GLN A 30 -5.97 -8.20 -4.79
N LEU A 31 -5.58 -7.64 -3.63
CA LEU A 31 -4.40 -6.77 -3.53
C LEU A 31 -3.09 -7.51 -3.87
N ALA A 32 -2.97 -8.76 -3.41
CA ALA A 32 -1.84 -9.64 -3.72
C ALA A 32 -1.66 -9.94 -5.23
N GLU A 33 -2.72 -9.79 -6.03
CA GLU A 33 -2.67 -10.02 -7.48
C GLU A 33 -1.79 -8.99 -8.21
N GLU A 34 -1.63 -7.77 -7.66
CA GLU A 34 -0.70 -6.76 -8.17
C GLU A 34 0.73 -6.95 -7.62
N LEU A 35 0.91 -7.30 -6.34
CA LEU A 35 2.23 -7.46 -5.70
C LEU A 35 3.16 -8.39 -6.50
N GLN A 36 2.63 -9.51 -6.99
CA GLN A 36 3.35 -10.50 -7.79
C GLN A 36 3.81 -10.00 -9.18
N ILE A 37 3.21 -8.92 -9.71
CA ILE A 37 3.60 -8.32 -10.99
C ILE A 37 4.82 -7.40 -10.81
N PHE A 38 4.83 -6.64 -9.73
CA PHE A 38 5.89 -5.69 -9.38
C PHE A 38 7.07 -6.35 -8.63
N GLY A 39 6.97 -7.63 -8.26
CA GLY A 39 8.01 -8.38 -7.54
C GLY A 39 8.02 -8.12 -6.03
N LEU A 40 6.94 -7.56 -5.49
CA LEU A 40 6.77 -7.29 -4.06
C LEU A 40 6.47 -8.58 -3.28
N ASP A 41 7.16 -8.77 -2.16
CA ASP A 41 7.00 -9.92 -1.26
C ASP A 41 6.45 -9.46 0.10
N CYS A 42 5.30 -10.01 0.51
CA CYS A 42 4.57 -9.66 1.73
C CYS A 42 3.91 -10.89 2.37
N GLU A 43 3.52 -10.76 3.64
CA GLU A 43 2.61 -11.67 4.35
C GLU A 43 1.24 -11.02 4.57
N GLU A 44 0.26 -11.82 5.00
CA GLU A 44 -1.10 -11.37 5.30
C GLU A 44 -1.13 -10.16 6.26
N ALA A 45 -0.27 -10.15 7.28
CA ALA A 45 -0.17 -9.06 8.25
C ALA A 45 0.32 -7.73 7.64
N LEU A 46 1.12 -7.78 6.57
CA LEU A 46 1.54 -6.59 5.82
C LEU A 46 0.50 -6.20 4.77
N ILE A 47 -0.18 -7.16 4.13
CA ILE A 47 -1.24 -6.93 3.14
C ILE A 47 -2.48 -6.27 3.77
N GLU A 48 -2.90 -6.74 4.96
CA GLU A 48 -4.01 -6.12 5.72
C GLU A 48 -3.78 -4.63 5.96
N LYS A 49 -2.54 -4.20 6.21
CA LYS A 49 -2.20 -2.78 6.42
C LYS A 49 -2.52 -1.91 5.19
N LEU A 50 -2.45 -2.44 3.95
CA LEU A 50 -2.88 -1.73 2.74
C LEU A 50 -4.39 -1.90 2.50
N VAL A 51 -4.96 -3.09 2.75
CA VAL A 51 -6.43 -3.32 2.64
C VAL A 51 -7.20 -2.38 3.58
N GLU A 52 -6.69 -2.12 4.79
CA GLU A 52 -7.23 -1.11 5.70
C GLU A 52 -7.29 0.29 5.07
N LEU A 53 -6.26 0.72 4.33
CA LEU A 53 -6.29 2.02 3.65
C LEU A 53 -7.37 2.05 2.56
N CYS A 54 -7.44 1.00 1.74
CA CYS A 54 -8.43 0.89 0.67
C CYS A 54 -9.88 1.02 1.20
N VAL A 55 -10.14 0.43 2.37
CA VAL A 55 -11.46 0.44 3.04
C VAL A 55 -11.71 1.77 3.78
N GLN A 56 -10.73 2.29 4.51
CA GLN A 56 -10.85 3.51 5.31
C GLN A 56 -10.98 4.77 4.41
N TYR A 57 -10.19 4.86 3.35
CA TYR A 57 -10.18 5.99 2.41
C TYR A 57 -11.17 5.81 1.24
N GLY A 58 -11.64 4.57 0.98
CA GLY A 58 -12.63 4.27 -0.07
C GLY A 58 -12.01 4.38 -1.45
N GLN A 59 -10.91 3.68 -1.68
CA GLN A 59 -9.96 3.93 -2.76
C GLN A 59 -9.40 2.61 -3.32
N ASN A 60 -9.05 2.62 -4.62
CA ASN A 60 -8.55 1.45 -5.33
C ASN A 60 -7.09 1.11 -4.96
N GLU A 61 -6.81 -0.19 -4.79
CA GLU A 61 -5.53 -0.74 -4.38
C GLU A 61 -4.34 -0.48 -5.33
N GLU A 62 -4.59 -0.16 -6.61
CA GLU A 62 -3.55 0.19 -7.58
C GLU A 62 -2.73 1.43 -7.15
N GLY A 63 -3.36 2.39 -6.44
CA GLY A 63 -2.66 3.54 -5.86
C GLY A 63 -1.81 3.13 -4.65
N MET A 64 -2.37 2.30 -3.77
CA MET A 64 -1.70 1.78 -2.56
C MET A 64 -0.49 0.92 -2.93
N VAL A 65 -0.61 0.02 -3.91
CA VAL A 65 0.52 -0.81 -4.37
C VAL A 65 1.51 0.00 -5.23
N GLY A 66 1.02 0.86 -6.14
CA GLY A 66 1.86 1.57 -7.12
C GLY A 66 2.79 2.61 -6.50
N GLU A 67 2.26 3.47 -5.63
CA GLU A 67 3.04 4.54 -5.01
C GLU A 67 4.01 4.04 -3.92
N LEU A 68 3.75 2.86 -3.35
CA LEU A 68 4.62 2.21 -2.36
C LEU A 68 5.97 1.79 -2.95
N ILE A 69 5.98 1.40 -4.24
CA ILE A 69 7.19 0.96 -4.98
C ILE A 69 8.20 2.12 -5.06
N ALA A 70 7.75 3.31 -5.44
CA ALA A 70 8.61 4.50 -5.49
C ALA A 70 9.24 4.80 -4.11
N PHE A 71 8.46 4.68 -3.03
CA PHE A 71 8.92 4.91 -1.67
C PHE A 71 9.98 3.88 -1.24
N CYS A 72 9.73 2.57 -1.39
CA CYS A 72 10.65 1.52 -0.93
C CYS A 72 11.93 1.41 -1.82
N THR A 73 11.85 1.74 -3.11
CA THR A 73 13.02 1.78 -4.01
C THR A 73 13.87 3.00 -3.75
N SER A 74 13.30 4.20 -3.61
CA SER A 74 14.10 5.44 -3.48
C SER A 74 14.91 5.55 -2.18
N THR A 75 14.48 4.86 -1.11
CA THR A 75 15.24 4.73 0.16
C THR A 75 16.31 3.64 0.11
N HIS A 76 16.18 2.69 -0.82
CA HIS A 76 17.10 1.57 -1.10
C HIS A 76 17.02 0.42 -0.08
N LYS A 77 16.10 0.48 0.89
CA LYS A 77 15.86 -0.60 1.86
C LYS A 77 15.29 -1.86 1.15
N VAL A 78 15.80 -3.05 1.50
CA VAL A 78 15.31 -4.33 0.96
C VAL A 78 13.99 -4.75 1.64
N GLY A 79 13.05 -5.26 0.85
CA GLY A 79 11.79 -5.83 1.34
C GLY A 79 10.80 -4.78 1.88
N LEU A 80 9.83 -5.26 2.66
CA LEU A 80 8.80 -4.45 3.33
C LEU A 80 8.58 -4.94 4.78
N THR A 81 8.36 -3.98 5.68
CA THR A 81 8.13 -4.16 7.13
C THR A 81 7.08 -3.17 7.60
N SER A 82 6.41 -3.47 8.72
CA SER A 82 5.24 -2.73 9.22
C SER A 82 5.46 -1.21 9.38
N GLU A 83 6.70 -0.77 9.67
CA GLU A 83 7.07 0.64 9.76
C GLU A 83 6.97 1.37 8.40
N ILE A 84 7.32 0.70 7.31
CA ILE A 84 7.26 1.26 5.94
C ILE A 84 5.80 1.41 5.51
N LEU A 85 4.95 0.40 5.73
CA LEU A 85 3.52 0.46 5.43
C LEU A 85 2.78 1.48 6.31
N ASN A 86 3.22 1.71 7.55
CA ASN A 86 2.69 2.77 8.41
C ASN A 86 3.13 4.17 7.95
N SER A 87 4.41 4.33 7.56
CA SER A 87 4.94 5.59 7.02
C SER A 87 4.28 5.98 5.69
N PHE A 88 3.91 5.01 4.85
CA PHE A 88 3.25 5.22 3.56
C PHE A 88 1.97 6.09 3.62
N GLU A 89 1.26 6.09 4.76
CA GLU A 89 0.10 6.96 5.00
C GLU A 89 0.45 8.46 4.87
N HIS A 90 1.67 8.86 5.26
CA HIS A 90 2.19 10.23 5.09
C HIS A 90 2.70 10.49 3.65
N GLU A 91 3.18 9.45 2.95
CA GLU A 91 3.83 9.60 1.64
C GLU A 91 2.83 9.77 0.49
N PHE A 92 1.55 9.42 0.68
CA PHE A 92 0.53 9.50 -0.38
C PHE A 92 -0.89 9.80 0.15
N LEU A 93 -1.36 9.11 1.19
CA LEU A 93 -2.79 9.16 1.57
C LEU A 93 -3.19 10.48 2.24
N SER A 94 -2.41 11.00 3.19
CA SER A 94 -2.69 12.31 3.83
C SER A 94 -2.58 13.50 2.86
N LYS A 95 -1.81 13.35 1.77
CA LYS A 95 -1.71 14.33 0.68
C LYS A 95 -2.96 14.31 -0.22
N ARG A 96 -3.51 13.12 -0.50
CA ARG A 96 -4.53 12.87 -1.53
C ARG A 96 -5.96 13.17 -1.06
N LEU A 97 -6.31 12.87 0.21
CA LEU A 97 -7.69 12.93 0.71
C LEU A 97 -8.17 14.40 0.80
N SER A 98 -9.25 14.72 0.07
CA SER A 98 -9.83 16.08 0.03
C SER A 98 -10.90 16.32 1.11
N LYS A 99 -11.37 15.26 1.77
CA LYS A 99 -12.42 15.31 2.79
C LYS A 99 -11.85 15.66 4.19
N ALA A 100 -12.49 16.59 4.89
CA ALA A 100 -12.17 17.00 6.26
C ALA A 100 -12.85 16.07 7.31
N ARG A 101 -12.72 14.75 7.11
CA ARG A 101 -13.36 13.69 7.90
C ARG A 101 -12.83 13.59 9.33
N MET A 24 -18.10 -1.45 0.56
CA MET A 24 -17.68 -2.40 -0.50
C MET A 24 -16.16 -2.59 -0.42
N SER A 25 -15.71 -3.59 0.33
CA SER A 25 -14.28 -3.80 0.61
C SER A 25 -13.55 -4.58 -0.50
N ALA A 26 -12.27 -4.26 -0.76
CA ALA A 26 -11.46 -4.91 -1.80
C ALA A 26 -11.04 -6.34 -1.43
N SER A 27 -10.59 -6.54 -0.18
CA SER A 27 -10.06 -7.78 0.43
C SER A 27 -8.58 -8.05 0.10
N ALA A 28 -7.86 -8.66 1.05
CA ALA A 28 -6.48 -9.12 0.87
C ALA A 28 -6.35 -10.14 -0.28
N GLN A 29 -7.41 -10.91 -0.55
CA GLN A 29 -7.47 -11.89 -1.64
C GLN A 29 -7.42 -11.23 -3.04
N GLN A 30 -7.84 -9.96 -3.16
CA GLN A 30 -7.73 -9.18 -4.40
C GLN A 30 -6.42 -8.40 -4.45
N LEU A 31 -5.99 -7.80 -3.33
CA LEU A 31 -4.80 -6.95 -3.25
C LEU A 31 -3.50 -7.75 -3.46
N ALA A 32 -3.39 -8.93 -2.84
CA ALA A 32 -2.20 -9.78 -2.90
C ALA A 32 -1.85 -10.25 -4.32
N GLU A 33 -2.83 -10.34 -5.24
CA GLU A 33 -2.64 -10.79 -6.61
C GLU A 33 -1.80 -9.82 -7.45
N GLU A 34 -1.86 -8.51 -7.16
CA GLU A 34 -1.13 -7.47 -7.90
C GLU A 34 0.39 -7.49 -7.62
N LEU A 35 0.80 -7.95 -6.43
CA LEU A 35 2.19 -7.92 -5.96
C LEU A 35 3.16 -8.65 -6.90
N GLN A 36 2.71 -9.75 -7.53
CA GLN A 36 3.50 -10.56 -8.47
C GLN A 36 3.82 -9.82 -9.78
N ILE A 37 3.01 -8.80 -10.16
CA ILE A 37 3.21 -8.00 -11.38
C ILE A 37 4.38 -7.03 -11.20
N PHE A 38 4.48 -6.44 -10.00
CA PHE A 38 5.51 -5.47 -9.61
C PHE A 38 6.78 -6.11 -9.02
N GLY A 39 6.77 -7.42 -8.73
CA GLY A 39 7.87 -8.13 -8.08
C GLY A 39 7.92 -7.95 -6.56
N LEU A 40 6.81 -7.52 -5.94
CA LEU A 40 6.65 -7.32 -4.50
C LEU A 40 6.33 -8.64 -3.77
N ASP A 41 6.50 -8.63 -2.44
CA ASP A 41 6.21 -9.75 -1.54
C ASP A 41 5.98 -9.24 -0.10
N CYS A 42 4.94 -9.78 0.55
CA CYS A 42 4.49 -9.44 1.91
C CYS A 42 3.74 -10.63 2.54
N GLU A 43 3.71 -10.68 3.88
CA GLU A 43 2.79 -11.51 4.65
C GLU A 43 1.39 -10.88 4.76
N GLU A 44 0.38 -11.68 5.13
CA GLU A 44 -1.01 -11.23 5.31
C GLU A 44 -1.11 -10.02 6.25
N ALA A 45 -0.32 -10.00 7.34
CA ALA A 45 -0.32 -8.89 8.32
C ALA A 45 0.19 -7.55 7.73
N LEU A 46 1.04 -7.59 6.69
CA LEU A 46 1.48 -6.40 5.95
C LEU A 46 0.53 -6.07 4.80
N ILE A 47 -0.05 -7.07 4.13
CA ILE A 47 -1.07 -6.90 3.07
C ILE A 47 -2.31 -6.19 3.63
N GLU A 48 -2.77 -6.57 4.83
CA GLU A 48 -3.90 -5.95 5.50
C GLU A 48 -3.75 -4.43 5.69
N LYS A 49 -2.53 -3.88 5.83
CA LYS A 49 -2.33 -2.43 5.86
C LYS A 49 -2.88 -1.78 4.58
N LEU A 50 -2.47 -2.25 3.40
CA LEU A 50 -2.92 -1.68 2.13
C LEU A 50 -4.43 -1.88 1.93
N VAL A 51 -4.99 -2.97 2.46
CA VAL A 51 -6.46 -3.19 2.48
C VAL A 51 -7.18 -2.11 3.31
N GLU A 52 -6.65 -1.72 4.48
CA GLU A 52 -7.19 -0.56 5.22
C GLU A 52 -7.17 0.71 4.36
N LEU A 53 -6.06 1.01 3.67
CA LEU A 53 -5.91 2.24 2.89
C LEU A 53 -6.89 2.31 1.71
N CYS A 54 -6.98 1.27 0.88
CA CYS A 54 -7.89 1.26 -0.27
C CYS A 54 -9.37 1.35 0.12
N VAL A 55 -9.74 0.81 1.29
CA VAL A 55 -11.08 0.90 1.88
C VAL A 55 -11.35 2.30 2.47
N GLN A 56 -10.38 2.88 3.18
CA GLN A 56 -10.54 4.19 3.86
C GLN A 56 -10.51 5.35 2.85
N TYR A 57 -9.50 5.40 1.98
CA TYR A 57 -9.27 6.49 1.03
C TYR A 57 -10.08 6.36 -0.27
N GLY A 58 -10.62 5.16 -0.56
CA GLY A 58 -11.43 4.88 -1.76
C GLY A 58 -10.61 4.69 -3.04
N GLN A 59 -9.28 4.73 -2.95
CA GLN A 59 -8.36 4.53 -4.07
C GLN A 59 -8.33 3.03 -4.43
N ASN A 60 -8.42 2.70 -5.72
CA ASN A 60 -8.45 1.30 -6.18
C ASN A 60 -7.08 0.62 -5.95
N GLU A 61 -7.07 -0.64 -5.51
CA GLU A 61 -5.95 -1.19 -4.74
C GLU A 61 -4.64 -1.38 -5.55
N GLU A 62 -4.71 -1.55 -6.86
CA GLU A 62 -3.53 -1.60 -7.73
C GLU A 62 -2.76 -0.27 -7.75
N GLY A 63 -3.45 0.86 -7.51
CA GLY A 63 -2.86 2.18 -7.34
C GLY A 63 -2.23 2.32 -5.94
N MET A 64 -2.83 1.74 -4.90
CA MET A 64 -2.24 1.70 -3.55
C MET A 64 -0.98 0.84 -3.53
N VAL A 65 -1.02 -0.35 -4.15
CA VAL A 65 0.14 -1.22 -4.37
C VAL A 65 1.24 -0.52 -5.18
N GLY A 66 0.88 0.27 -6.20
CA GLY A 66 1.83 1.00 -7.06
C GLY A 66 2.49 2.19 -6.37
N GLU A 67 1.74 2.97 -5.57
CA GLU A 67 2.24 4.15 -4.86
C GLU A 67 3.29 3.79 -3.80
N LEU A 68 3.19 2.60 -3.18
CA LEU A 68 4.15 2.07 -2.21
C LEU A 68 5.56 1.89 -2.79
N ILE A 69 5.67 1.58 -4.10
CA ILE A 69 6.94 1.32 -4.80
C ILE A 69 7.82 2.58 -4.83
N ALA A 70 7.23 3.74 -5.10
CA ALA A 70 7.94 5.02 -5.18
C ALA A 70 8.58 5.41 -3.85
N PHE A 71 7.93 5.10 -2.72
CA PHE A 71 8.47 5.32 -1.38
C PHE A 71 9.72 4.46 -1.13
N CYS A 72 9.64 3.15 -1.39
CA CYS A 72 10.79 2.23 -1.27
C CYS A 72 11.94 2.57 -2.24
N THR A 73 11.62 3.05 -3.45
CA THR A 73 12.60 3.53 -4.44
C THR A 73 13.31 4.78 -3.94
N SER A 74 12.58 5.71 -3.34
CA SER A 74 13.14 6.96 -2.78
C SER A 74 14.04 6.74 -1.55
N THR A 75 13.73 5.77 -0.67
CA THR A 75 14.56 5.43 0.50
C THR A 75 15.70 4.48 0.17
N HIS A 76 15.54 3.66 -0.88
CA HIS A 76 16.52 2.73 -1.47
C HIS A 76 16.65 1.40 -0.68
N LYS A 77 15.93 1.22 0.42
CA LYS A 77 15.90 -0.05 1.18
C LYS A 77 15.13 -1.14 0.41
N VAL A 78 15.61 -2.38 0.49
CA VAL A 78 15.06 -3.57 -0.19
C VAL A 78 14.00 -4.25 0.68
N GLY A 79 12.88 -4.66 0.07
CA GLY A 79 11.79 -5.38 0.74
C GLY A 79 10.82 -4.47 1.51
N LEU A 80 9.90 -5.09 2.24
CA LEU A 80 8.83 -4.45 3.02
C LEU A 80 8.73 -5.06 4.43
N THR A 81 8.22 -4.27 5.38
CA THR A 81 8.17 -4.54 6.83
C THR A 81 7.32 -3.49 7.53
N SER A 82 6.84 -3.78 8.74
CA SER A 82 5.86 -2.96 9.47
C SER A 82 6.33 -1.51 9.72
N GLU A 83 7.64 -1.27 9.81
CA GLU A 83 8.22 0.08 9.92
C GLU A 83 8.02 0.91 8.62
N ILE A 84 8.09 0.26 7.46
CA ILE A 84 7.87 0.89 6.14
C ILE A 84 6.38 1.07 5.89
N LEU A 85 5.55 0.08 6.24
CA LEU A 85 4.09 0.16 6.09
C LEU A 85 3.47 1.23 7.00
N ASN A 86 4.00 1.44 8.21
CA ASN A 86 3.57 2.51 9.11
C ASN A 86 3.97 3.91 8.58
N SER A 87 5.21 4.09 8.12
CA SER A 87 5.68 5.38 7.58
C SER A 87 5.07 5.73 6.21
N PHE A 88 4.66 4.74 5.41
CA PHE A 88 3.98 4.96 4.13
C PHE A 88 2.63 5.71 4.27
N GLU A 89 1.88 5.48 5.35
CA GLU A 89 0.69 6.29 5.67
C GLU A 89 1.04 7.77 5.86
N HIS A 90 2.20 8.07 6.46
CA HIS A 90 2.58 9.42 6.85
C HIS A 90 3.31 10.21 5.74
N GLU A 91 3.86 9.54 4.73
CA GLU A 91 4.64 10.17 3.65
C GLU A 91 3.77 10.80 2.55
N PHE A 92 2.48 10.44 2.45
CA PHE A 92 1.55 11.00 1.46
C PHE A 92 0.06 10.85 1.82
N LEU A 93 -0.40 9.67 2.27
CA LEU A 93 -1.83 9.40 2.45
C LEU A 93 -2.46 10.28 3.55
N SER A 94 -1.83 10.38 4.72
CA SER A 94 -2.29 11.18 5.85
C SER A 94 -2.19 12.71 5.59
N LYS A 95 -1.41 13.14 4.59
CA LYS A 95 -1.34 14.54 4.12
C LYS A 95 -2.58 14.95 3.29
N ARG A 96 -3.49 13.99 3.02
CA ARG A 96 -4.71 14.01 2.18
C ARG A 96 -4.36 13.64 0.74
N LEU A 97 -5.22 12.82 0.11
CA LEU A 97 -5.06 12.30 -1.24
C LEU A 97 -5.41 13.37 -2.28
N SER A 98 -4.46 14.25 -2.59
CA SER A 98 -4.62 15.34 -3.57
C SER A 98 -4.86 14.87 -5.02
N LYS A 99 -4.58 13.60 -5.29
CA LYS A 99 -4.89 12.91 -6.55
C LYS A 99 -6.40 12.57 -6.70
N ALA A 100 -7.17 12.63 -5.62
CA ALA A 100 -8.62 12.36 -5.57
C ALA A 100 -9.46 13.58 -5.10
N ARG A 101 -8.92 14.46 -4.25
CA ARG A 101 -9.60 15.66 -3.71
C ARG A 101 -10.07 16.63 -4.80
N MET A 24 -18.26 -5.53 0.28
CA MET A 24 -17.51 -6.36 1.25
C MET A 24 -16.15 -5.71 1.56
N SER A 25 -15.14 -5.90 0.71
CA SER A 25 -13.79 -5.33 0.87
C SER A 25 -12.99 -5.38 -0.45
N ALA A 26 -11.80 -4.78 -0.47
CA ALA A 26 -10.92 -4.72 -1.65
C ALA A 26 -10.22 -6.07 -1.97
N SER A 27 -10.11 -6.96 -0.98
CA SER A 27 -9.57 -8.34 -1.02
C SER A 27 -8.03 -8.35 -0.87
N ALA A 28 -7.53 -9.04 0.15
CA ALA A 28 -6.10 -9.22 0.38
C ALA A 28 -5.42 -10.01 -0.75
N GLN A 29 -6.09 -11.06 -1.26
CA GLN A 29 -5.57 -11.91 -2.32
C GLN A 29 -5.38 -11.14 -3.64
N GLN A 30 -6.31 -10.23 -3.96
CA GLN A 30 -6.25 -9.39 -5.16
C GLN A 30 -5.18 -8.30 -5.03
N LEU A 31 -5.02 -7.68 -3.85
CA LEU A 31 -3.97 -6.70 -3.57
C LEU A 31 -2.58 -7.34 -3.63
N ALA A 32 -2.42 -8.54 -3.06
CA ALA A 32 -1.16 -9.29 -3.06
C ALA A 32 -0.74 -9.78 -4.46
N GLU A 33 -1.67 -10.00 -5.38
CA GLU A 33 -1.34 -10.26 -6.79
C GLU A 33 -0.66 -9.03 -7.42
N GLU A 34 -1.14 -7.81 -7.15
CA GLU A 34 -0.54 -6.58 -7.67
C GLU A 34 0.84 -6.30 -7.06
N LEU A 35 1.08 -6.58 -5.77
CA LEU A 35 2.40 -6.56 -5.16
C LEU A 35 3.40 -7.40 -5.96
N GLN A 36 3.04 -8.66 -6.26
CA GLN A 36 3.92 -9.63 -6.92
C GLN A 36 4.21 -9.28 -8.40
N ILE A 37 3.35 -8.53 -9.09
CA ILE A 37 3.65 -8.00 -10.44
C ILE A 37 4.82 -6.99 -10.40
N PHE A 38 4.90 -6.15 -9.37
CA PHE A 38 6.02 -5.21 -9.15
C PHE A 38 7.19 -5.83 -8.36
N GLY A 39 7.08 -7.09 -7.93
CA GLY A 39 8.13 -7.85 -7.22
C GLY A 39 8.10 -7.68 -5.69
N LEU A 40 7.04 -7.09 -5.12
CA LEU A 40 6.83 -6.96 -3.67
C LEU A 40 6.28 -8.28 -3.10
N ASP A 41 6.55 -8.52 -1.82
CA ASP A 41 6.20 -9.76 -1.11
C ASP A 41 5.92 -9.49 0.37
N CYS A 42 4.84 -10.08 0.89
CA CYS A 42 4.27 -9.83 2.22
C CYS A 42 3.59 -11.08 2.82
N GLU A 43 3.40 -11.06 4.14
CA GLU A 43 2.42 -11.89 4.85
C GLU A 43 1.06 -11.20 4.92
N GLU A 44 0.01 -11.96 5.21
CA GLU A 44 -1.37 -11.47 5.32
C GLU A 44 -1.51 -10.28 6.30
N ALA A 45 -0.72 -10.29 7.38
CA ALA A 45 -0.72 -9.22 8.39
C ALA A 45 -0.12 -7.90 7.87
N LEU A 46 0.74 -7.95 6.84
CA LEU A 46 1.23 -6.76 6.13
C LEU A 46 0.29 -6.37 4.97
N ILE A 47 -0.32 -7.33 4.30
CA ILE A 47 -1.27 -7.09 3.18
C ILE A 47 -2.54 -6.38 3.67
N GLU A 48 -3.12 -6.83 4.80
CA GLU A 48 -4.36 -6.25 5.32
C GLU A 48 -4.23 -4.74 5.67
N LYS A 49 -3.02 -4.27 6.00
CA LYS A 49 -2.77 -2.84 6.23
C LYS A 49 -3.10 -1.98 4.99
N LEU A 50 -2.75 -2.45 3.78
CA LEU A 50 -3.08 -1.76 2.52
C LEU A 50 -4.56 -1.91 2.17
N VAL A 51 -5.18 -3.05 2.47
CA VAL A 51 -6.63 -3.24 2.32
C VAL A 51 -7.40 -2.25 3.20
N GLU A 52 -6.97 -2.03 4.46
CA GLU A 52 -7.55 -1.00 5.33
C GLU A 52 -7.37 0.42 4.78
N LEU A 53 -6.29 0.74 4.05
CA LEU A 53 -6.17 2.03 3.36
C LEU A 53 -7.23 2.14 2.25
N CYS A 54 -7.36 1.13 1.40
CA CYS A 54 -8.36 1.07 0.32
C CYS A 54 -9.79 1.32 0.85
N VAL A 55 -10.10 0.73 2.01
CA VAL A 55 -11.42 0.79 2.67
C VAL A 55 -11.65 2.16 3.34
N GLN A 56 -10.66 2.73 4.03
CA GLN A 56 -10.80 4.03 4.71
C GLN A 56 -10.83 5.21 3.73
N TYR A 57 -9.98 5.20 2.72
CA TYR A 57 -9.87 6.28 1.71
C TYR A 57 -10.88 6.11 0.55
N GLY A 58 -11.48 4.92 0.38
CA GLY A 58 -12.48 4.64 -0.66
C GLY A 58 -11.84 4.58 -2.05
N GLN A 59 -10.72 3.86 -2.17
CA GLN A 59 -9.78 3.94 -3.29
C GLN A 59 -9.37 2.52 -3.76
N ASN A 60 -8.92 2.43 -5.01
CA ASN A 60 -8.46 1.21 -5.66
C ASN A 60 -7.16 0.67 -5.04
N GLU A 61 -6.97 -0.64 -5.05
CA GLU A 61 -5.73 -1.31 -4.62
C GLU A 61 -4.53 -0.93 -5.51
N GLU A 62 -4.76 -0.66 -6.80
CA GLU A 62 -3.73 -0.19 -7.74
C GLU A 62 -3.13 1.18 -7.35
N GLY A 63 -3.83 2.00 -6.55
CA GLY A 63 -3.31 3.24 -5.98
C GLY A 63 -2.43 2.97 -4.75
N MET A 64 -2.96 2.19 -3.81
CA MET A 64 -2.27 1.82 -2.55
C MET A 64 -1.03 0.97 -2.81
N VAL A 65 -1.06 0.07 -3.81
CA VAL A 65 0.12 -0.67 -4.29
C VAL A 65 1.03 0.24 -5.14
N GLY A 66 0.47 1.02 -6.08
CA GLY A 66 1.23 1.77 -7.07
C GLY A 66 2.11 2.87 -6.48
N GLU A 67 1.61 3.63 -5.50
CA GLU A 67 2.39 4.66 -4.81
C GLU A 67 3.42 4.07 -3.83
N LEU A 68 3.20 2.85 -3.33
CA LEU A 68 4.16 2.15 -2.46
C LEU A 68 5.41 1.70 -3.23
N ILE A 69 5.29 1.39 -4.53
CA ILE A 69 6.44 0.96 -5.37
C ILE A 69 7.52 2.04 -5.39
N ALA A 70 7.12 3.31 -5.63
CA ALA A 70 8.03 4.44 -5.67
C ALA A 70 8.77 4.63 -4.33
N PHE A 71 8.07 4.45 -3.20
CA PHE A 71 8.66 4.54 -1.86
C PHE A 71 9.69 3.43 -1.63
N CYS A 72 9.38 2.17 -1.96
CA CYS A 72 10.32 1.05 -1.88
C CYS A 72 11.54 1.21 -2.80
N THR A 73 11.36 1.70 -4.03
CA THR A 73 12.44 1.95 -5.00
C THR A 73 13.36 3.08 -4.54
N SER A 74 12.80 4.22 -4.13
CA SER A 74 13.59 5.39 -3.72
C SER A 74 14.36 5.23 -2.40
N THR A 75 13.84 4.42 -1.46
CA THR A 75 14.56 4.04 -0.22
C THR A 75 15.53 2.87 -0.43
N HIS A 76 15.30 2.06 -1.46
CA HIS A 76 16.15 0.96 -1.96
C HIS A 76 16.02 -0.34 -1.13
N LYS A 77 15.19 -0.35 -0.08
CA LYS A 77 14.92 -1.55 0.71
C LYS A 77 14.03 -2.55 -0.07
N VAL A 78 14.55 -3.75 -0.34
CA VAL A 78 13.77 -4.89 -0.84
C VAL A 78 12.86 -5.44 0.26
N GLY A 79 11.66 -5.87 -0.13
CA GLY A 79 10.67 -6.44 0.80
C GLY A 79 9.94 -5.37 1.61
N LEU A 80 9.12 -5.82 2.57
CA LEU A 80 8.20 -4.99 3.37
C LEU A 80 8.10 -5.50 4.81
N THR A 81 7.63 -4.61 5.70
CA THR A 81 7.56 -4.74 7.16
C THR A 81 6.80 -3.54 7.73
N SER A 82 6.23 -3.71 8.92
CA SER A 82 5.21 -2.82 9.50
C SER A 82 5.63 -1.34 9.60
N GLU A 83 6.92 -1.06 9.78
CA GLU A 83 7.48 0.31 9.82
C GLU A 83 7.36 1.02 8.46
N ILE A 84 7.49 0.28 7.35
CA ILE A 84 7.38 0.84 5.99
C ILE A 84 5.92 1.17 5.67
N LEU A 85 4.98 0.27 5.98
CA LEU A 85 3.54 0.53 5.78
C LEU A 85 3.00 1.62 6.73
N ASN A 86 3.57 1.76 7.94
CA ASN A 86 3.30 2.90 8.83
C ASN A 86 3.82 4.22 8.23
N SER A 87 5.06 4.24 7.73
CA SER A 87 5.66 5.42 7.08
C SER A 87 4.94 5.83 5.79
N PHE A 88 4.44 4.86 5.02
CA PHE A 88 3.72 5.07 3.76
C PHE A 88 2.48 5.97 3.89
N GLU A 89 1.79 5.94 5.05
CA GLU A 89 0.67 6.85 5.32
C GLU A 89 1.10 8.32 5.31
N HIS A 90 2.28 8.63 5.87
CA HIS A 90 2.85 9.99 5.90
C HIS A 90 3.55 10.37 4.57
N GLU A 91 3.95 9.38 3.76
CA GLU A 91 4.65 9.58 2.50
C GLU A 91 3.75 10.15 1.38
N PHE A 92 2.44 9.88 1.43
CA PHE A 92 1.48 10.39 0.43
C PHE A 92 0.03 10.49 0.92
N LEU A 93 -0.50 9.48 1.63
CA LEU A 93 -1.94 9.39 1.89
C LEU A 93 -2.47 10.51 2.80
N SER A 94 -1.70 10.93 3.81
CA SER A 94 -2.08 12.07 4.67
C SER A 94 -1.94 13.44 4.00
N LYS A 95 -1.17 13.55 2.91
CA LYS A 95 -0.86 14.80 2.22
C LYS A 95 -2.04 15.35 1.39
N ARG A 96 -2.83 14.46 0.79
CA ARG A 96 -4.01 14.73 -0.08
C ARG A 96 -4.59 13.44 -0.67
N LEU A 97 -5.93 13.32 -0.62
CA LEU A 97 -6.70 12.37 -1.42
C LEU A 97 -7.16 13.09 -2.70
N SER A 98 -6.50 12.81 -3.82
CA SER A 98 -6.77 13.46 -5.12
C SER A 98 -8.12 13.08 -5.76
N LYS A 99 -8.82 12.09 -5.21
CA LYS A 99 -10.22 11.76 -5.53
C LYS A 99 -11.22 12.77 -4.92
N ALA A 100 -10.84 13.44 -3.82
CA ALA A 100 -11.66 14.43 -3.10
C ALA A 100 -11.18 15.88 -3.27
N ARG A 101 -9.85 16.10 -3.37
CA ARG A 101 -9.20 17.43 -3.45
C ARG A 101 -8.74 17.76 -4.88
N MET A 24 -15.58 -0.32 -0.30
CA MET A 24 -14.67 -0.51 -1.46
C MET A 24 -14.37 -2.00 -1.63
N SER A 25 -14.42 -2.50 -2.86
CA SER A 25 -14.32 -3.96 -3.16
C SER A 25 -12.87 -4.47 -3.29
N ALA A 26 -11.93 -3.81 -2.59
CA ALA A 26 -10.48 -4.00 -2.64
C ALA A 26 -10.02 -5.21 -1.81
N SER A 27 -10.61 -6.39 -2.05
CA SER A 27 -10.38 -7.61 -1.28
C SER A 27 -8.92 -8.11 -1.32
N ALA A 28 -8.46 -8.75 -0.24
CA ALA A 28 -7.07 -9.19 -0.05
C ALA A 28 -6.54 -10.10 -1.18
N GLN A 29 -7.39 -10.96 -1.74
CA GLN A 29 -7.04 -11.86 -2.85
C GLN A 29 -6.77 -11.11 -4.17
N GLN A 30 -7.34 -9.90 -4.35
CA GLN A 30 -7.08 -9.05 -5.50
C GLN A 30 -5.80 -8.22 -5.29
N LEU A 31 -5.63 -7.65 -4.09
CA LEU A 31 -4.47 -6.83 -3.74
C LEU A 31 -3.17 -7.65 -3.73
N ALA A 32 -3.19 -8.84 -3.12
CA ALA A 32 -2.03 -9.73 -3.01
C ALA A 32 -1.52 -10.26 -4.37
N GLU A 33 -2.41 -10.35 -5.37
CA GLU A 33 -2.03 -10.73 -6.74
C GLU A 33 -1.17 -9.64 -7.41
N GLU A 34 -1.43 -8.36 -7.13
CA GLU A 34 -0.66 -7.24 -7.68
C GLU A 34 0.74 -7.11 -7.05
N LEU A 35 0.89 -7.41 -5.75
CA LEU A 35 2.19 -7.42 -5.05
C LEU A 35 3.24 -8.27 -5.80
N GLN A 36 2.83 -9.44 -6.29
CA GLN A 36 3.72 -10.38 -6.98
C GLN A 36 4.13 -9.93 -8.40
N ILE A 37 3.45 -8.95 -8.99
CA ILE A 37 3.84 -8.36 -10.30
C ILE A 37 5.05 -7.43 -10.13
N PHE A 38 5.06 -6.62 -9.06
CA PHE A 38 6.14 -5.70 -8.72
C PHE A 38 7.29 -6.36 -7.93
N GLY A 39 7.08 -7.57 -7.39
CA GLY A 39 8.05 -8.29 -6.54
C GLY A 39 8.01 -7.89 -5.06
N LEU A 40 6.90 -7.29 -4.61
CA LEU A 40 6.65 -6.96 -3.20
C LEU A 40 6.36 -8.25 -2.39
N ASP A 41 6.83 -8.28 -1.15
CA ASP A 41 6.68 -9.40 -0.23
C ASP A 41 6.05 -8.93 1.09
N CYS A 42 4.91 -9.52 1.46
CA CYS A 42 4.11 -9.19 2.65
C CYS A 42 3.49 -10.46 3.25
N GLU A 43 3.43 -10.54 4.58
CA GLU A 43 2.58 -11.49 5.30
C GLU A 43 1.11 -11.05 5.26
N GLU A 44 0.19 -11.94 5.64
CA GLU A 44 -1.26 -11.64 5.68
C GLU A 44 -1.57 -10.38 6.50
N ALA A 45 -0.87 -10.15 7.61
CA ALA A 45 -1.05 -8.96 8.45
C ALA A 45 -0.60 -7.65 7.76
N LEU A 46 0.31 -7.72 6.79
CA LEU A 46 0.73 -6.58 5.96
C LEU A 46 -0.13 -6.44 4.71
N ILE A 47 -0.64 -7.54 4.11
CA ILE A 47 -1.69 -7.47 3.07
C ILE A 47 -2.92 -6.75 3.62
N GLU A 48 -3.37 -7.15 4.82
CA GLU A 48 -4.42 -6.44 5.56
C GLU A 48 -4.06 -4.98 5.83
N LYS A 49 -2.79 -4.62 6.03
CA LYS A 49 -2.38 -3.23 6.19
C LYS A 49 -2.60 -2.38 4.92
N LEU A 50 -2.40 -2.93 3.72
CA LEU A 50 -2.74 -2.23 2.46
C LEU A 50 -4.25 -2.26 2.18
N VAL A 51 -4.93 -3.38 2.46
CA VAL A 51 -6.41 -3.46 2.33
C VAL A 51 -7.10 -2.43 3.24
N GLU A 52 -6.60 -2.22 4.46
CA GLU A 52 -7.05 -1.17 5.39
C GLU A 52 -7.03 0.21 4.70
N LEU A 53 -5.94 0.59 4.03
CA LEU A 53 -5.85 1.89 3.35
C LEU A 53 -6.93 2.02 2.27
N CYS A 54 -7.15 0.97 1.48
CA CYS A 54 -8.13 0.96 0.39
C CYS A 54 -9.57 1.18 0.86
N VAL A 55 -9.88 0.79 2.10
CA VAL A 55 -11.20 0.99 2.75
C VAL A 55 -11.26 2.34 3.48
N GLN A 56 -10.19 2.76 4.15
CA GLN A 56 -10.11 4.01 4.93
C GLN A 56 -10.04 5.26 4.04
N TYR A 57 -9.12 5.27 3.07
CA TYR A 57 -8.86 6.38 2.14
C TYR A 57 -9.68 6.29 0.84
N GLY A 58 -10.17 5.10 0.47
CA GLY A 58 -11.04 4.88 -0.70
C GLY A 58 -10.33 4.93 -2.06
N GLN A 59 -8.99 4.93 -2.09
CA GLN A 59 -8.18 5.20 -3.28
C GLN A 59 -7.82 3.92 -4.08
N ASN A 60 -8.30 2.75 -3.66
CA ASN A 60 -8.18 1.43 -4.33
C ASN A 60 -6.76 0.81 -4.25
N GLU A 61 -6.69 -0.49 -4.54
CA GLU A 61 -5.51 -1.35 -4.42
C GLU A 61 -4.33 -0.88 -5.28
N GLU A 62 -4.56 -0.54 -6.56
CA GLU A 62 -3.50 -0.01 -7.46
C GLU A 62 -3.01 1.37 -7.02
N GLY A 63 -3.89 2.18 -6.41
CA GLY A 63 -3.56 3.48 -5.82
C GLY A 63 -2.74 3.38 -4.54
N MET A 64 -2.63 2.19 -3.93
CA MET A 64 -1.64 1.87 -2.89
C MET A 64 -0.42 1.16 -3.49
N VAL A 65 -0.63 0.01 -4.11
CA VAL A 65 0.42 -0.95 -4.51
C VAL A 65 1.37 -0.36 -5.57
N GLY A 66 0.85 0.41 -6.54
CA GLY A 66 1.66 1.03 -7.59
C GLY A 66 2.39 2.30 -7.14
N GLU A 67 1.87 2.98 -6.12
CA GLU A 67 2.46 4.21 -5.55
C GLU A 67 3.50 3.91 -4.46
N LEU A 68 3.36 2.78 -3.74
CA LEU A 68 4.33 2.27 -2.78
C LEU A 68 5.71 2.00 -3.41
N ILE A 69 5.75 1.66 -4.70
CA ILE A 69 7.00 1.42 -5.46
C ILE A 69 7.91 2.65 -5.44
N ALA A 70 7.34 3.86 -5.58
CA ALA A 70 8.10 5.10 -5.55
C ALA A 70 8.75 5.34 -4.17
N PHE A 71 8.05 5.01 -3.08
CA PHE A 71 8.60 5.11 -1.73
C PHE A 71 9.73 4.07 -1.51
N CYS A 72 9.53 2.81 -1.90
CA CYS A 72 10.55 1.75 -1.83
C CYS A 72 11.81 2.09 -2.65
N THR A 73 11.64 2.70 -3.84
CA THR A 73 12.73 3.18 -4.72
C THR A 73 13.44 4.38 -4.09
N SER A 74 12.69 5.32 -3.52
CA SER A 74 13.24 6.53 -2.88
C SER A 74 14.09 6.23 -1.63
N THR A 75 13.62 5.33 -0.75
CA THR A 75 14.40 4.87 0.41
C THR A 75 15.51 3.88 0.01
N HIS A 76 15.30 3.17 -1.11
CA HIS A 76 16.28 2.41 -1.89
C HIS A 76 16.57 1.02 -1.27
N LYS A 77 15.53 0.33 -0.81
CA LYS A 77 15.58 -0.92 -0.04
C LYS A 77 14.86 -2.09 -0.74
N VAL A 78 15.13 -3.32 -0.28
CA VAL A 78 14.44 -4.56 -0.69
C VAL A 78 13.79 -5.23 0.53
N GLY A 79 12.62 -5.85 0.32
CA GLY A 79 11.76 -6.39 1.39
C GLY A 79 10.91 -5.29 2.07
N LEU A 80 9.87 -5.71 2.80
CA LEU A 80 8.94 -4.82 3.51
C LEU A 80 8.70 -5.30 4.95
N THR A 81 8.13 -4.40 5.76
CA THR A 81 8.01 -4.47 7.22
C THR A 81 7.14 -3.32 7.70
N SER A 82 6.55 -3.44 8.88
CA SER A 82 5.61 -2.47 9.47
C SER A 82 6.16 -1.03 9.53
N GLU A 83 7.48 -0.85 9.65
CA GLU A 83 8.13 0.47 9.61
C GLU A 83 7.94 1.19 8.26
N ILE A 84 7.83 0.46 7.15
CA ILE A 84 7.58 1.01 5.81
C ILE A 84 6.08 1.24 5.60
N LEU A 85 5.23 0.23 5.85
CA LEU A 85 3.79 0.35 5.61
C LEU A 85 3.10 1.37 6.53
N ASN A 86 3.61 1.60 7.75
CA ASN A 86 3.15 2.70 8.61
C ASN A 86 3.58 4.08 8.06
N SER A 87 4.81 4.20 7.56
CA SER A 87 5.35 5.46 7.02
C SER A 87 4.71 5.85 5.68
N PHE A 88 4.24 4.88 4.88
CA PHE A 88 3.56 5.13 3.60
C PHE A 88 2.28 6.01 3.74
N GLU A 89 1.59 5.95 4.89
CA GLU A 89 0.48 6.85 5.19
C GLU A 89 0.94 8.31 5.32
N HIS A 90 2.05 8.55 6.03
CA HIS A 90 2.64 9.90 6.14
C HIS A 90 3.25 10.38 4.81
N GLU A 91 3.84 9.46 4.04
CA GLU A 91 4.55 9.73 2.79
C GLU A 91 3.65 10.25 1.66
N PHE A 92 2.36 9.89 1.65
CA PHE A 92 1.45 10.16 0.53
C PHE A 92 0.00 10.38 0.96
N LEU A 93 -0.64 9.40 1.62
CA LEU A 93 -2.09 9.41 1.88
C LEU A 93 -2.52 10.59 2.78
N SER A 94 -1.80 10.84 3.87
CA SER A 94 -2.06 11.95 4.79
C SER A 94 -1.87 13.34 4.12
N LYS A 95 -0.94 13.44 3.16
CA LYS A 95 -0.63 14.70 2.47
C LYS A 95 -1.63 15.06 1.36
N ARG A 96 -2.31 14.06 0.75
CA ARG A 96 -3.07 14.22 -0.50
C ARG A 96 -4.58 13.88 -0.40
N LEU A 97 -5.08 13.40 0.73
CA LEU A 97 -6.50 13.13 0.93
C LEU A 97 -7.35 14.41 0.81
N SER A 98 -8.14 14.53 -0.26
CA SER A 98 -8.94 15.73 -0.59
C SER A 98 -10.12 16.00 0.38
N LYS A 99 -10.46 15.03 1.23
CA LYS A 99 -11.38 15.20 2.36
C LYS A 99 -10.72 15.92 3.56
N ALA A 100 -9.41 15.84 3.70
CA ALA A 100 -8.62 16.45 4.78
C ALA A 100 -7.95 17.78 4.38
N ARG A 101 -7.54 17.92 3.11
CA ARG A 101 -6.96 19.17 2.55
C ARG A 101 -7.95 20.34 2.57
N MET A 24 -17.97 -1.93 -4.17
CA MET A 24 -17.10 -3.04 -4.60
C MET A 24 -16.00 -3.26 -3.56
N SER A 25 -15.75 -4.51 -3.15
CA SER A 25 -14.82 -4.83 -2.06
C SER A 25 -13.34 -4.65 -2.45
N ALA A 26 -12.51 -4.16 -1.51
CA ALA A 26 -11.05 -4.11 -1.66
C ALA A 26 -10.47 -5.52 -1.39
N SER A 27 -10.36 -6.32 -2.45
CA SER A 27 -9.90 -7.72 -2.36
C SER A 27 -8.42 -7.84 -1.98
N ALA A 28 -8.14 -8.55 -0.88
CA ALA A 28 -6.78 -8.89 -0.46
C ALA A 28 -6.03 -9.75 -1.50
N GLN A 29 -6.76 -10.59 -2.25
CA GLN A 29 -6.18 -11.43 -3.31
C GLN A 29 -5.82 -10.62 -4.56
N GLN A 30 -6.65 -9.62 -4.92
CA GLN A 30 -6.34 -8.71 -6.02
C GLN A 30 -5.12 -7.84 -5.68
N LEU A 31 -5.02 -7.38 -4.43
CA LEU A 31 -3.87 -6.64 -3.92
C LEU A 31 -2.61 -7.52 -3.97
N ALA A 32 -2.67 -8.73 -3.39
CA ALA A 32 -1.57 -9.69 -3.35
C ALA A 32 -1.05 -10.08 -4.74
N GLU A 33 -1.93 -10.17 -5.75
CA GLU A 33 -1.54 -10.49 -7.13
C GLU A 33 -0.63 -9.40 -7.73
N GLU A 34 -0.88 -8.11 -7.46
CA GLU A 34 -0.02 -7.02 -7.93
C GLU A 34 1.38 -7.09 -7.29
N LEU A 35 1.48 -7.49 -6.01
CA LEU A 35 2.75 -7.64 -5.30
C LEU A 35 3.70 -8.65 -5.96
N GLN A 36 3.16 -9.68 -6.63
CA GLN A 36 3.94 -10.67 -7.36
C GLN A 36 4.56 -10.13 -8.66
N ILE A 37 4.01 -9.05 -9.23
CA ILE A 37 4.51 -8.43 -10.47
C ILE A 37 5.75 -7.56 -10.16
N PHE A 38 5.68 -6.77 -9.09
CA PHE A 38 6.67 -5.75 -8.73
C PHE A 38 7.68 -6.22 -7.66
N GLY A 39 7.56 -7.44 -7.14
CA GLY A 39 8.52 -8.05 -6.21
C GLY A 39 8.39 -7.55 -4.75
N LEU A 40 7.21 -7.08 -4.37
CA LEU A 40 6.93 -6.49 -3.06
C LEU A 40 6.72 -7.61 -2.03
N ASP A 41 7.73 -7.87 -1.20
CA ASP A 41 7.73 -8.96 -0.21
C ASP A 41 7.03 -8.54 1.11
N CYS A 42 5.70 -8.46 1.04
CA CYS A 42 4.79 -8.34 2.18
C CYS A 42 4.42 -9.73 2.76
N GLU A 43 3.96 -9.73 4.02
CA GLU A 43 3.17 -10.82 4.62
C GLU A 43 1.67 -10.49 4.58
N GLU A 44 0.82 -11.46 4.90
CA GLU A 44 -0.63 -11.30 4.95
C GLU A 44 -1.07 -10.17 5.89
N ALA A 45 -0.38 -9.97 7.02
CA ALA A 45 -0.64 -8.88 7.96
C ALA A 45 -0.36 -7.48 7.36
N LEU A 46 0.58 -7.39 6.41
CA LEU A 46 0.86 -6.17 5.65
C LEU A 46 -0.06 -6.01 4.44
N ILE A 47 -0.50 -7.10 3.79
CA ILE A 47 -1.58 -7.03 2.77
C ILE A 47 -2.86 -6.44 3.39
N GLU A 48 -3.25 -6.94 4.56
CA GLU A 48 -4.35 -6.35 5.36
C GLU A 48 -4.06 -4.88 5.72
N LYS A 49 -2.82 -4.47 5.96
CA LYS A 49 -2.46 -3.07 6.21
C LYS A 49 -2.70 -2.15 5.00
N LEU A 50 -2.59 -2.63 3.76
CA LEU A 50 -2.99 -1.84 2.58
C LEU A 50 -4.50 -1.92 2.32
N VAL A 51 -5.15 -3.08 2.56
CA VAL A 51 -6.62 -3.17 2.52
C VAL A 51 -7.27 -2.21 3.53
N GLU A 52 -6.68 -2.02 4.72
CA GLU A 52 -7.11 -1.01 5.70
C GLU A 52 -7.14 0.41 5.09
N LEU A 53 -6.11 0.82 4.34
CA LEU A 53 -6.09 2.13 3.68
C LEU A 53 -7.20 2.22 2.63
N CYS A 54 -7.42 1.16 1.84
CA CYS A 54 -8.48 1.10 0.84
C CYS A 54 -9.87 1.34 1.45
N VAL A 55 -10.12 0.75 2.63
CA VAL A 55 -11.38 0.87 3.38
C VAL A 55 -11.51 2.25 4.05
N GLN A 56 -10.42 2.79 4.61
CA GLN A 56 -10.40 4.11 5.27
C GLN A 56 -10.55 5.27 4.28
N TYR A 57 -9.80 5.26 3.17
CA TYR A 57 -9.71 6.33 2.19
C TYR A 57 -10.68 6.19 0.99
N GLY A 58 -11.35 5.05 0.84
CA GLY A 58 -12.35 4.82 -0.23
C GLY A 58 -11.73 4.72 -1.63
N GLN A 59 -10.50 4.19 -1.70
CA GLN A 59 -9.64 4.15 -2.88
C GLN A 59 -9.24 2.69 -3.18
N ASN A 60 -8.91 2.39 -4.44
CA ASN A 60 -8.56 1.04 -4.88
C ASN A 60 -7.21 0.54 -4.34
N GLU A 61 -7.07 -0.78 -4.32
CA GLU A 61 -5.85 -1.54 -3.97
C GLU A 61 -4.69 -1.24 -4.94
N GLU A 62 -4.99 -1.09 -6.24
CA GLU A 62 -4.02 -0.65 -7.25
C GLU A 62 -3.53 0.79 -6.99
N GLY A 63 -4.37 1.64 -6.38
CA GLY A 63 -4.01 3.01 -5.98
C GLY A 63 -3.06 3.05 -4.78
N MET A 64 -3.20 2.09 -3.84
CA MET A 64 -2.24 1.91 -2.76
C MET A 64 -0.93 1.32 -3.28
N VAL A 65 -0.99 0.16 -3.97
CA VAL A 65 0.20 -0.57 -4.44
C VAL A 65 1.03 0.26 -5.45
N GLY A 66 0.38 1.04 -6.32
CA GLY A 66 1.05 1.86 -7.34
C GLY A 66 1.90 2.99 -6.76
N GLU A 67 1.47 3.59 -5.64
CA GLU A 67 2.23 4.63 -4.92
C GLU A 67 3.28 4.02 -3.99
N LEU A 68 3.01 2.83 -3.42
CA LEU A 68 3.92 2.12 -2.52
C LEU A 68 5.23 1.70 -3.20
N ILE A 69 5.17 1.33 -4.49
CA ILE A 69 6.34 0.97 -5.31
C ILE A 69 7.37 2.10 -5.36
N ALA A 70 6.92 3.35 -5.54
CA ALA A 70 7.82 4.51 -5.59
C ALA A 70 8.56 4.70 -4.25
N PHE A 71 7.89 4.50 -3.11
CA PHE A 71 8.50 4.57 -1.78
C PHE A 71 9.51 3.45 -1.58
N CYS A 72 9.13 2.19 -1.86
CA CYS A 72 10.03 1.03 -1.75
C CYS A 72 11.27 1.11 -2.69
N THR A 73 11.12 1.74 -3.86
CA THR A 73 12.21 2.04 -4.80
C THR A 73 13.12 3.12 -4.22
N SER A 74 12.56 4.20 -3.68
CA SER A 74 13.31 5.33 -3.09
C SER A 74 14.13 4.92 -1.85
N THR A 75 13.56 4.11 -0.94
CA THR A 75 14.26 3.57 0.25
C THR A 75 15.18 2.40 -0.09
N HIS A 76 14.87 1.69 -1.17
CA HIS A 76 15.54 0.48 -1.72
C HIS A 76 15.08 -0.82 -1.03
N LYS A 77 14.21 -0.75 -0.01
CA LYS A 77 13.68 -1.91 0.69
C LYS A 77 12.52 -2.57 -0.08
N VAL A 78 12.82 -3.65 -0.79
CA VAL A 78 11.83 -4.48 -1.52
C VAL A 78 11.06 -5.45 -0.61
N GLY A 79 11.54 -5.65 0.61
CA GLY A 79 10.84 -6.31 1.73
C GLY A 79 10.31 -5.29 2.73
N LEU A 80 9.04 -5.43 3.11
CA LEU A 80 8.29 -4.43 3.88
C LEU A 80 8.11 -4.83 5.35
N THR A 81 7.80 -3.82 6.17
CA THR A 81 7.62 -3.89 7.64
C THR A 81 6.49 -2.96 8.07
N SER A 82 6.04 -3.10 9.31
CA SER A 82 5.09 -2.17 9.93
C SER A 82 5.62 -0.72 10.00
N GLU A 83 6.94 -0.52 10.05
CA GLU A 83 7.57 0.80 10.02
C GLU A 83 7.54 1.40 8.61
N ILE A 84 7.80 0.60 7.56
CA ILE A 84 7.68 1.05 6.16
C ILE A 84 6.23 1.43 5.85
N LEU A 85 5.25 0.69 6.36
CA LEU A 85 3.82 1.03 6.21
C LEU A 85 3.41 2.26 7.04
N ASN A 86 3.93 2.44 8.25
CA ASN A 86 3.73 3.67 9.03
C ASN A 86 4.26 4.91 8.28
N SER A 87 5.44 4.81 7.65
CA SER A 87 5.97 5.86 6.78
C SER A 87 5.17 6.03 5.49
N PHE A 88 4.62 4.97 4.89
CA PHE A 88 3.80 5.07 3.67
C PHE A 88 2.50 5.87 3.89
N GLU A 89 1.88 5.78 5.08
CA GLU A 89 0.75 6.64 5.43
C GLU A 89 1.13 8.13 5.38
N HIS A 90 2.32 8.49 5.88
CA HIS A 90 2.85 9.86 5.79
C HIS A 90 3.30 10.26 4.37
N GLU A 91 3.70 9.29 3.55
CA GLU A 91 4.23 9.50 2.20
C GLU A 91 3.16 9.94 1.18
N PHE A 92 1.87 9.64 1.40
CA PHE A 92 0.79 9.96 0.46
C PHE A 92 -0.61 10.15 1.08
N LEU A 93 -0.97 9.39 2.13
CA LEU A 93 -2.35 9.32 2.62
C LEU A 93 -2.68 10.46 3.61
N SER A 94 -1.90 10.64 4.68
CA SER A 94 -2.12 11.69 5.69
C SER A 94 -1.67 13.09 5.24
N LYS A 95 -1.09 13.22 4.04
CA LYS A 95 -0.94 14.50 3.32
C LYS A 95 -2.28 15.15 2.92
N ARG A 96 -3.39 14.42 3.10
CA ARG A 96 -4.81 14.78 2.92
C ARG A 96 -5.29 14.45 1.50
N LEU A 97 -5.42 13.15 1.21
CA LEU A 97 -5.90 12.63 -0.08
C LEU A 97 -7.33 13.12 -0.38
N SER A 98 -7.54 13.73 -1.54
CA SER A 98 -8.80 14.39 -1.93
C SER A 98 -10.04 13.47 -2.02
N LYS A 99 -9.82 12.15 -2.05
CA LYS A 99 -10.88 11.13 -2.00
C LYS A 99 -11.56 11.02 -0.62
N ALA A 100 -10.88 11.45 0.46
CA ALA A 100 -11.36 11.34 1.83
C ALA A 100 -11.18 12.62 2.69
N ARG A 101 -10.46 13.64 2.20
CA ARG A 101 -10.24 14.94 2.87
C ARG A 101 -10.59 16.12 1.97
N MET A 24 -11.11 0.39 -4.27
CA MET A 24 -12.10 -0.20 -5.19
C MET A 24 -12.74 -1.42 -4.54
N SER A 25 -11.97 -2.46 -4.23
CA SER A 25 -12.41 -3.60 -3.42
C SER A 25 -11.33 -4.02 -2.41
N ALA A 26 -11.66 -3.89 -1.11
CA ALA A 26 -10.76 -4.21 -0.02
C ALA A 26 -10.79 -5.73 0.29
N SER A 27 -9.88 -6.47 -0.32
CA SER A 27 -9.68 -7.91 -0.09
C SER A 27 -8.21 -8.30 -0.29
N ALA A 28 -7.70 -9.24 0.53
CA ALA A 28 -6.31 -9.65 0.54
C ALA A 28 -5.87 -10.32 -0.77
N GLN A 29 -6.72 -11.16 -1.37
CA GLN A 29 -6.43 -11.83 -2.64
C GLN A 29 -6.43 -10.82 -3.81
N GLN A 30 -7.40 -9.90 -3.82
CA GLN A 30 -7.51 -8.83 -4.81
C GLN A 30 -6.26 -7.94 -4.84
N LEU A 31 -5.71 -7.61 -3.66
CA LEU A 31 -4.48 -6.80 -3.56
C LEU A 31 -3.22 -7.62 -3.85
N ALA A 32 -3.15 -8.88 -3.37
CA ALA A 32 -2.00 -9.76 -3.60
C ALA A 32 -1.80 -10.17 -5.06
N GLU A 33 -2.87 -10.22 -5.87
CA GLU A 33 -2.77 -10.40 -7.32
C GLU A 33 -2.07 -9.23 -8.02
N GLU A 34 -1.99 -8.04 -7.40
CA GLU A 34 -1.25 -6.89 -7.94
C GLU A 34 0.19 -6.81 -7.40
N LEU A 35 0.45 -7.19 -6.14
CA LEU A 35 1.80 -7.28 -5.56
C LEU A 35 2.77 -8.05 -6.47
N GLN A 36 2.31 -9.21 -6.97
CA GLN A 36 3.07 -10.12 -7.82
C GLN A 36 3.47 -9.52 -9.18
N ILE A 37 2.79 -8.46 -9.66
CA ILE A 37 3.11 -7.80 -10.95
C ILE A 37 4.36 -6.91 -10.82
N PHE A 38 4.49 -6.22 -9.69
CA PHE A 38 5.66 -5.39 -9.34
C PHE A 38 6.81 -6.22 -8.74
N GLY A 39 6.59 -7.50 -8.44
CA GLY A 39 7.55 -8.40 -7.81
C GLY A 39 7.57 -8.31 -6.28
N LEU A 40 6.56 -7.68 -5.68
CA LEU A 40 6.36 -7.64 -4.23
C LEU A 40 5.85 -9.00 -3.71
N ASP A 41 6.15 -9.30 -2.46
CA ASP A 41 5.70 -10.49 -1.72
C ASP A 41 5.64 -10.17 -0.22
N CYS A 42 4.46 -10.33 0.37
CA CYS A 42 4.12 -9.89 1.74
C CYS A 42 3.42 -11.00 2.54
N GLU A 43 3.54 -10.96 3.86
CA GLU A 43 2.70 -11.72 4.78
C GLU A 43 1.30 -11.11 4.91
N GLU A 44 0.31 -11.92 5.30
CA GLU A 44 -1.08 -11.48 5.47
C GLU A 44 -1.21 -10.27 6.40
N ALA A 45 -0.38 -10.18 7.45
CA ALA A 45 -0.39 -9.04 8.39
C ALA A 45 0.03 -7.71 7.74
N LEU A 46 0.87 -7.75 6.70
CA LEU A 46 1.24 -6.56 5.91
C LEU A 46 0.24 -6.30 4.78
N ILE A 47 -0.31 -7.35 4.13
CA ILE A 47 -1.39 -7.21 3.12
C ILE A 47 -2.62 -6.53 3.74
N GLU A 48 -3.05 -6.96 4.93
CA GLU A 48 -4.11 -6.34 5.71
C GLU A 48 -3.88 -4.84 5.94
N LYS A 49 -2.61 -4.37 6.09
CA LYS A 49 -2.33 -2.95 6.25
C LYS A 49 -2.62 -2.12 4.98
N LEU A 50 -2.37 -2.67 3.77
CA LEU A 50 -2.75 -2.02 2.51
C LEU A 50 -4.26 -2.16 2.25
N VAL A 51 -4.85 -3.33 2.55
CA VAL A 51 -6.30 -3.56 2.45
C VAL A 51 -7.11 -2.60 3.35
N GLU A 52 -6.60 -2.26 4.54
CA GLU A 52 -7.17 -1.24 5.43
C GLU A 52 -7.29 0.12 4.73
N LEU A 53 -6.22 0.57 4.05
CA LEU A 53 -6.24 1.84 3.33
C LEU A 53 -7.33 1.85 2.24
N CYS A 54 -7.54 0.73 1.54
CA CYS A 54 -8.61 0.57 0.56
C CYS A 54 -10.03 0.66 1.16
N VAL A 55 -10.20 0.55 2.48
CA VAL A 55 -11.45 0.85 3.20
C VAL A 55 -11.50 2.32 3.65
N GLN A 56 -10.44 2.82 4.31
CA GLN A 56 -10.43 4.15 4.93
C GLN A 56 -10.34 5.31 3.92
N TYR A 57 -9.66 5.09 2.79
CA TYR A 57 -9.45 6.08 1.71
C TYR A 57 -10.29 5.76 0.45
N GLY A 58 -10.74 4.51 0.28
CA GLY A 58 -11.61 4.05 -0.82
C GLY A 58 -10.92 3.86 -2.17
N GLN A 59 -9.66 4.29 -2.31
CA GLN A 59 -8.87 4.29 -3.53
C GLN A 59 -8.60 2.86 -4.06
N ASN A 60 -8.34 2.74 -5.36
CA ASN A 60 -7.93 1.50 -6.02
C ASN A 60 -6.67 0.87 -5.38
N GLU A 61 -6.73 -0.44 -5.11
CA GLU A 61 -5.64 -1.31 -4.68
C GLU A 61 -4.35 -1.12 -5.51
N GLU A 62 -4.49 -0.90 -6.82
CA GLU A 62 -3.38 -0.64 -7.75
C GLU A 62 -2.56 0.60 -7.37
N GLY A 63 -3.19 1.61 -6.74
CA GLY A 63 -2.51 2.81 -6.21
C GLY A 63 -1.80 2.51 -4.89
N MET A 64 -2.45 1.77 -3.99
CA MET A 64 -1.84 1.32 -2.72
C MET A 64 -0.62 0.43 -2.95
N VAL A 65 -0.67 -0.46 -3.95
CA VAL A 65 0.45 -1.31 -4.35
C VAL A 65 1.51 -0.50 -5.15
N GLY A 66 1.10 0.33 -6.10
CA GLY A 66 2.00 0.97 -7.08
C GLY A 66 2.77 2.18 -6.53
N GLU A 67 2.14 3.05 -5.74
CA GLU A 67 2.80 4.24 -5.18
C GLU A 67 3.83 3.87 -4.09
N LEU A 68 3.68 2.70 -3.45
CA LEU A 68 4.62 2.18 -2.46
C LEU A 68 5.99 1.84 -3.08
N ILE A 69 6.03 1.48 -4.37
CA ILE A 69 7.28 1.18 -5.11
C ILE A 69 8.20 2.40 -5.16
N ALA A 70 7.66 3.59 -5.41
CA ALA A 70 8.44 4.83 -5.45
C ALA A 70 9.08 5.14 -4.09
N PHE A 71 8.37 4.89 -2.99
CA PHE A 71 8.89 5.06 -1.63
C PHE A 71 10.00 4.02 -1.33
N CYS A 72 9.79 2.74 -1.65
CA CYS A 72 10.79 1.69 -1.47
C CYS A 72 12.06 1.93 -2.32
N THR A 73 11.90 2.47 -3.54
CA THR A 73 13.00 2.90 -4.43
C THR A 73 13.76 4.07 -3.82
N SER A 74 13.03 5.06 -3.30
CA SER A 74 13.61 6.24 -2.64
C SER A 74 14.42 5.91 -1.36
N THR A 75 13.92 5.00 -0.50
CA THR A 75 14.63 4.56 0.72
C THR A 75 15.75 3.56 0.43
N HIS A 76 15.71 2.87 -0.72
CA HIS A 76 16.69 1.91 -1.25
C HIS A 76 16.68 0.54 -0.53
N LYS A 77 15.87 0.36 0.53
CA LYS A 77 15.75 -0.92 1.25
C LYS A 77 14.99 -1.99 0.43
N VAL A 78 15.38 -3.25 0.61
CA VAL A 78 14.72 -4.44 0.02
C VAL A 78 13.71 -5.01 1.02
N GLY A 79 12.50 -5.35 0.54
CA GLY A 79 11.41 -5.89 1.36
C GLY A 79 10.58 -4.81 2.08
N LEU A 80 9.57 -5.27 2.83
CA LEU A 80 8.60 -4.44 3.56
C LEU A 80 8.47 -4.91 5.02
N THR A 81 8.25 -3.95 5.92
CA THR A 81 8.01 -4.11 7.37
C THR A 81 6.95 -3.11 7.82
N SER A 82 6.32 -3.35 8.96
CA SER A 82 5.20 -2.53 9.46
C SER A 82 5.52 -1.03 9.55
N GLU A 83 6.76 -0.66 9.86
CA GLU A 83 7.21 0.73 9.92
C GLU A 83 7.20 1.41 8.55
N ILE A 84 7.53 0.69 7.47
CA ILE A 84 7.54 1.23 6.10
C ILE A 84 6.10 1.52 5.65
N LEU A 85 5.14 0.66 5.99
CA LEU A 85 3.71 0.93 5.72
C LEU A 85 3.13 2.04 6.61
N ASN A 86 3.61 2.22 7.85
CA ASN A 86 3.24 3.37 8.68
C ASN A 86 3.80 4.69 8.11
N SER A 87 5.01 4.68 7.55
CA SER A 87 5.55 5.82 6.80
C SER A 87 4.78 6.09 5.49
N PHE A 88 4.36 5.05 4.74
CA PHE A 88 3.60 5.20 3.49
C PHE A 88 2.30 6.02 3.63
N GLU A 89 1.60 5.91 4.77
CA GLU A 89 0.44 6.74 5.09
C GLU A 89 0.79 8.25 5.09
N HIS A 90 1.93 8.61 5.67
CA HIS A 90 2.41 9.99 5.79
C HIS A 90 3.15 10.49 4.53
N GLU A 91 3.76 9.58 3.77
CA GLU A 91 4.55 9.84 2.57
C GLU A 91 3.72 10.39 1.41
N PHE A 92 2.45 9.97 1.27
CA PHE A 92 1.59 10.30 0.13
C PHE A 92 0.10 10.37 0.45
N LEU A 93 -0.44 9.42 1.23
CA LEU A 93 -1.90 9.34 1.47
C LEU A 93 -2.41 10.57 2.23
N SER A 94 -1.84 10.90 3.39
CA SER A 94 -2.24 12.09 4.17
C SER A 94 -1.94 13.42 3.44
N LYS A 95 -1.01 13.44 2.48
CA LYS A 95 -0.72 14.61 1.64
C LYS A 95 -1.87 14.92 0.65
N ARG A 96 -2.44 13.88 0.03
CA ARG A 96 -3.49 13.97 -1.00
C ARG A 96 -4.93 13.85 -0.46
N LEU A 97 -5.11 13.42 0.80
CA LEU A 97 -6.42 13.18 1.44
C LEU A 97 -7.32 14.42 1.44
N SER A 98 -8.58 14.28 1.01
CA SER A 98 -9.61 15.33 1.02
C SER A 98 -10.52 15.30 2.26
N LYS A 99 -10.55 14.17 2.98
CA LYS A 99 -11.43 13.90 4.12
C LYS A 99 -11.09 14.73 5.38
N ALA A 100 -9.80 15.13 5.53
CA ALA A 100 -9.27 15.83 6.69
C ALA A 100 -9.35 17.38 6.59
N ARG A 101 -9.72 17.93 5.43
CA ARG A 101 -9.76 19.37 5.14
C ARG A 101 -10.91 20.10 5.89
N MET A 24 -10.41 -3.84 -7.00
CA MET A 24 -11.61 -3.09 -6.56
C MET A 24 -11.68 -3.10 -5.03
N SER A 25 -11.92 -1.95 -4.42
CA SER A 25 -11.89 -1.75 -2.97
C SER A 25 -12.98 -2.56 -2.22
N ALA A 26 -12.64 -3.53 -1.37
CA ALA A 26 -11.31 -4.05 -1.03
C ALA A 26 -11.36 -5.51 -0.54
N SER A 27 -10.25 -6.24 -0.69
CA SER A 27 -10.09 -7.64 -0.24
C SER A 27 -8.62 -8.08 -0.31
N ALA A 28 -8.16 -8.82 0.71
CA ALA A 28 -6.80 -9.37 0.77
C ALA A 28 -6.53 -10.41 -0.34
N GLN A 29 -7.58 -11.13 -0.78
CA GLN A 29 -7.53 -12.11 -1.86
C GLN A 29 -7.21 -11.46 -3.22
N GLN A 30 -7.66 -10.21 -3.44
CA GLN A 30 -7.44 -9.47 -4.69
C GLN A 30 -6.20 -8.56 -4.63
N LEU A 31 -5.90 -7.93 -3.49
CA LEU A 31 -4.70 -7.11 -3.33
C LEU A 31 -3.42 -7.93 -3.51
N ALA A 32 -3.41 -9.19 -3.06
CA ALA A 32 -2.30 -10.13 -3.23
C ALA A 32 -1.94 -10.40 -4.71
N GLU A 33 -2.87 -10.19 -5.65
CA GLU A 33 -2.63 -10.36 -7.08
C GLU A 33 -1.88 -9.16 -7.68
N GLU A 34 -2.10 -7.95 -7.15
CA GLU A 34 -1.42 -6.72 -7.61
C GLU A 34 0.07 -6.72 -7.23
N LEU A 35 0.42 -7.31 -6.08
CA LEU A 35 1.81 -7.49 -5.64
C LEU A 35 2.68 -8.20 -6.69
N GLN A 36 2.10 -9.13 -7.44
CA GLN A 36 2.81 -9.94 -8.44
C GLN A 36 3.22 -9.13 -9.69
N ILE A 37 2.58 -7.97 -9.94
CA ILE A 37 2.90 -7.09 -11.07
C ILE A 37 4.22 -6.34 -10.83
N PHE A 38 4.47 -5.97 -9.56
CA PHE A 38 5.67 -5.23 -9.13
C PHE A 38 6.77 -6.13 -8.53
N GLY A 39 6.48 -7.42 -8.30
CA GLY A 39 7.42 -8.38 -7.71
C GLY A 39 7.46 -8.37 -6.18
N LEU A 40 6.43 -7.80 -5.53
CA LEU A 40 6.27 -7.83 -4.08
C LEU A 40 5.79 -9.20 -3.59
N ASP A 41 6.01 -9.48 -2.30
CA ASP A 41 5.77 -10.79 -1.66
C ASP A 41 5.37 -10.64 -0.17
N CYS A 42 4.54 -9.63 0.11
CA CYS A 42 4.06 -9.28 1.44
C CYS A 42 3.30 -10.44 2.13
N GLU A 43 3.48 -10.58 3.45
CA GLU A 43 2.68 -11.50 4.27
C GLU A 43 1.24 -11.00 4.44
N GLU A 44 0.32 -11.89 4.83
CA GLU A 44 -1.10 -11.57 5.02
C GLU A 44 -1.31 -10.42 6.03
N ALA A 45 -0.48 -10.34 7.07
CA ALA A 45 -0.56 -9.27 8.07
C ALA A 45 -0.19 -7.88 7.51
N LEU A 46 0.66 -7.83 6.47
CA LEU A 46 0.98 -6.60 5.75
C LEU A 46 0.00 -6.34 4.61
N ILE A 47 -0.52 -7.37 3.94
CA ILE A 47 -1.62 -7.23 2.96
C ILE A 47 -2.84 -6.58 3.61
N GLU A 48 -3.22 -7.00 4.82
CA GLU A 48 -4.26 -6.35 5.62
C GLU A 48 -3.95 -4.87 5.89
N LYS A 49 -2.68 -4.48 6.06
CA LYS A 49 -2.29 -3.08 6.23
C LYS A 49 -2.45 -2.23 4.95
N LEU A 50 -2.34 -2.81 3.75
CA LEU A 50 -2.67 -2.12 2.50
C LEU A 50 -4.19 -2.16 2.23
N VAL A 51 -4.87 -3.27 2.53
CA VAL A 51 -6.34 -3.37 2.44
C VAL A 51 -7.03 -2.34 3.34
N GLU A 52 -6.50 -2.10 4.55
CA GLU A 52 -6.97 -1.04 5.47
C GLU A 52 -7.06 0.32 4.76
N LEU A 53 -6.08 0.66 3.91
CA LEU A 53 -6.08 1.92 3.16
C LEU A 53 -7.21 1.93 2.13
N CYS A 54 -7.40 0.83 1.37
CA CYS A 54 -8.47 0.69 0.38
C CYS A 54 -9.88 0.76 1.01
N VAL A 55 -10.02 0.33 2.28
CA VAL A 55 -11.26 0.45 3.06
C VAL A 55 -11.47 1.90 3.56
N GLN A 56 -10.42 2.54 4.10
CA GLN A 56 -10.52 3.88 4.71
C GLN A 56 -10.64 4.99 3.66
N TYR A 57 -9.76 4.99 2.66
CA TYR A 57 -9.67 6.02 1.60
C TYR A 57 -10.57 5.73 0.38
N GLY A 58 -11.03 4.49 0.23
CA GLY A 58 -11.90 4.03 -0.87
C GLY A 58 -11.19 3.83 -2.23
N GLN A 59 -9.89 4.09 -2.29
CA GLN A 59 -9.07 4.04 -3.51
C GLN A 59 -8.67 2.59 -3.87
N ASN A 60 -8.60 2.29 -5.17
CA ASN A 60 -8.25 0.97 -5.72
C ASN A 60 -6.81 0.54 -5.35
N GLU A 61 -6.58 -0.76 -5.21
CA GLU A 61 -5.35 -1.38 -4.68
C GLU A 61 -4.04 -0.92 -5.37
N GLU A 62 -4.09 -0.64 -6.68
CA GLU A 62 -2.92 -0.18 -7.44
C GLU A 62 -2.35 1.16 -6.94
N GLY A 63 -3.19 2.04 -6.37
CA GLY A 63 -2.78 3.32 -5.76
C GLY A 63 -2.09 3.13 -4.40
N MET A 64 -2.24 1.95 -3.78
CA MET A 64 -1.50 1.55 -2.58
C MET A 64 -0.25 0.75 -2.97
N VAL A 65 -0.44 -0.32 -3.75
CA VAL A 65 0.62 -1.28 -4.09
C VAL A 65 1.70 -0.68 -4.98
N GLY A 66 1.32 0.10 -6.01
CA GLY A 66 2.26 0.63 -7.01
C GLY A 66 3.07 1.82 -6.49
N GLU A 67 2.43 2.73 -5.75
CA GLU A 67 3.08 3.91 -5.17
C GLU A 67 4.08 3.58 -4.06
N LEU A 68 3.96 2.40 -3.43
CA LEU A 68 4.89 1.92 -2.41
C LEU A 68 6.29 1.63 -2.95
N ILE A 69 6.40 1.22 -4.23
CA ILE A 69 7.71 0.97 -4.89
C ILE A 69 8.50 2.28 -5.01
N ALA A 70 7.84 3.39 -5.35
CA ALA A 70 8.46 4.71 -5.46
C ALA A 70 9.00 5.23 -4.11
N PHE A 71 8.40 4.81 -2.98
CA PHE A 71 8.95 5.06 -1.64
C PHE A 71 10.17 4.17 -1.36
N CYS A 72 10.10 2.87 -1.69
CA CYS A 72 11.19 1.91 -1.51
C CYS A 72 12.47 2.26 -2.32
N THR A 73 12.33 2.75 -3.56
CA THR A 73 13.48 3.16 -4.39
C THR A 73 14.15 4.41 -3.85
N SER A 74 13.37 5.45 -3.53
CA SER A 74 13.89 6.73 -3.03
C SER A 74 14.54 6.63 -1.63
N THR A 75 14.07 5.72 -0.77
CA THR A 75 14.71 5.41 0.53
C THR A 75 15.85 4.42 0.41
N HIS A 76 15.83 3.56 -0.61
CA HIS A 76 16.83 2.52 -0.93
C HIS A 76 16.81 1.32 0.06
N LYS A 77 15.78 1.21 0.91
CA LYS A 77 15.61 0.09 1.86
C LYS A 77 15.25 -1.23 1.15
N VAL A 78 15.73 -2.35 1.71
CA VAL A 78 15.42 -3.72 1.27
C VAL A 78 14.25 -4.30 2.07
N GLY A 79 13.37 -5.06 1.41
CA GLY A 79 12.18 -5.65 2.01
C GLY A 79 11.11 -4.63 2.43
N LEU A 80 10.11 -5.10 3.18
CA LEU A 80 9.03 -4.32 3.76
C LEU A 80 8.81 -4.73 5.23
N THR A 81 8.47 -3.75 6.08
CA THR A 81 8.20 -3.88 7.52
C THR A 81 7.01 -3.01 7.88
N SER A 82 6.38 -3.27 9.02
CA SER A 82 5.20 -2.52 9.49
C SER A 82 5.44 -1.01 9.63
N GLU A 83 6.67 -0.58 9.94
CA GLU A 83 7.07 0.83 10.00
C GLU A 83 7.21 1.50 8.62
N ILE A 84 7.57 0.74 7.57
CA ILE A 84 7.58 1.27 6.19
C ILE A 84 6.14 1.49 5.71
N LEU A 85 5.21 0.59 6.03
CA LEU A 85 3.78 0.79 5.74
C LEU A 85 3.13 1.88 6.61
N ASN A 86 3.59 2.08 7.85
CA ASN A 86 3.19 3.21 8.69
C ASN A 86 3.65 4.54 8.06
N SER A 87 4.90 4.61 7.59
CA SER A 87 5.41 5.79 6.87
C SER A 87 4.70 6.02 5.51
N PHE A 88 4.28 4.96 4.80
CA PHE A 88 3.61 5.08 3.49
C PHE A 88 2.31 5.88 3.54
N GLU A 89 1.53 5.78 4.64
CA GLU A 89 0.34 6.64 4.85
C GLU A 89 0.70 8.14 4.84
N HIS A 90 1.86 8.47 5.41
CA HIS A 90 2.36 9.85 5.51
C HIS A 90 3.13 10.29 4.25
N GLU A 91 3.53 9.34 3.40
CA GLU A 91 4.31 9.57 2.18
C GLU A 91 3.43 9.93 0.97
N PHE A 92 2.12 9.60 0.99
CA PHE A 92 1.20 9.85 -0.13
C PHE A 92 -0.25 10.07 0.30
N LEU A 93 -0.83 9.17 1.12
CA LEU A 93 -2.27 9.17 1.39
C LEU A 93 -2.74 10.42 2.16
N SER A 94 -1.97 10.91 3.12
CA SER A 94 -2.29 12.17 3.83
C SER A 94 -2.00 13.43 2.98
N LYS A 95 -1.10 13.35 1.99
CA LYS A 95 -0.71 14.50 1.14
C LYS A 95 -1.75 14.84 0.07
N ARG A 96 -2.24 13.84 -0.66
CA ARG A 96 -3.02 13.97 -1.90
C ARG A 96 -4.00 12.80 -2.03
N LEU A 97 -5.28 13.16 -2.13
CA LEU A 97 -6.44 12.27 -2.27
C LEU A 97 -7.64 13.03 -2.87
N SER A 98 -8.42 12.35 -3.71
CA SER A 98 -9.62 12.92 -4.35
C SER A 98 -10.84 13.00 -3.42
N LYS A 99 -10.80 12.27 -2.29
CA LYS A 99 -11.85 12.23 -1.26
C LYS A 99 -12.07 13.58 -0.55
N ALA A 100 -11.00 14.36 -0.39
CA ALA A 100 -10.97 15.64 0.33
C ALA A 100 -10.78 16.88 -0.56
N ARG A 101 -10.54 16.71 -1.87
CA ARG A 101 -10.25 17.78 -2.83
C ARG A 101 -11.47 18.67 -3.12
N MET A 24 -18.65 -3.50 1.41
CA MET A 24 -17.82 -4.69 1.13
C MET A 24 -16.36 -4.28 0.96
N SER A 25 -15.45 -4.93 1.67
CA SER A 25 -14.01 -4.58 1.69
C SER A 25 -13.28 -4.94 0.38
N ALA A 26 -12.10 -4.34 0.15
CA ALA A 26 -11.31 -4.53 -1.08
C ALA A 26 -10.70 -5.95 -1.23
N SER A 27 -10.45 -6.63 -0.09
CA SER A 27 -10.01 -8.03 0.06
C SER A 27 -8.48 -8.22 -0.11
N ALA A 28 -7.84 -8.83 0.89
CA ALA A 28 -6.41 -9.16 0.84
C ALA A 28 -6.10 -10.22 -0.24
N GLN A 29 -7.05 -11.12 -0.52
CA GLN A 29 -6.94 -12.14 -1.57
C GLN A 29 -6.97 -11.53 -2.98
N GLN A 30 -7.55 -10.33 -3.15
CA GLN A 30 -7.52 -9.58 -4.41
C GLN A 30 -6.30 -8.66 -4.48
N LEU A 31 -5.96 -7.96 -3.39
CA LEU A 31 -4.81 -7.05 -3.33
C LEU A 31 -3.47 -7.80 -3.56
N ALA A 32 -3.37 -9.04 -3.06
CA ALA A 32 -2.20 -9.91 -3.24
C ALA A 32 -1.90 -10.26 -4.72
N GLU A 33 -2.89 -10.17 -5.62
CA GLU A 33 -2.72 -10.49 -7.04
C GLU A 33 -1.86 -9.43 -7.77
N GLU A 34 -1.93 -8.17 -7.33
CA GLU A 34 -1.20 -7.06 -7.94
C GLU A 34 0.32 -7.13 -7.63
N LEU A 35 0.71 -7.65 -6.46
CA LEU A 35 2.10 -7.82 -6.03
C LEU A 35 2.93 -8.61 -7.04
N GLN A 36 2.31 -9.56 -7.74
CA GLN A 36 2.92 -10.40 -8.79
C GLN A 36 3.40 -9.57 -9.99
N ILE A 37 2.76 -8.43 -10.27
CA ILE A 37 3.04 -7.59 -11.45
C ILE A 37 4.22 -6.64 -11.17
N PHE A 38 4.28 -6.10 -9.94
CA PHE A 38 5.36 -5.22 -9.49
C PHE A 38 6.59 -5.96 -8.96
N GLY A 39 6.54 -7.30 -8.82
CA GLY A 39 7.63 -8.14 -8.32
C GLY A 39 7.77 -8.10 -6.79
N LEU A 40 6.70 -7.72 -6.08
CA LEU A 40 6.65 -7.61 -4.63
C LEU A 40 6.36 -8.95 -3.94
N ASP A 41 6.67 -9.02 -2.65
CA ASP A 41 6.41 -10.16 -1.76
C ASP A 41 6.27 -9.67 -0.30
N CYS A 42 5.20 -10.07 0.39
CA CYS A 42 4.83 -9.64 1.74
C CYS A 42 4.08 -10.75 2.49
N GLU A 43 4.10 -10.67 3.82
CA GLU A 43 3.23 -11.47 4.68
C GLU A 43 1.81 -10.90 4.70
N GLU A 44 0.82 -11.75 4.97
CA GLU A 44 -0.61 -11.39 5.00
C GLU A 44 -0.90 -10.19 5.94
N ALA A 45 -0.15 -10.07 7.05
CA ALA A 45 -0.29 -8.96 7.99
C ALA A 45 0.10 -7.60 7.38
N LEU A 46 1.04 -7.57 6.41
CA LEU A 46 1.36 -6.36 5.65
C LEU A 46 0.39 -6.15 4.48
N ILE A 47 -0.07 -7.22 3.80
CA ILE A 47 -1.08 -7.13 2.73
C ILE A 47 -2.39 -6.53 3.26
N GLU A 48 -2.86 -6.99 4.42
CA GLU A 48 -4.01 -6.43 5.12
C GLU A 48 -3.82 -4.96 5.51
N LYS A 49 -2.60 -4.48 5.76
CA LYS A 49 -2.36 -3.06 6.01
C LYS A 49 -2.64 -2.18 4.79
N LEU A 50 -2.40 -2.66 3.55
CA LEU A 50 -2.80 -1.93 2.34
C LEU A 50 -4.31 -1.99 2.12
N VAL A 51 -4.97 -3.10 2.45
CA VAL A 51 -6.45 -3.19 2.45
C VAL A 51 -7.06 -2.21 3.45
N GLU A 52 -6.45 -2.05 4.63
CA GLU A 52 -6.84 -1.06 5.64
C GLU A 52 -6.75 0.39 5.10
N LEU A 53 -5.82 0.68 4.18
CA LEU A 53 -5.79 1.96 3.47
C LEU A 53 -6.92 2.04 2.43
N CYS A 54 -7.11 1.01 1.60
CA CYS A 54 -8.18 0.98 0.57
C CYS A 54 -9.58 1.19 1.17
N VAL A 55 -9.83 0.63 2.36
CA VAL A 55 -11.11 0.72 3.08
C VAL A 55 -11.35 2.11 3.70
N GLN A 56 -10.30 2.81 4.14
CA GLN A 56 -10.42 4.14 4.79
C GLN A 56 -10.33 5.31 3.79
N TYR A 57 -9.36 5.29 2.87
CA TYR A 57 -9.10 6.37 1.91
C TYR A 57 -10.01 6.29 0.67
N GLY A 58 -10.59 5.12 0.39
CA GLY A 58 -11.53 4.86 -0.72
C GLY A 58 -10.84 4.65 -2.08
N GLN A 59 -9.51 4.67 -2.14
CA GLN A 59 -8.71 4.50 -3.36
C GLN A 59 -8.38 3.01 -3.57
N ASN A 60 -8.36 2.56 -4.84
CA ASN A 60 -8.18 1.15 -5.18
C ASN A 60 -6.75 0.61 -4.98
N GLU A 61 -6.67 -0.72 -4.91
CA GLU A 61 -5.49 -1.53 -4.65
C GLU A 61 -4.30 -1.17 -5.57
N GLU A 62 -4.56 -0.90 -6.84
CA GLU A 62 -3.53 -0.55 -7.84
C GLU A 62 -2.76 0.74 -7.50
N GLY A 63 -3.34 1.66 -6.72
CA GLY A 63 -2.68 2.86 -6.18
C GLY A 63 -1.88 2.52 -4.92
N MET A 64 -2.54 1.87 -3.95
CA MET A 64 -1.93 1.48 -2.67
C MET A 64 -0.74 0.53 -2.86
N VAL A 65 -0.82 -0.42 -3.80
CA VAL A 65 0.29 -1.32 -4.16
C VAL A 65 1.29 -0.63 -5.07
N GLY A 66 0.83 0.03 -6.15
CA GLY A 66 1.70 0.48 -7.25
C GLY A 66 2.52 1.74 -6.96
N GLU A 67 2.06 2.60 -6.06
CA GLU A 67 2.79 3.82 -5.66
C GLU A 67 3.83 3.57 -4.54
N LEU A 68 3.74 2.44 -3.83
CA LEU A 68 4.64 2.07 -2.74
C LEU A 68 6.08 1.81 -3.21
N ILE A 69 6.27 1.39 -4.47
CA ILE A 69 7.60 1.11 -5.05
C ILE A 69 8.47 2.39 -5.08
N ALA A 70 7.87 3.57 -5.22
CA ALA A 70 8.57 4.85 -5.20
C ALA A 70 9.22 5.15 -3.84
N PHE A 71 8.61 4.74 -2.73
CA PHE A 71 9.16 4.87 -1.38
C PHE A 71 10.39 3.96 -1.22
N CYS A 72 10.29 2.69 -1.64
CA CYS A 72 11.41 1.73 -1.66
C CYS A 72 12.56 2.20 -2.57
N THR A 73 12.23 2.80 -3.73
CA THR A 73 13.21 3.37 -4.68
C THR A 73 13.94 4.56 -4.06
N SER A 74 13.20 5.50 -3.47
CA SER A 74 13.77 6.73 -2.90
C SER A 74 14.69 6.49 -1.68
N THR A 75 14.38 5.47 -0.85
CA THR A 75 15.19 5.05 0.30
C THR A 75 16.29 4.04 -0.05
N HIS A 76 16.09 3.30 -1.14
CA HIS A 76 16.92 2.20 -1.66
C HIS A 76 16.71 0.88 -0.88
N LYS A 77 15.77 0.83 0.07
CA LYS A 77 15.49 -0.35 0.92
C LYS A 77 14.86 -1.51 0.12
N VAL A 78 15.36 -2.73 0.34
CA VAL A 78 14.89 -3.98 -0.34
C VAL A 78 13.80 -4.74 0.44
N GLY A 79 13.47 -4.29 1.66
CA GLY A 79 12.48 -4.90 2.56
C GLY A 79 11.53 -3.88 3.19
N LEU A 80 10.39 -4.37 3.69
CA LEU A 80 9.33 -3.57 4.34
C LEU A 80 8.95 -4.14 5.72
N THR A 81 8.29 -3.31 6.53
CA THR A 81 7.82 -3.60 7.90
C THR A 81 6.46 -2.95 8.12
N SER A 82 5.79 -3.30 9.21
CA SER A 82 4.54 -2.64 9.64
C SER A 82 4.73 -1.14 9.94
N GLU A 83 5.94 -0.72 10.35
CA GLU A 83 6.29 0.68 10.55
C GLU A 83 6.50 1.42 9.22
N ILE A 84 7.03 0.75 8.19
CA ILE A 84 7.16 1.33 6.84
C ILE A 84 5.78 1.51 6.18
N LEU A 85 4.87 0.55 6.31
CA LEU A 85 3.50 0.70 5.82
C LEU A 85 2.66 1.69 6.64
N ASN A 86 2.95 1.88 7.93
CA ASN A 86 2.41 2.99 8.73
C ASN A 86 2.97 4.35 8.24
N SER A 87 4.25 4.40 7.89
CA SER A 87 4.89 5.62 7.35
C SER A 87 4.34 6.01 5.97
N PHE A 88 4.04 5.04 5.09
CA PHE A 88 3.56 5.25 3.72
C PHE A 88 2.33 6.19 3.63
N GLU A 89 1.44 6.13 4.63
CA GLU A 89 0.29 7.03 4.77
C GLU A 89 0.69 8.51 4.79
N HIS A 90 1.75 8.83 5.52
CA HIS A 90 2.24 10.19 5.75
C HIS A 90 3.37 10.59 4.76
N GLU A 91 4.10 9.59 4.27
CA GLU A 91 5.19 9.74 3.30
C GLU A 91 4.69 10.13 1.92
N PHE A 92 3.53 9.61 1.49
CA PHE A 92 3.04 9.83 0.13
C PHE A 92 1.51 9.95 0.03
N LEU A 93 0.74 9.14 0.76
CA LEU A 93 -0.71 9.05 0.55
C LEU A 93 -1.47 10.35 0.91
N SER A 94 -1.30 10.87 2.13
CA SER A 94 -1.92 12.13 2.56
C SER A 94 -1.40 13.34 1.76
N LYS A 95 -0.10 13.39 1.47
CA LYS A 95 0.53 14.48 0.70
C LYS A 95 0.12 14.51 -0.79
N ARG A 96 -0.38 13.39 -1.33
CA ARG A 96 -0.97 13.28 -2.67
C ARG A 96 -2.48 13.57 -2.68
N LEU A 97 -3.23 13.09 -1.68
CA LEU A 97 -4.67 13.28 -1.58
C LEU A 97 -5.05 14.72 -1.18
N SER A 98 -4.38 15.29 -0.17
CA SER A 98 -4.53 16.69 0.29
C SER A 98 -5.93 17.03 0.84
N LYS A 99 -6.75 16.02 1.17
CA LYS A 99 -8.17 16.15 1.52
C LYS A 99 -8.59 15.07 2.54
N ALA A 100 -9.22 15.49 3.66
CA ALA A 100 -9.86 14.68 4.70
C ALA A 100 -8.94 13.81 5.59
N ARG A 101 -7.70 13.54 5.13
CA ARG A 101 -6.70 12.66 5.77
C ARG A 101 -5.28 13.04 5.32
#